data_5U29
#
_entry.id   5U29
#
_cell.length_a   71.280
_cell.length_b   83.780
_cell.length_c   101.600
_cell.angle_alpha   110.33
_cell.angle_beta   105.81
_cell.angle_gamma   87.75
#
_symmetry.space_group_name_H-M   'P 1'
#
loop_
_entity.id
_entity.type
_entity.pdbx_description
1 polymer 'Acetyl-coenzyme A synthetase'
2 non-polymer "5'-O-(acetylsulfamoyl)adenosine"
3 non-polymer 'PHOSPHATE ION'
4 non-polymer 1,2-ETHANEDIOL
5 water water
#
_entity_poly.entity_id   1
_entity_poly.type   'polypeptide(L)'
_entity_poly.pdbx_seq_one_letter_code
;MHHHHHHHHENLYFQGKTEVAPGVHHVHPLPDSVPESEDLFAPPPRMQGKEGRPKPHIGPNYESYVKEWAKTVGPNSDEW
WAAKARETLDWYDDFKTVRAGGFEHGDVQWFPEGTLNAAYNCLDRHYYKNPKKTAIIYEADEPSESREVSYEELMQETCR
VANVLKSYGVKKGDAVSIYLPMTWQAAAAFLACARIGAIHSAVFAGFSAESLRDRVNDCECKVLITTDEGRRGGKTIATK
QIVDAALQQCPLVENVLVLRRTGNKVPMTEGRDKWWDEECAKMPAYCPCERMASEDPLFILYTSGSTGKPKGVVHSTAGY
LLGTALTLKYVFDAHPDDRFACMADIGWITGHSYIIYGPLANGITTAVFESTPVYPTPSRYWDFVDKWKATQLYTAPTAI
RLLRRMGEDHVKNHDLSSLRVLGSVGEPINPEAWHWYNDFAGKNQCAIVDTYWMTETGSISIAPLPGAISTKPGSATFPF
FGMDVDIIDPQTGQVLEGNDVEGVLVARRPWPSIARTVYRDHKRYLETYMKPYPGYFFFGDGAARDYDGYMWIKGRVDDV
INVSGHRLSTAEVESALILHKGVAETAVVGCADDLTGQAVYAFVTMKPEFDLKATKEADLSKELAIQVRKVIGPFAAPKK
IYLVSDLPKTRSGKIMRRVLRKIVAGEGDQLGDLSSIADPQIVEEVKQKVTGSA
;
_entity_poly.pdbx_strand_id   A,B,C
#
loop_
_chem_comp.id
_chem_comp.type
_chem_comp.name
_chem_comp.formula
7RM non-polymer 5'-O-(acetylsulfamoyl)adenosine 'C12 H16 N6 O7 S'
EDO non-polymer 1,2-ETHANEDIOL 'C2 H6 O2'
PO4 non-polymer 'PHOSPHATE ION' 'O4 P -3'
#
# COMPACT_ATOMS: atom_id res chain seq x y z
N VAL A 24 -59.75 0.94 22.00
CA VAL A 24 -60.01 1.34 20.62
C VAL A 24 -58.69 1.50 19.87
N HIS A 25 -57.66 0.80 20.34
CA HIS A 25 -56.34 0.78 19.70
C HIS A 25 -56.16 -0.52 18.95
N HIS A 26 -55.84 -0.40 17.65
CA HIS A 26 -55.63 -1.59 16.83
C HIS A 26 -54.43 -2.40 17.31
N VAL A 27 -53.31 -1.75 17.65
CA VAL A 27 -52.12 -2.46 18.13
C VAL A 27 -52.04 -2.41 19.64
N HIS A 28 -51.81 -3.56 20.26
CA HIS A 28 -51.74 -3.66 21.71
C HIS A 28 -50.32 -3.87 22.16
N PRO A 29 -49.95 -3.40 23.34
CA PRO A 29 -48.62 -3.73 23.86
C PRO A 29 -48.52 -5.24 24.09
N LEU A 30 -47.29 -5.70 24.17
CA LEU A 30 -47.06 -7.06 24.61
C LEU A 30 -47.75 -7.28 25.96
N PRO A 31 -48.38 -8.43 26.18
CA PRO A 31 -49.11 -8.64 27.43
C PRO A 31 -48.25 -8.42 28.66
N ASP A 32 -48.82 -7.71 29.65
CA ASP A 32 -48.16 -7.45 30.91
C ASP A 32 -49.17 -7.54 32.04
N SER A 33 -48.68 -7.82 33.26
CA SER A 33 -49.53 -7.76 34.44
C SER A 33 -49.88 -6.31 34.80
N VAL A 34 -48.92 -5.42 34.67
CA VAL A 34 -49.18 -4.02 35.02
C VAL A 34 -50.13 -3.42 34.00
N PRO A 35 -51.21 -2.77 34.42
CA PRO A 35 -52.06 -2.05 33.46
C PRO A 35 -51.25 -1.00 32.73
N GLU A 36 -51.72 -0.67 31.52
CA GLU A 36 -51.00 0.27 30.67
C GLU A 36 -50.85 1.64 31.34
N SER A 37 -51.87 2.06 32.08
CA SER A 37 -51.85 3.35 32.76
C SER A 37 -50.66 3.48 33.70
N GLU A 38 -50.16 2.36 34.22
CA GLU A 38 -49.09 2.35 35.22
C GLU A 38 -47.80 1.73 34.67
N ASP A 39 -47.64 1.65 33.35
CA ASP A 39 -46.58 0.86 32.71
C ASP A 39 -45.65 1.71 31.83
N LEU A 40 -45.50 2.99 32.13
CA LEU A 40 -44.64 3.89 31.36
C LEU A 40 -43.57 4.46 32.29
N PHE A 41 -42.31 4.19 31.99
CA PHE A 41 -41.22 4.48 32.93
C PHE A 41 -40.31 5.56 32.37
N ALA A 42 -40.42 6.76 32.97
CA ALA A 42 -39.60 7.91 32.64
C ALA A 42 -38.18 7.71 33.18
N PRO A 43 -37.18 8.36 32.57
CA PRO A 43 -35.77 8.18 33.01
C PRO A 43 -35.64 8.39 34.50
N PRO A 44 -35.11 7.40 35.21
CA PRO A 44 -35.06 7.47 36.67
C PRO A 44 -33.96 8.41 37.10
N PRO A 45 -33.87 8.74 38.40
CA PRO A 45 -32.92 9.77 38.83
C PRO A 45 -31.47 9.54 38.40
N ARG A 46 -30.98 8.29 38.41
CA ARG A 46 -29.59 8.06 37.98
C ARG A 46 -29.35 8.46 36.53
N MET A 47 -30.40 8.49 35.71
CA MET A 47 -30.34 8.95 34.32
C MET A 47 -30.84 10.39 34.16
N GLN A 48 -30.83 11.16 35.24
CA GLN A 48 -31.17 12.57 35.21
C GLN A 48 -29.99 13.46 35.59
N GLY A 49 -28.79 12.91 35.68
CA GLY A 49 -27.69 13.71 36.16
C GLY A 49 -27.76 14.02 37.63
N LYS A 50 -28.53 13.26 38.40
CA LYS A 50 -28.64 13.45 39.84
C LYS A 50 -27.64 12.56 40.60
N GLU A 51 -27.53 12.81 41.90
CA GLU A 51 -26.69 12.01 42.80
C GLU A 51 -25.27 11.91 42.29
N GLY A 52 -24.79 12.99 41.66
CA GLY A 52 -23.47 13.04 41.11
C GLY A 52 -23.24 12.23 39.86
N ARG A 53 -24.26 11.54 39.33
CA ARG A 53 -24.07 10.77 38.10
C ARG A 53 -23.94 11.68 36.88
N PRO A 54 -23.27 11.20 35.83
CA PRO A 54 -23.05 12.04 34.64
C PRO A 54 -24.35 12.53 34.00
N LYS A 55 -24.26 13.68 33.33
CA LYS A 55 -25.44 14.18 32.64
C LYS A 55 -25.65 13.39 31.35
N PRO A 56 -26.88 13.02 31.04
CA PRO A 56 -27.11 12.27 29.80
C PRO A 56 -26.77 13.12 28.59
N HIS A 57 -26.29 12.46 27.53
CA HIS A 57 -25.92 13.19 26.31
C HIS A 57 -27.15 13.72 25.58
N ILE A 58 -28.28 13.03 25.69
CA ILE A 58 -29.54 13.48 25.10
C ILE A 58 -30.60 13.47 26.19
N GLY A 59 -31.33 14.57 26.31
CA GLY A 59 -32.38 14.66 27.29
C GLY A 59 -33.06 16.01 27.34
N PRO A 60 -34.09 16.13 28.18
CA PRO A 60 -34.52 15.09 29.13
C PRO A 60 -35.78 14.33 28.74
N ASN A 61 -36.29 14.50 27.51
CA ASN A 61 -37.60 13.95 27.14
C ASN A 61 -37.59 13.47 25.69
N TYR A 62 -38.76 13.06 25.23
CA TYR A 62 -38.87 12.49 23.88
C TYR A 62 -38.54 13.52 22.81
N GLU A 63 -38.93 14.79 23.02
CA GLU A 63 -38.69 15.83 22.03
C GLU A 63 -37.19 16.15 21.89
N SER A 64 -36.43 16.05 22.97
CA SER A 64 -34.99 16.28 22.84
C SER A 64 -34.37 15.24 21.93
N TYR A 65 -34.89 14.01 21.96
CA TYR A 65 -34.41 12.97 21.06
C TYR A 65 -34.77 13.28 19.61
N VAL A 66 -36.01 13.68 19.35
CA VAL A 66 -36.43 13.96 17.98
C VAL A 66 -35.64 15.13 17.41
N LYS A 67 -35.41 16.16 18.22
CA LYS A 67 -34.70 17.34 17.74
C LYS A 67 -33.32 16.96 17.20
N GLU A 68 -32.62 16.03 17.88
CA GLU A 68 -31.32 15.61 17.38
C GLU A 68 -31.44 14.65 16.21
N TRP A 69 -32.35 13.67 16.32
CA TRP A 69 -32.49 12.64 15.29
C TRP A 69 -32.87 13.25 13.95
N ALA A 70 -33.73 14.27 13.96
CA ALA A 70 -34.14 14.93 12.74
C ALA A 70 -32.94 15.49 11.97
N LYS A 71 -31.81 15.73 12.66
CA LYS A 71 -30.59 16.15 11.98
C LYS A 71 -29.90 15.01 11.26
N THR A 72 -30.26 13.77 11.55
CA THR A 72 -29.51 12.61 11.08
C THR A 72 -30.23 11.84 9.99
N VAL A 73 -31.43 12.27 9.59
CA VAL A 73 -32.17 11.64 8.49
C VAL A 73 -32.67 12.73 7.56
N GLY A 74 -32.88 12.36 6.30
CA GLY A 74 -33.40 13.28 5.31
C GLY A 74 -32.36 14.01 4.48
N PRO A 75 -32.81 14.97 3.66
CA PRO A 75 -31.94 15.55 2.63
C PRO A 75 -30.88 16.50 3.16
N ASN A 76 -30.92 16.89 4.44
CA ASN A 76 -29.92 17.78 5.00
C ASN A 76 -29.09 17.14 6.09
N SER A 77 -29.03 15.82 6.14
CA SER A 77 -28.31 15.19 7.23
C SER A 77 -26.82 15.01 6.96
N ASP A 78 -26.36 15.29 5.74
CA ASP A 78 -24.93 15.14 5.46
C ASP A 78 -24.11 15.89 6.49
N GLU A 79 -24.55 17.11 6.83
CA GLU A 79 -23.81 18.00 7.70
C GLU A 79 -23.52 17.38 9.06
N TRP A 80 -24.57 16.86 9.70
CA TRP A 80 -24.41 16.19 10.97
C TRP A 80 -23.49 14.99 10.84
N TRP A 81 -23.69 14.17 9.80
CA TRP A 81 -22.89 12.96 9.67
C TRP A 81 -21.43 13.30 9.39
N ALA A 82 -21.18 14.29 8.55
CA ALA A 82 -19.79 14.71 8.31
C ALA A 82 -19.13 15.16 9.60
N ALA A 83 -19.86 15.93 10.41
CA ALA A 83 -19.28 16.45 11.65
C ALA A 83 -19.04 15.33 12.66
N LYS A 84 -20.01 14.42 12.81
CA LYS A 84 -19.84 13.29 13.73
C LYS A 84 -18.66 12.42 13.34
N ALA A 85 -18.48 12.14 12.04
CA ALA A 85 -17.38 11.30 11.62
C ALA A 85 -16.03 11.95 11.91
N ARG A 86 -15.92 13.26 11.70
CA ARG A 86 -14.65 13.92 11.96
C ARG A 86 -14.38 14.06 13.46
N GLU A 87 -15.44 14.13 14.25
CA GLU A 87 -15.28 14.27 15.70
C GLU A 87 -15.01 12.93 16.37
N THR A 88 -15.57 11.86 15.84
CA THR A 88 -15.55 10.60 16.57
C THR A 88 -14.32 9.76 16.29
N LEU A 89 -13.82 9.78 15.05
CA LEU A 89 -12.71 8.92 14.63
C LEU A 89 -11.51 9.78 14.28
N ASP A 90 -10.33 9.21 14.45
CA ASP A 90 -9.09 9.81 13.96
C ASP A 90 -8.83 9.29 12.57
N TRP A 91 -8.62 10.20 11.63
CA TRP A 91 -8.44 9.87 10.23
C TRP A 91 -7.01 10.13 9.81
N TYR A 92 -6.50 9.28 8.92
CA TYR A 92 -5.25 9.62 8.26
C TYR A 92 -5.49 10.59 7.11
N ASP A 93 -6.53 10.37 6.33
CA ASP A 93 -6.91 11.27 5.25
C ASP A 93 -8.39 11.58 5.41
N ASP A 94 -8.70 12.87 5.29
CA ASP A 94 -10.08 13.31 5.34
C ASP A 94 -10.84 12.76 4.16
N PHE A 95 -12.16 12.62 4.33
CA PHE A 95 -13.08 12.30 3.24
C PHE A 95 -13.59 13.60 2.62
N LYS A 96 -14.12 13.48 1.40
CA LYS A 96 -14.76 14.58 0.69
C LYS A 96 -16.26 14.37 0.54
N THR A 97 -16.65 13.19 0.10
CA THR A 97 -18.04 12.83 -0.10
C THR A 97 -18.57 12.15 1.16
N VAL A 98 -19.77 12.54 1.59
CA VAL A 98 -20.32 11.92 2.79
C VAL A 98 -20.90 10.54 2.47
N ARG A 99 -21.79 10.46 1.47
CA ARG A 99 -22.48 9.22 1.16
C ARG A 99 -22.81 9.12 -0.34
N ALA A 100 -22.98 7.87 -0.79
CA ALA A 100 -23.40 7.61 -2.15
C ALA A 100 -23.87 6.17 -2.21
N GLY A 101 -24.56 5.83 -3.32
CA GLY A 101 -25.01 4.46 -3.51
C GLY A 101 -26.33 4.17 -2.82
N GLY A 102 -26.73 2.90 -2.88
CA GLY A 102 -28.05 2.55 -2.41
C GLY A 102 -28.28 1.06 -2.34
N PHE A 103 -29.53 0.71 -2.05
CA PHE A 103 -29.95 -0.68 -1.88
C PHE A 103 -30.02 -1.42 -3.22
N GLU A 104 -30.45 -0.72 -4.28
CA GLU A 104 -30.85 -1.44 -5.50
C GLU A 104 -29.73 -2.33 -6.03
N HIS A 105 -28.50 -1.84 -6.04
CA HIS A 105 -27.38 -2.64 -6.51
C HIS A 105 -26.43 -2.97 -5.38
N GLY A 106 -26.68 -2.44 -4.18
CA GLY A 106 -25.75 -2.70 -3.12
C GLY A 106 -24.41 -2.07 -3.39
N ASP A 107 -24.39 -0.75 -3.62
CA ASP A 107 -23.14 0.00 -3.78
C ASP A 107 -23.03 1.09 -2.71
N VAL A 108 -23.52 0.80 -1.50
CA VAL A 108 -23.56 1.80 -0.44
C VAL A 108 -22.15 2.27 -0.13
N GLN A 109 -21.95 3.59 -0.06
CA GLN A 109 -20.66 4.20 0.25
C GLN A 109 -20.86 5.27 1.29
N TRP A 110 -19.98 5.29 2.29
CA TRP A 110 -19.91 6.37 3.26
C TRP A 110 -18.45 6.80 3.39
N PHE A 111 -18.22 8.12 3.32
CA PHE A 111 -16.89 8.72 3.48
C PHE A 111 -15.85 8.10 2.56
N PRO A 112 -16.16 7.87 1.27
CA PRO A 112 -15.31 6.97 0.47
C PRO A 112 -13.85 7.37 0.37
N GLU A 113 -13.53 8.66 0.27
CA GLU A 113 -12.15 9.07 0.10
C GLU A 113 -11.34 9.03 1.40
N GLY A 114 -11.96 8.80 2.54
CA GLY A 114 -11.22 8.81 3.80
C GLY A 114 -10.39 7.56 4.01
N THR A 115 -9.32 7.71 4.79
CA THR A 115 -8.53 6.58 5.23
C THR A 115 -8.38 6.63 6.75
N LEU A 116 -8.37 5.46 7.37
CA LEU A 116 -8.26 5.34 8.82
C LEU A 116 -7.81 3.92 9.12
N ASN A 117 -7.65 3.62 10.41
CA ASN A 117 -7.42 2.26 10.82
C ASN A 117 -8.20 2.01 12.10
N ALA A 118 -8.95 0.89 12.15
CA ALA A 118 -9.79 0.62 13.32
C ALA A 118 -8.95 0.37 14.56
N ALA A 119 -7.82 -0.34 14.43
CA ALA A 119 -6.97 -0.57 15.59
C ALA A 119 -6.42 0.73 16.13
N TYR A 120 -6.05 1.67 15.25
CA TYR A 120 -5.57 2.95 15.73
C TYR A 120 -6.64 3.67 16.56
N ASN A 121 -7.91 3.53 16.17
CA ASN A 121 -8.97 4.23 16.86
C ASN A 121 -9.43 3.53 18.13
N CYS A 122 -9.23 2.20 18.22
CA CYS A 122 -9.62 1.46 19.40
C CYS A 122 -8.47 1.28 20.40
N LEU A 123 -7.23 1.50 19.97
CA LEU A 123 -6.07 1.29 20.82
C LEU A 123 -5.10 2.47 20.86
N ASP A 124 -4.33 2.65 19.78
CA ASP A 124 -3.17 3.54 19.83
C ASP A 124 -3.54 4.91 20.41
N ARG A 125 -4.59 5.54 19.86
CA ARG A 125 -4.91 6.90 20.28
C ARG A 125 -5.30 6.95 21.75
N HIS A 126 -5.86 5.87 22.28
CA HIS A 126 -6.17 5.84 23.70
C HIS A 126 -4.92 5.50 24.52
N TYR A 127 -4.06 4.64 23.98
CA TYR A 127 -2.80 4.35 24.65
C TYR A 127 -1.95 5.61 24.79
N TYR A 128 -2.00 6.48 23.79
CA TYR A 128 -1.18 7.70 23.83
C TYR A 128 -1.64 8.66 24.93
N LYS A 129 -2.92 8.66 25.27
CA LYS A 129 -3.44 9.61 26.26
C LYS A 129 -3.39 9.07 27.68
N ASN A 130 -3.76 7.81 27.88
CA ASN A 130 -3.80 7.21 29.21
C ASN A 130 -3.46 5.74 29.06
N PRO A 131 -2.17 5.42 28.98
CA PRO A 131 -1.79 4.02 28.73
C PRO A 131 -2.20 3.08 29.84
N LYS A 132 -2.22 3.53 31.09
CA LYS A 132 -2.49 2.60 32.17
C LYS A 132 -3.97 2.40 32.45
N LYS A 133 -4.85 3.11 31.73
CA LYS A 133 -6.28 2.95 31.89
C LYS A 133 -6.73 1.55 31.47
N THR A 134 -7.68 1.01 32.21
CA THR A 134 -8.12 -0.35 31.92
C THR A 134 -8.95 -0.39 30.64
N ALA A 135 -8.46 -1.13 29.66
CA ALA A 135 -9.22 -1.34 28.43
C ALA A 135 -10.23 -2.47 28.58
N ILE A 136 -9.84 -3.57 29.22
CA ILE A 136 -10.68 -4.75 29.33
C ILE A 136 -10.67 -5.23 30.77
N ILE A 137 -11.86 -5.46 31.32
CA ILE A 137 -12.02 -6.23 32.54
C ILE A 137 -12.19 -7.68 32.10
N TYR A 138 -11.17 -8.50 32.32
CA TYR A 138 -11.22 -9.91 31.91
C TYR A 138 -11.81 -10.66 33.09
N GLU A 139 -13.07 -11.05 32.95
CA GLU A 139 -13.75 -11.87 33.95
C GLU A 139 -13.60 -13.32 33.55
N ALA A 140 -12.63 -14.00 34.16
CA ALA A 140 -12.33 -15.38 33.80
C ALA A 140 -13.45 -16.33 34.23
N ASP A 141 -13.41 -17.53 33.67
CA ASP A 141 -14.40 -18.54 34.05
C ASP A 141 -14.35 -18.81 35.54
N GLU A 142 -13.14 -18.90 36.13
CA GLU A 142 -12.98 -18.93 37.58
C GLU A 142 -12.82 -17.51 38.10
N PRO A 143 -13.71 -17.03 38.98
CA PRO A 143 -13.69 -15.61 39.36
C PRO A 143 -12.35 -15.11 39.87
N SER A 144 -11.59 -15.94 40.61
CA SER A 144 -10.32 -15.51 41.18
C SER A 144 -9.25 -15.19 40.14
N GLU A 145 -9.33 -15.77 38.93
CA GLU A 145 -8.35 -15.53 37.88
C GLU A 145 -8.63 -14.27 37.09
N SER A 146 -9.62 -13.48 37.50
CA SER A 146 -9.96 -12.27 36.76
C SER A 146 -8.91 -11.20 37.00
N ARG A 147 -8.78 -10.29 36.02
CA ARG A 147 -7.85 -9.18 36.13
C ARG A 147 -8.21 -8.10 35.12
N GLU A 148 -7.63 -6.94 35.31
CA GLU A 148 -7.75 -5.82 34.40
C GLU A 148 -6.60 -5.84 33.41
N VAL A 149 -6.91 -5.56 32.15
CA VAL A 149 -5.93 -5.46 31.07
C VAL A 149 -5.92 -4.01 30.63
N SER A 150 -4.78 -3.34 30.79
CA SER A 150 -4.66 -1.94 30.42
C SER A 150 -4.60 -1.77 28.89
N TYR A 151 -4.79 -0.53 28.44
CA TYR A 151 -4.63 -0.24 27.01
C TYR A 151 -3.20 -0.56 26.56
N GLU A 152 -2.20 -0.25 27.39
CA GLU A 152 -0.82 -0.60 27.07
C GLU A 152 -0.66 -2.10 26.80
N GLU A 153 -1.09 -2.94 27.73
CA GLU A 153 -0.91 -4.38 27.52
C GLU A 153 -1.69 -4.86 26.30
N LEU A 154 -2.93 -4.38 26.13
CA LEU A 154 -3.75 -4.84 25.02
C LEU A 154 -3.15 -4.42 23.69
N MET A 155 -2.59 -3.21 23.65
CA MET A 155 -1.97 -2.76 22.41
C MET A 155 -0.74 -3.57 22.08
N GLN A 156 0.07 -3.86 23.08
CA GLN A 156 1.29 -4.62 22.85
C GLN A 156 0.96 -6.02 22.33
N GLU A 157 -0.01 -6.69 22.96
CA GLU A 157 -0.36 -8.04 22.50
C GLU A 157 -0.93 -7.99 21.08
N THR A 158 -1.74 -6.97 20.78
CA THR A 158 -2.28 -6.81 19.44
C THR A 158 -1.14 -6.60 18.43
N CYS A 159 -0.20 -5.73 18.76
CA CYS A 159 0.93 -5.51 17.87
C CYS A 159 1.78 -6.79 17.70
N ARG A 160 2.01 -7.53 18.78
CA ARG A 160 2.81 -8.76 18.62
C ARG A 160 2.14 -9.72 17.65
N VAL A 161 0.84 -9.95 17.84
CA VAL A 161 0.09 -10.85 16.98
C VAL A 161 0.07 -10.34 15.54
N ALA A 162 -0.11 -9.03 15.39
CA ALA A 162 -0.08 -8.44 14.05
C ALA A 162 1.26 -8.73 13.37
N ASN A 163 2.36 -8.57 14.11
CA ASN A 163 3.67 -8.93 13.57
C ASN A 163 3.74 -10.41 13.22
N VAL A 164 3.13 -11.26 14.04
CA VAL A 164 3.15 -12.68 13.73
C VAL A 164 2.44 -12.93 12.41
N LEU A 165 1.25 -12.34 12.25
CA LEU A 165 0.47 -12.53 11.04
C LEU A 165 1.23 -12.03 9.81
N LYS A 166 1.91 -10.88 9.90
CA LYS A 166 2.67 -10.41 8.74
C LYS A 166 3.77 -11.39 8.35
N SER A 167 4.42 -12.03 9.33
CA SER A 167 5.45 -13.02 9.00
C SER A 167 4.86 -14.25 8.33
N TYR A 168 3.58 -14.55 8.55
CA TYR A 168 2.94 -15.62 7.81
C TYR A 168 2.55 -15.20 6.41
N GLY A 169 2.80 -13.94 6.05
CA GLY A 169 2.45 -13.47 4.72
C GLY A 169 1.05 -12.92 4.57
N VAL A 170 0.34 -12.69 5.68
CA VAL A 170 -0.99 -12.11 5.56
C VAL A 170 -0.88 -10.70 5.00
N LYS A 171 -1.58 -10.45 3.89
CA LYS A 171 -1.61 -9.13 3.29
C LYS A 171 -2.94 -8.46 3.57
N LYS A 172 -2.94 -7.14 3.35
CA LYS A 172 -4.18 -6.39 3.30
C LYS A 172 -5.21 -7.09 2.41
N GLY A 173 -6.42 -7.26 2.93
CA GLY A 173 -7.51 -7.90 2.22
C GLY A 173 -7.61 -9.41 2.35
N ASP A 174 -6.65 -10.08 3.00
CA ASP A 174 -6.73 -11.53 3.24
C ASP A 174 -7.67 -11.84 4.41
N ALA A 175 -8.44 -12.91 4.28
CA ALA A 175 -9.28 -13.35 5.39
C ALA A 175 -8.44 -14.17 6.37
N VAL A 176 -8.77 -14.03 7.65
CA VAL A 176 -8.15 -14.78 8.74
C VAL A 176 -9.29 -15.30 9.61
N SER A 177 -9.34 -16.62 9.78
CA SER A 177 -10.38 -17.18 10.62
C SER A 177 -9.94 -17.15 12.08
N ILE A 178 -10.89 -16.87 12.96
CA ILE A 178 -10.65 -16.79 14.39
C ILE A 178 -11.64 -17.70 15.07
N TYR A 179 -11.14 -18.70 15.78
CA TYR A 179 -11.95 -19.67 16.53
C TYR A 179 -11.52 -19.60 17.98
N LEU A 180 -11.96 -18.56 18.68
CA LEU A 180 -11.48 -18.30 20.03
C LEU A 180 -12.63 -18.24 21.03
N PRO A 181 -12.42 -18.74 22.24
CA PRO A 181 -13.39 -18.59 23.34
C PRO A 181 -13.23 -17.22 23.99
N MET A 182 -14.06 -16.96 24.99
CA MET A 182 -14.15 -15.62 25.58
C MET A 182 -13.02 -15.36 26.59
N THR A 183 -11.79 -15.35 26.07
CA THR A 183 -10.65 -14.87 26.83
C THR A 183 -10.21 -13.54 26.22
N TRP A 184 -9.50 -12.73 27.00
CA TRP A 184 -9.30 -11.35 26.58
C TRP A 184 -8.48 -11.24 25.30
N GLN A 185 -7.63 -12.23 25.01
CA GLN A 185 -6.82 -12.17 23.79
C GLN A 185 -7.67 -12.21 22.54
N ALA A 186 -8.93 -12.64 22.63
CA ALA A 186 -9.79 -12.60 21.45
C ALA A 186 -9.83 -11.20 20.87
N ALA A 187 -9.91 -10.19 21.74
CA ALA A 187 -9.86 -8.81 21.28
C ALA A 187 -8.51 -8.51 20.60
N ALA A 188 -7.43 -9.03 21.15
CA ALA A 188 -6.13 -8.81 20.52
C ALA A 188 -6.12 -9.39 19.11
N ALA A 189 -6.82 -10.51 18.89
CA ALA A 189 -6.79 -11.12 17.56
C ALA A 189 -7.66 -10.37 16.56
N PHE A 190 -8.87 -9.93 16.95
CA PHE A 190 -9.66 -9.06 16.09
C PHE A 190 -8.84 -7.85 15.68
N LEU A 191 -8.30 -7.15 16.66
CA LEU A 191 -7.62 -5.89 16.37
C LEU A 191 -6.31 -6.12 15.61
N ALA A 192 -5.66 -7.28 15.76
CA ALA A 192 -4.45 -7.52 14.99
C ALA A 192 -4.76 -7.62 13.50
N CYS A 193 -5.85 -8.29 13.15
CA CYS A 193 -6.29 -8.35 11.77
C CYS A 193 -6.64 -6.96 11.26
N ALA A 194 -7.40 -6.20 12.04
CA ALA A 194 -7.75 -4.84 11.61
C ALA A 194 -6.52 -3.95 11.52
N ARG A 195 -5.53 -4.17 12.38
CA ARG A 195 -4.34 -3.33 12.35
C ARG A 195 -3.62 -3.41 11.00
N ILE A 196 -3.56 -4.61 10.42
CA ILE A 196 -2.82 -4.85 9.19
C ILE A 196 -3.72 -4.89 7.97
N GLY A 197 -5.03 -4.67 8.13
CA GLY A 197 -5.92 -4.69 7.00
C GLY A 197 -6.40 -6.05 6.61
N ALA A 198 -6.20 -7.06 7.45
CA ALA A 198 -6.77 -8.35 7.15
C ALA A 198 -8.24 -8.38 7.60
N ILE A 199 -8.99 -9.32 7.07
CA ILE A 199 -10.43 -9.44 7.31
C ILE A 199 -10.66 -10.59 8.28
N HIS A 200 -10.96 -10.29 9.54
CA HIS A 200 -11.18 -11.41 10.45
C HIS A 200 -12.59 -11.98 10.27
N SER A 201 -12.73 -13.26 10.58
CA SER A 201 -13.99 -13.99 10.50
C SER A 201 -14.11 -14.86 11.75
N ALA A 202 -14.85 -14.39 12.73
CA ALA A 202 -14.91 -15.08 14.02
C ALA A 202 -16.04 -16.09 14.02
N VAL A 203 -15.72 -17.28 14.53
CA VAL A 203 -16.65 -18.41 14.64
C VAL A 203 -16.78 -18.75 16.11
N PHE A 204 -18.03 -18.91 16.58
CA PHE A 204 -18.28 -19.26 17.98
C PHE A 204 -17.43 -20.45 18.40
N ALA A 205 -16.69 -20.29 19.48
CA ALA A 205 -16.02 -21.42 20.09
C ALA A 205 -17.06 -22.42 20.58
N GLY A 206 -16.90 -23.67 20.21
CA GLY A 206 -17.89 -24.69 20.49
C GLY A 206 -18.72 -25.07 19.30
N PHE A 207 -18.62 -24.35 18.19
CA PHE A 207 -19.21 -24.83 16.95
C PHE A 207 -18.51 -26.12 16.51
N SER A 208 -19.28 -27.00 15.88
CA SER A 208 -18.77 -28.29 15.46
C SER A 208 -17.72 -28.11 14.37
N ALA A 209 -16.94 -29.17 14.17
CA ALA A 209 -15.92 -29.18 13.13
C ALA A 209 -16.53 -28.91 11.76
N GLU A 210 -17.71 -29.47 11.51
CA GLU A 210 -18.39 -29.25 10.23
C GLU A 210 -18.74 -27.78 10.01
N SER A 211 -19.37 -27.16 11.02
CA SER A 211 -19.70 -25.74 10.93
C SER A 211 -18.46 -24.88 10.75
N LEU A 212 -17.40 -25.17 11.52
CA LEU A 212 -16.16 -24.40 11.37
C LEU A 212 -15.60 -24.58 9.97
N ARG A 213 -15.59 -25.82 9.48
CA ARG A 213 -15.07 -26.12 8.16
C ARG A 213 -15.77 -25.29 7.09
N ASP A 214 -17.12 -25.27 7.13
CA ASP A 214 -17.87 -24.54 6.12
C ASP A 214 -17.53 -23.06 6.13
N ARG A 215 -17.33 -22.48 7.31
CA ARG A 215 -16.98 -21.07 7.38
C ARG A 215 -15.53 -20.85 6.97
N VAL A 216 -14.62 -21.72 7.41
CA VAL A 216 -13.23 -21.57 7.01
C VAL A 216 -13.10 -21.71 5.50
N ASN A 217 -13.81 -22.65 4.91
CA ASN A 217 -13.67 -22.84 3.46
C ASN A 217 -14.31 -21.69 2.70
N ASP A 218 -15.45 -21.17 3.17
CA ASP A 218 -16.12 -20.11 2.44
C ASP A 218 -15.31 -18.82 2.43
N CYS A 219 -14.60 -18.51 3.52
CA CYS A 219 -13.85 -17.26 3.53
C CYS A 219 -12.46 -17.38 2.89
N GLU A 220 -12.03 -18.62 2.58
CA GLU A 220 -10.80 -18.88 1.81
C GLU A 220 -9.53 -18.42 2.55
N CYS A 221 -9.59 -18.34 3.87
CA CYS A 221 -8.44 -17.89 4.64
C CYS A 221 -7.29 -18.89 4.56
N LYS A 222 -6.08 -18.37 4.80
CA LYS A 222 -4.87 -19.16 4.87
C LYS A 222 -4.30 -19.25 6.28
N VAL A 223 -4.90 -18.54 7.24
CA VAL A 223 -4.43 -18.54 8.62
C VAL A 223 -5.65 -18.73 9.51
N LEU A 224 -5.44 -19.43 10.63
CA LEU A 224 -6.48 -19.65 11.62
C LEU A 224 -5.88 -19.42 13.00
N ILE A 225 -6.63 -18.72 13.85
CA ILE A 225 -6.23 -18.42 15.22
C ILE A 225 -7.20 -19.11 16.16
N THR A 226 -6.67 -19.85 17.12
CA THR A 226 -7.54 -20.57 18.06
C THR A 226 -6.79 -20.76 19.37
N THR A 227 -7.42 -21.47 20.30
CA THR A 227 -6.85 -21.84 21.59
C THR A 227 -6.62 -23.34 21.64
N ASP A 228 -5.80 -23.78 22.61
CA ASP A 228 -5.74 -25.21 22.85
C ASP A 228 -7.09 -25.73 23.34
N GLU A 229 -7.71 -25.01 24.27
CA GLU A 229 -9.01 -25.36 24.82
C GLU A 229 -9.67 -24.08 25.32
N GLY A 230 -10.99 -24.12 25.44
CA GLY A 230 -11.69 -23.05 26.15
C GLY A 230 -12.24 -23.58 27.45
N ARG A 231 -12.55 -22.68 28.40
CA ARG A 231 -13.23 -23.03 29.65
C ARG A 231 -14.44 -22.12 29.80
N ARG A 232 -15.62 -22.73 29.95
CA ARG A 232 -16.87 -22.02 30.15
C ARG A 232 -17.76 -22.84 31.06
N GLY A 233 -18.21 -22.22 32.15
CA GLY A 233 -19.06 -22.89 33.11
C GLY A 233 -18.41 -24.07 33.78
N GLY A 234 -17.08 -24.11 33.83
CA GLY A 234 -16.40 -25.26 34.37
C GLY A 234 -16.35 -26.47 33.45
N LYS A 235 -16.74 -26.32 32.20
CA LYS A 235 -16.68 -27.39 31.22
C LYS A 235 -15.66 -26.99 30.16
N THR A 236 -14.98 -27.98 29.58
CA THR A 236 -13.93 -27.72 28.60
C THR A 236 -14.50 -27.70 27.18
N ILE A 237 -14.11 -26.69 26.41
CA ILE A 237 -14.38 -26.64 24.97
C ILE A 237 -13.12 -27.09 24.25
N ALA A 238 -13.20 -28.24 23.56
CA ALA A 238 -12.02 -28.84 22.94
C ALA A 238 -11.74 -28.19 21.58
N THR A 239 -11.27 -26.94 21.65
CA THR A 239 -11.12 -26.16 20.42
C THR A 239 -10.07 -26.74 19.48
N LYS A 240 -8.87 -27.05 19.99
CA LYS A 240 -7.83 -27.54 19.08
C LYS A 240 -8.21 -28.89 18.45
N GLN A 241 -8.88 -29.76 19.22
CA GLN A 241 -9.33 -31.02 18.65
C GLN A 241 -10.36 -30.79 17.55
N ILE A 242 -11.31 -29.88 17.78
CA ILE A 242 -12.30 -29.56 16.77
C ILE A 242 -11.62 -28.98 15.53
N VAL A 243 -10.66 -28.07 15.74
CA VAL A 243 -9.93 -27.48 14.62
C VAL A 243 -9.23 -28.57 13.81
N ASP A 244 -8.64 -29.56 14.48
CA ASP A 244 -7.93 -30.60 13.73
C ASP A 244 -8.90 -31.37 12.85
N ALA A 245 -10.10 -31.64 13.36
CA ALA A 245 -11.07 -32.34 12.54
C ALA A 245 -11.51 -31.50 11.37
N ALA A 246 -11.71 -30.20 11.60
CA ALA A 246 -12.16 -29.33 10.51
C ALA A 246 -11.09 -29.20 9.42
N LEU A 247 -9.84 -28.97 9.82
CA LEU A 247 -8.79 -28.68 8.85
C LEU A 247 -8.51 -29.87 7.94
N GLN A 248 -8.90 -31.08 8.35
CA GLN A 248 -8.77 -32.21 7.44
C GLN A 248 -9.51 -31.97 6.14
N GLN A 249 -10.47 -31.04 6.12
CA GLN A 249 -11.21 -30.69 4.92
C GLN A 249 -11.06 -29.22 4.54
N CYS A 250 -9.99 -28.57 4.99
CA CYS A 250 -9.73 -27.15 4.67
C CYS A 250 -8.34 -27.04 4.06
N PRO A 251 -8.22 -27.27 2.75
CA PRO A 251 -6.89 -27.36 2.14
C PRO A 251 -6.15 -26.04 2.03
N LEU A 252 -6.81 -24.90 2.15
CA LEU A 252 -6.12 -23.63 2.00
C LEU A 252 -5.38 -23.20 3.26
N VAL A 253 -5.72 -23.76 4.42
CA VAL A 253 -5.15 -23.28 5.68
C VAL A 253 -3.75 -23.83 5.83
N GLU A 254 -2.78 -22.93 5.99
CA GLU A 254 -1.39 -23.31 6.11
C GLU A 254 -0.78 -23.01 7.46
N ASN A 255 -1.28 -22.00 8.17
CA ASN A 255 -0.76 -21.65 9.49
C ASN A 255 -1.90 -21.59 10.49
N VAL A 256 -1.65 -22.17 11.67
CA VAL A 256 -2.59 -22.13 12.78
C VAL A 256 -1.83 -21.58 13.99
N LEU A 257 -2.36 -20.52 14.59
CA LEU A 257 -1.79 -19.91 15.78
C LEU A 257 -2.62 -20.32 17.00
N VAL A 258 -1.99 -21.00 17.95
CA VAL A 258 -2.68 -21.66 19.06
C VAL A 258 -2.34 -20.97 20.36
N LEU A 259 -3.35 -20.36 20.99
CA LEU A 259 -3.17 -19.70 22.28
C LEU A 259 -3.24 -20.72 23.41
N ARG A 260 -2.27 -20.66 24.32
CA ARG A 260 -2.21 -21.65 25.40
C ARG A 260 -3.09 -21.16 26.54
N ARG A 261 -4.38 -21.50 26.46
CA ARG A 261 -5.36 -21.05 27.45
C ARG A 261 -5.40 -21.95 28.68
N THR A 262 -5.46 -23.25 28.48
CA THR A 262 -5.51 -24.18 29.61
C THR A 262 -4.21 -24.92 29.86
N GLY A 263 -3.44 -25.21 28.83
CA GLY A 263 -2.22 -25.96 29.05
C GLY A 263 -2.38 -27.47 29.03
N ASN A 264 -3.58 -27.98 28.75
CA ASN A 264 -3.72 -29.42 28.60
C ASN A 264 -3.12 -29.87 27.27
N LYS A 265 -2.64 -31.12 27.23
CA LYS A 265 -2.03 -31.64 26.02
C LYS A 265 -3.04 -31.69 24.88
N VAL A 266 -2.70 -31.05 23.77
CA VAL A 266 -3.48 -31.13 22.54
C VAL A 266 -2.51 -31.47 21.42
N PRO A 267 -3.00 -32.03 20.32
CA PRO A 267 -2.11 -32.30 19.20
C PRO A 267 -1.69 -31.01 18.49
N MET A 268 -0.43 -31.00 18.04
CA MET A 268 0.13 -29.89 17.27
C MET A 268 0.84 -30.47 16.06
N THR A 269 0.43 -30.04 14.88
CA THR A 269 1.04 -30.51 13.63
C THR A 269 2.32 -29.71 13.38
N GLU A 270 3.44 -30.42 13.20
CA GLU A 270 4.69 -29.73 12.98
C GLU A 270 4.62 -28.88 11.72
N GLY A 271 5.17 -27.67 11.81
CA GLY A 271 5.12 -26.75 10.71
C GLY A 271 3.86 -25.93 10.69
N ARG A 272 2.71 -26.60 10.61
CA ARG A 272 1.43 -25.88 10.47
C ARG A 272 1.03 -25.16 11.75
N ASP A 273 1.25 -25.79 12.91
CA ASP A 273 0.75 -25.28 14.19
C ASP A 273 1.89 -24.65 14.99
N LYS A 274 1.65 -23.45 15.52
CA LYS A 274 2.63 -22.77 16.36
C LYS A 274 1.94 -22.17 17.56
N TRP A 275 2.68 -22.09 18.68
CA TRP A 275 2.16 -21.51 19.92
C TRP A 275 2.19 -20.00 19.88
N TRP A 276 1.06 -19.40 20.26
CA TRP A 276 0.90 -17.95 20.34
C TRP A 276 2.03 -17.30 21.13
N ASP A 277 2.32 -17.85 22.32
CA ASP A 277 3.35 -17.23 23.16
C ASP A 277 4.74 -17.37 22.57
N GLU A 278 5.05 -18.51 21.93
CA GLU A 278 6.36 -18.67 21.30
C GLU A 278 6.52 -17.79 20.06
N GLU A 279 5.47 -17.67 19.23
CA GLU A 279 5.58 -16.81 18.06
C GLU A 279 5.66 -15.34 18.46
N CYS A 280 4.82 -14.91 19.39
CA CYS A 280 4.82 -13.51 19.78
C CYS A 280 6.09 -13.10 20.49
N ALA A 281 6.75 -14.04 21.20
CA ALA A 281 7.98 -13.67 21.90
C ALA A 281 9.08 -13.26 20.91
N LYS A 282 9.00 -13.75 19.66
CA LYS A 282 9.97 -13.37 18.64
C LYS A 282 9.70 -12.00 18.04
N MET A 283 8.54 -11.43 18.28
CA MET A 283 8.16 -10.21 17.55
C MET A 283 8.27 -8.98 18.42
N PRO A 284 8.49 -7.81 17.83
CA PRO A 284 8.45 -6.57 18.61
C PRO A 284 7.02 -6.25 19.05
N ALA A 285 6.91 -5.35 20.01
CA ALA A 285 5.63 -5.00 20.63
C ALA A 285 5.01 -3.75 20.03
N TYR A 286 5.51 -3.27 18.89
CA TYR A 286 4.82 -2.27 18.12
C TYR A 286 4.78 -2.70 16.66
N CYS A 287 3.76 -2.23 15.94
CA CYS A 287 3.52 -2.58 14.57
C CYS A 287 2.79 -1.39 13.93
N PRO A 288 3.20 -0.94 12.75
CA PRO A 288 2.48 0.18 12.09
C PRO A 288 1.07 -0.22 11.69
N CYS A 289 0.23 0.79 11.52
CA CYS A 289 -1.16 0.58 11.13
C CYS A 289 -1.30 0.69 9.62
N GLU A 290 -1.97 -0.29 9.01
CA GLU A 290 -2.28 -0.18 7.60
C GLU A 290 -3.31 0.92 7.40
N ARG A 291 -3.07 1.76 6.41
CA ARG A 291 -3.96 2.87 6.13
C ARG A 291 -5.07 2.35 5.21
N MET A 292 -6.29 2.27 5.76
CA MET A 292 -7.41 1.58 5.13
C MET A 292 -8.41 2.57 4.56
N ALA A 293 -8.88 2.31 3.34
CA ALA A 293 -9.97 3.11 2.83
C ALA A 293 -11.22 2.86 3.67
N SER A 294 -12.09 3.89 3.75
CA SER A 294 -13.33 3.77 4.53
C SER A 294 -14.11 2.52 4.16
N GLU A 295 -14.11 2.15 2.89
CA GLU A 295 -14.91 1.04 2.41
C GLU A 295 -14.12 -0.26 2.31
N ASP A 296 -12.86 -0.30 2.75
CA ASP A 296 -12.16 -1.57 2.81
C ASP A 296 -12.89 -2.47 3.80
N PRO A 297 -13.02 -3.76 3.50
CA PRO A 297 -13.78 -4.63 4.43
C PRO A 297 -13.04 -4.76 5.75
N LEU A 298 -13.79 -4.61 6.85
CA LEU A 298 -13.24 -4.80 8.19
C LEU A 298 -13.32 -6.26 8.62
N PHE A 299 -14.48 -6.91 8.44
CA PHE A 299 -14.59 -8.30 8.84
C PHE A 299 -15.74 -8.96 8.11
N ILE A 300 -15.67 -10.29 8.09
CA ILE A 300 -16.75 -11.19 7.72
C ILE A 300 -17.28 -11.81 9.00
N LEU A 301 -18.59 -11.85 9.13
CA LEU A 301 -19.21 -12.51 10.28
C LEU A 301 -20.33 -13.40 9.75
N TYR A 302 -20.12 -14.71 9.86
CA TYR A 302 -21.10 -15.69 9.41
C TYR A 302 -22.23 -15.81 10.43
N THR A 303 -23.46 -15.71 9.93
CA THR A 303 -24.64 -15.98 10.76
C THR A 303 -24.71 -17.48 11.07
N SER A 304 -25.66 -17.86 11.91
CA SER A 304 -25.81 -19.24 12.34
C SER A 304 -27.28 -19.60 12.41
N GLY A 305 -27.53 -20.90 12.56
CA GLY A 305 -28.87 -21.41 12.77
C GLY A 305 -29.67 -21.70 11.53
N SER A 306 -29.07 -21.68 10.35
CA SER A 306 -29.70 -22.05 9.10
C SER A 306 -29.24 -23.42 8.66
N THR A 307 -30.03 -24.04 7.79
CA THR A 307 -29.69 -25.36 7.27
C THR A 307 -28.63 -25.27 6.18
N GLY A 308 -28.69 -24.23 5.35
CA GLY A 308 -27.94 -24.18 4.11
C GLY A 308 -26.55 -23.62 4.25
N LYS A 309 -26.08 -22.99 3.18
CA LYS A 309 -24.74 -22.44 3.16
C LYS A 309 -24.63 -21.30 4.17
N PRO A 310 -23.53 -21.22 4.91
CA PRO A 310 -23.39 -20.14 5.88
C PRO A 310 -23.30 -18.80 5.18
N LYS A 311 -23.86 -17.79 5.80
CA LYS A 311 -23.97 -16.48 5.19
C LYS A 311 -22.94 -15.54 5.84
N GLY A 312 -21.92 -15.16 5.06
CA GLY A 312 -20.87 -14.32 5.60
C GLY A 312 -21.14 -12.85 5.40
N VAL A 313 -21.67 -12.20 6.44
CA VAL A 313 -22.02 -10.78 6.37
C VAL A 313 -20.77 -9.92 6.43
N VAL A 314 -20.56 -9.08 5.41
CA VAL A 314 -19.36 -8.24 5.35
C VAL A 314 -19.66 -6.83 5.84
N HIS A 315 -18.77 -6.28 6.64
CA HIS A 315 -18.84 -4.89 7.09
C HIS A 315 -17.61 -4.10 6.65
N SER A 316 -17.85 -2.85 6.23
CA SER A 316 -16.81 -1.90 5.85
C SER A 316 -16.14 -1.36 7.10
N THR A 317 -15.27 -0.38 6.96
CA THR A 317 -14.50 0.13 8.09
C THR A 317 -15.12 1.37 8.74
N ALA A 318 -15.22 2.49 8.00
CA ALA A 318 -15.51 3.77 8.63
C ALA A 318 -16.97 3.86 9.11
N GLY A 319 -17.92 3.45 8.28
CA GLY A 319 -19.33 3.50 8.67
C GLY A 319 -19.64 2.57 9.83
N TYR A 320 -19.14 1.32 9.76
CA TYR A 320 -19.33 0.37 10.85
C TYR A 320 -18.78 0.95 12.15
N LEU A 321 -17.54 1.42 12.11
CA LEU A 321 -16.90 1.87 13.32
C LEU A 321 -17.66 3.06 13.90
N LEU A 322 -17.99 4.04 13.05
CA LEU A 322 -18.69 5.24 13.52
C LEU A 322 -20.06 4.85 14.10
N GLY A 323 -20.77 3.93 13.43
CA GLY A 323 -22.07 3.51 13.93
C GLY A 323 -21.98 2.86 15.29
N THR A 324 -20.98 1.98 15.49
CA THR A 324 -20.84 1.32 16.78
C THR A 324 -20.42 2.31 17.83
N ALA A 325 -19.56 3.28 17.48
CA ALA A 325 -19.15 4.27 18.47
C ALA A 325 -20.31 5.16 18.87
N LEU A 326 -21.11 5.62 17.90
CA LEU A 326 -22.21 6.53 18.25
C LEU A 326 -23.30 5.80 19.02
N THR A 327 -23.67 4.58 18.60
CA THR A 327 -24.64 3.83 19.37
C THR A 327 -24.16 3.58 20.79
N LEU A 328 -22.89 3.18 20.96
CA LEU A 328 -22.42 2.94 22.32
C LEU A 328 -22.50 4.23 23.14
N LYS A 329 -22.11 5.36 22.54
CA LYS A 329 -22.16 6.60 23.29
C LYS A 329 -23.59 6.96 23.66
N TYR A 330 -24.51 6.89 22.70
CA TYR A 330 -25.84 7.48 22.92
C TYR A 330 -26.85 6.49 23.50
N VAL A 331 -26.83 5.21 23.07
CA VAL A 331 -27.84 4.28 23.59
C VAL A 331 -27.52 3.91 25.04
N PHE A 332 -26.24 3.81 25.41
CA PHE A 332 -25.89 3.45 26.79
C PHE A 332 -25.37 4.63 27.59
N ASP A 333 -25.43 5.82 27.01
CA ASP A 333 -24.98 7.05 27.65
C ASP A 333 -23.62 6.86 28.32
N ALA A 334 -22.66 6.34 27.55
CA ALA A 334 -21.30 6.12 28.05
C ALA A 334 -20.56 7.44 28.26
N HIS A 335 -19.75 7.46 29.30
CA HIS A 335 -18.93 8.60 29.66
C HIS A 335 -17.50 8.09 29.89
N PRO A 336 -16.51 8.98 29.90
CA PRO A 336 -15.10 8.51 29.83
C PRO A 336 -14.68 7.49 30.87
N ASP A 337 -15.23 7.53 32.08
CA ASP A 337 -14.81 6.64 33.15
C ASP A 337 -15.72 5.43 33.29
N ASP A 338 -16.64 5.23 32.35
CA ASP A 338 -17.58 4.13 32.52
C ASP A 338 -16.91 2.78 32.35
N ARG A 339 -17.50 1.77 32.97
CA ARG A 339 -17.10 0.38 32.89
C ARG A 339 -18.28 -0.38 32.30
N PHE A 340 -18.27 -0.54 30.98
CA PHE A 340 -19.38 -1.11 30.21
C PHE A 340 -19.23 -2.63 30.19
N ALA A 341 -20.30 -3.34 30.53
CA ALA A 341 -20.27 -4.79 30.71
C ALA A 341 -21.26 -5.46 29.77
N CYS A 342 -20.82 -5.75 28.56
CA CYS A 342 -21.58 -6.59 27.66
C CYS A 342 -21.12 -8.03 27.86
N MET A 343 -22.06 -8.90 28.26
CA MET A 343 -21.78 -10.28 28.63
C MET A 343 -21.96 -11.28 27.47
N ALA A 344 -22.09 -10.81 26.23
CA ALA A 344 -22.26 -11.72 25.11
C ALA A 344 -20.94 -12.34 24.68
N ASP A 345 -21.02 -13.17 23.65
CA ASP A 345 -19.88 -13.86 23.09
C ASP A 345 -19.43 -13.16 21.80
N ILE A 346 -18.11 -13.06 21.61
CA ILE A 346 -17.58 -12.34 20.46
C ILE A 346 -17.90 -13.01 19.14
N GLY A 347 -18.32 -14.27 19.15
CA GLY A 347 -18.81 -14.90 17.92
C GLY A 347 -20.14 -14.34 17.42
N TRP A 348 -20.77 -13.46 18.19
CA TRP A 348 -22.05 -12.84 17.89
C TRP A 348 -21.79 -11.39 17.51
N ILE A 349 -22.61 -10.86 16.60
CA ILE A 349 -22.42 -9.46 16.24
C ILE A 349 -22.42 -8.59 17.49
N THR A 350 -23.20 -8.96 18.53
CA THR A 350 -23.22 -8.15 19.75
C THR A 350 -21.82 -8.02 20.35
N GLY A 351 -21.02 -9.09 20.29
CA GLY A 351 -19.65 -9.00 20.77
C GLY A 351 -18.75 -8.12 19.91
N HIS A 352 -18.85 -8.26 18.59
CA HIS A 352 -18.09 -7.40 17.70
C HIS A 352 -18.33 -5.93 18.04
N SER A 353 -19.59 -5.54 18.14
CA SER A 353 -19.94 -4.13 18.19
C SER A 353 -19.93 -3.55 19.61
N TYR A 354 -20.32 -4.32 20.63
CA TYR A 354 -20.46 -3.73 21.95
C TYR A 354 -19.61 -4.41 23.02
N ILE A 355 -18.70 -5.27 22.63
CA ILE A 355 -17.56 -5.59 23.48
C ILE A 355 -16.32 -4.87 22.99
N ILE A 356 -15.99 -5.04 21.71
CA ILE A 356 -14.72 -4.61 21.16
C ILE A 356 -14.79 -3.25 20.49
N TYR A 357 -15.47 -3.15 19.34
CA TYR A 357 -15.29 -1.98 18.49
C TYR A 357 -15.90 -0.72 19.12
N GLY A 358 -17.17 -0.79 19.53
CA GLY A 358 -17.86 0.35 20.13
C GLY A 358 -17.19 0.92 21.37
N PRO A 359 -17.00 0.08 22.38
CA PRO A 359 -16.42 0.60 23.64
C PRO A 359 -14.96 1.02 23.52
N LEU A 360 -14.15 0.26 22.78
CA LEU A 360 -12.74 0.65 22.68
C LEU A 360 -12.59 1.88 21.79
N ALA A 361 -13.42 1.99 20.74
CA ALA A 361 -13.43 3.21 19.95
C ALA A 361 -13.66 4.44 20.83
N ASN A 362 -14.60 4.34 21.77
CA ASN A 362 -14.88 5.44 22.69
C ASN A 362 -13.84 5.57 23.80
N GLY A 363 -12.87 4.65 23.89
CA GLY A 363 -11.79 4.79 24.85
C GLY A 363 -12.11 4.39 26.28
N ILE A 364 -13.21 3.65 26.51
CA ILE A 364 -13.59 3.28 27.87
C ILE A 364 -13.17 1.86 28.22
N THR A 365 -13.65 1.36 29.36
CA THR A 365 -13.36 0.03 29.84
C THR A 365 -14.50 -0.91 29.43
N THR A 366 -14.14 -2.07 28.90
CA THR A 366 -15.12 -3.02 28.41
C THR A 366 -14.85 -4.37 29.05
N ALA A 367 -15.89 -5.20 29.12
CA ALA A 367 -15.82 -6.50 29.78
C ALA A 367 -15.71 -7.62 28.76
N VAL A 368 -14.92 -8.64 29.09
CA VAL A 368 -14.84 -9.89 28.36
C VAL A 368 -15.19 -10.95 29.38
N PHE A 369 -16.43 -11.41 29.32
CA PHE A 369 -17.01 -12.35 30.29
C PHE A 369 -16.84 -13.75 29.73
N GLU A 370 -16.01 -14.56 30.40
CA GLU A 370 -15.67 -15.90 29.93
C GLU A 370 -16.64 -16.98 30.39
N SER A 371 -17.48 -16.69 31.38
CA SER A 371 -18.25 -17.72 32.09
C SER A 371 -19.66 -17.80 31.53
N THR A 372 -20.58 -18.36 32.31
CA THR A 372 -22.02 -18.40 32.05
C THR A 372 -22.72 -17.61 33.15
N PRO A 373 -23.99 -17.25 32.99
CA PRO A 373 -24.66 -16.51 34.08
C PRO A 373 -24.90 -17.31 35.36
N VAL A 374 -24.66 -18.62 35.38
CA VAL A 374 -25.00 -19.40 36.57
C VAL A 374 -23.79 -20.19 37.08
N TYR A 375 -22.59 -19.83 36.61
CA TYR A 375 -21.38 -20.46 37.10
C TYR A 375 -20.53 -19.44 37.85
N PRO A 376 -20.08 -19.76 39.08
CA PRO A 376 -20.47 -21.00 39.77
C PRO A 376 -21.90 -21.00 40.30
N THR A 377 -22.53 -19.83 40.49
CA THR A 377 -23.92 -19.76 40.96
C THR A 377 -24.68 -18.68 40.19
N PRO A 378 -26.02 -18.66 40.27
CA PRO A 378 -26.77 -17.65 39.51
C PRO A 378 -26.55 -16.22 40.01
N SER A 379 -25.60 -16.03 40.92
CA SER A 379 -25.25 -14.70 41.38
C SER A 379 -24.03 -14.15 40.67
N ARG A 380 -23.48 -14.91 39.73
CA ARG A 380 -22.24 -14.50 39.07
C ARG A 380 -22.36 -13.07 38.51
N TYR A 381 -23.39 -12.80 37.69
CA TYR A 381 -23.54 -11.45 37.12
C TYR A 381 -23.41 -10.38 38.19
N TRP A 382 -24.11 -10.54 39.31
CA TRP A 382 -24.18 -9.46 40.29
C TRP A 382 -22.93 -9.40 41.16
N ASP A 383 -22.32 -10.55 41.46
CA ASP A 383 -20.99 -10.53 42.05
C ASP A 383 -20.04 -9.76 41.16
N PHE A 384 -20.20 -9.91 39.85
CA PHE A 384 -19.36 -9.20 38.89
C PHE A 384 -19.58 -7.69 38.99
N VAL A 385 -20.84 -7.25 38.90
CA VAL A 385 -21.16 -5.82 38.94
C VAL A 385 -20.59 -5.16 40.19
N ASP A 386 -20.71 -5.82 41.35
CA ASP A 386 -20.28 -5.15 42.58
C ASP A 386 -18.77 -5.17 42.72
N LYS A 387 -18.10 -6.21 42.22
CA LYS A 387 -16.64 -6.24 42.29
C LYS A 387 -16.01 -5.17 41.41
N TRP A 388 -16.51 -5.00 40.18
CA TRP A 388 -15.89 -4.07 39.23
C TRP A 388 -16.59 -2.73 39.15
N LYS A 389 -17.72 -2.56 39.84
CA LYS A 389 -18.48 -1.31 39.80
C LYS A 389 -18.87 -0.97 38.37
N ALA A 390 -19.46 -1.95 37.70
CA ALA A 390 -19.96 -1.76 36.34
C ALA A 390 -21.04 -0.69 36.31
N THR A 391 -21.03 0.13 35.26
CA THR A 391 -21.99 1.22 35.10
C THR A 391 -23.10 0.91 34.11
N GLN A 392 -22.90 -0.04 33.20
CA GLN A 392 -23.94 -0.50 32.30
C GLN A 392 -23.82 -2.02 32.17
N LEU A 393 -24.96 -2.69 32.01
CA LEU A 393 -24.99 -4.13 31.80
C LEU A 393 -25.84 -4.45 30.57
N TYR A 394 -25.35 -5.38 29.74
CA TYR A 394 -25.92 -5.64 28.43
C TYR A 394 -25.87 -7.16 28.19
N THR A 395 -27.04 -7.79 28.13
CA THR A 395 -27.10 -9.24 27.93
C THR A 395 -28.36 -9.56 27.13
N ALA A 396 -28.66 -10.84 27.02
CA ALA A 396 -29.77 -11.30 26.19
C ALA A 396 -30.96 -11.71 27.04
N PRO A 397 -32.18 -11.68 26.48
CA PRO A 397 -33.36 -12.11 27.28
C PRO A 397 -33.24 -13.54 27.74
N THR A 398 -32.56 -14.40 26.98
CA THR A 398 -32.35 -15.78 27.42
C THR A 398 -31.63 -15.82 28.77
N ALA A 399 -30.59 -15.01 28.92
CA ALA A 399 -29.91 -14.95 30.21
C ALA A 399 -30.83 -14.38 31.28
N ILE A 400 -31.60 -13.35 30.94
CA ILE A 400 -32.47 -12.72 31.94
C ILE A 400 -33.54 -13.69 32.42
N ARG A 401 -34.14 -14.44 31.49
CA ARG A 401 -35.16 -15.39 31.94
C ARG A 401 -34.55 -16.50 32.77
N LEU A 402 -33.33 -16.92 32.45
CA LEU A 402 -32.63 -17.91 33.24
C LEU A 402 -32.42 -17.43 34.66
N LEU A 403 -31.90 -16.21 34.82
CA LEU A 403 -31.67 -15.70 36.16
C LEU A 403 -32.98 -15.55 36.93
N ARG A 404 -34.00 -14.98 36.29
CA ARG A 404 -35.33 -14.92 36.90
C ARG A 404 -35.82 -16.31 37.29
N ARG A 405 -35.43 -17.32 36.53
CA ARG A 405 -35.87 -18.68 36.81
C ARG A 405 -35.28 -19.20 38.13
N MET A 406 -34.02 -18.86 38.41
CA MET A 406 -33.31 -19.39 39.58
C MET A 406 -33.66 -18.67 40.88
N GLY A 407 -34.51 -17.64 40.85
CA GLY A 407 -34.99 -17.04 42.08
C GLY A 407 -34.25 -15.75 42.42
N GLU A 408 -34.90 -14.93 43.23
CA GLU A 408 -34.41 -13.62 43.61
C GLU A 408 -33.40 -13.64 44.74
N ASP A 409 -33.12 -14.81 45.33
CA ASP A 409 -32.15 -14.83 46.41
C ASP A 409 -30.77 -14.43 45.90
N HIS A 410 -30.43 -14.81 44.67
CA HIS A 410 -29.12 -14.49 44.14
C HIS A 410 -28.94 -13.03 43.74
N VAL A 411 -29.98 -12.20 43.86
CA VAL A 411 -29.91 -10.79 43.44
C VAL A 411 -30.25 -9.82 44.57
N LYS A 412 -31.04 -10.27 45.55
CA LYS A 412 -31.69 -9.35 46.49
C LYS A 412 -30.67 -8.57 47.31
N ASN A 413 -29.62 -9.23 47.80
CA ASN A 413 -28.69 -8.61 48.73
C ASN A 413 -27.38 -8.20 48.08
N HIS A 414 -27.42 -7.74 46.84
CA HIS A 414 -26.29 -7.10 46.18
C HIS A 414 -26.53 -5.59 46.16
N ASP A 415 -25.46 -4.83 45.98
CA ASP A 415 -25.62 -3.38 45.92
C ASP A 415 -26.09 -2.91 44.55
N LEU A 416 -25.30 -3.20 43.50
CA LEU A 416 -25.62 -2.95 42.09
C LEU A 416 -25.91 -1.47 41.80
N SER A 417 -25.50 -0.56 42.66
CA SER A 417 -25.86 0.84 42.44
C SER A 417 -24.89 1.56 41.54
N SER A 418 -23.78 0.92 41.15
CA SER A 418 -22.91 1.51 40.15
C SER A 418 -23.60 1.58 38.80
N LEU A 419 -24.60 0.73 38.56
CA LEU A 419 -25.27 0.66 37.27
C LEU A 419 -26.17 1.86 37.05
N ARG A 420 -26.23 2.31 35.78
CA ARG A 420 -27.25 3.28 35.38
C ARG A 420 -28.14 2.78 34.26
N VAL A 421 -27.65 1.89 33.40
CA VAL A 421 -28.38 1.44 32.21
C VAL A 421 -28.27 -0.08 32.13
N LEU A 422 -29.41 -0.74 31.90
CA LEU A 422 -29.50 -2.16 31.67
C LEU A 422 -29.98 -2.35 30.23
N GLY A 423 -29.34 -3.24 29.50
CA GLY A 423 -29.62 -3.43 28.09
C GLY A 423 -30.05 -4.86 27.82
N SER A 424 -30.89 -5.03 26.82
CA SER A 424 -31.42 -6.31 26.41
C SER A 424 -31.31 -6.40 24.89
N VAL A 425 -30.79 -7.51 24.36
CA VAL A 425 -30.55 -7.63 22.93
C VAL A 425 -30.74 -9.08 22.48
N GLY A 426 -31.30 -9.27 21.28
CA GLY A 426 -31.30 -10.55 20.61
C GLY A 426 -32.66 -11.17 20.37
N GLU A 427 -33.70 -10.71 21.06
CA GLU A 427 -35.05 -11.27 20.98
C GLU A 427 -36.00 -10.33 21.71
N PRO A 428 -37.30 -10.43 21.46
CA PRO A 428 -38.23 -9.63 22.26
C PRO A 428 -38.09 -10.02 23.72
N ILE A 429 -38.08 -9.02 24.59
CA ILE A 429 -38.06 -9.28 26.04
C ILE A 429 -39.48 -9.17 26.55
N ASN A 430 -39.98 -10.28 27.08
CA ASN A 430 -41.32 -10.31 27.64
C ASN A 430 -41.44 -9.29 28.77
N PRO A 431 -42.54 -8.54 28.82
CA PRO A 431 -42.75 -7.64 29.97
C PRO A 431 -42.44 -8.28 31.32
N GLU A 432 -42.83 -9.54 31.50
CA GLU A 432 -42.59 -10.21 32.77
C GLU A 432 -41.09 -10.24 33.10
N ALA A 433 -40.25 -10.54 32.10
CA ALA A 433 -38.80 -10.52 32.33
C ALA A 433 -38.28 -9.09 32.41
N TRP A 434 -38.83 -8.20 31.59
CA TRP A 434 -38.49 -6.79 31.67
C TRP A 434 -38.67 -6.29 33.10
N HIS A 435 -39.77 -6.65 33.74
CA HIS A 435 -40.02 -6.18 35.10
C HIS A 435 -39.03 -6.79 36.09
N TRP A 436 -38.70 -8.07 35.90
CA TRP A 436 -37.73 -8.69 36.79
C TRP A 436 -36.38 -8.00 36.69
N TYR A 437 -35.93 -7.74 35.45
CA TYR A 437 -34.75 -6.93 35.19
C TYR A 437 -34.85 -5.59 35.91
N ASN A 438 -35.95 -4.87 35.65
CA ASN A 438 -36.15 -3.54 36.22
C ASN A 438 -36.18 -3.59 37.76
N ASP A 439 -36.87 -4.56 38.33
CA ASP A 439 -37.07 -4.59 39.77
C ASP A 439 -35.80 -5.01 40.51
N PHE A 440 -35.09 -6.02 40.01
CA PHE A 440 -34.01 -6.60 40.80
C PHE A 440 -32.62 -6.22 40.33
N ALA A 441 -32.35 -6.23 39.03
CA ALA A 441 -31.02 -5.81 38.60
C ALA A 441 -30.86 -4.31 38.75
N GLY A 442 -31.92 -3.55 38.45
CA GLY A 442 -31.81 -2.10 38.49
C GLY A 442 -32.34 -1.50 39.78
N LYS A 443 -33.04 -2.31 40.57
CA LYS A 443 -33.72 -1.86 41.81
C LYS A 443 -34.56 -0.61 41.54
N ASN A 444 -35.20 -0.60 40.36
CA ASN A 444 -36.09 0.47 39.92
C ASN A 444 -35.37 1.83 39.81
N GLN A 445 -34.05 1.81 39.59
CA GLN A 445 -33.26 3.04 39.45
C GLN A 445 -32.41 3.05 38.18
N CYS A 446 -32.53 2.06 37.31
CA CYS A 446 -31.86 2.10 36.02
C CYS A 446 -32.88 2.28 34.90
N ALA A 447 -32.39 2.84 33.81
CA ALA A 447 -33.11 2.81 32.54
C ALA A 447 -32.83 1.48 31.86
N ILE A 448 -33.88 0.90 31.26
CA ILE A 448 -33.80 -0.36 30.53
C ILE A 448 -33.85 -0.07 29.05
N VAL A 449 -32.78 -0.38 28.32
CA VAL A 449 -32.76 -0.16 26.87
C VAL A 449 -32.89 -1.52 26.19
N ASP A 450 -34.04 -1.71 25.56
CA ASP A 450 -34.31 -2.84 24.68
C ASP A 450 -33.79 -2.47 23.29
N THR A 451 -32.71 -3.09 22.85
CA THR A 451 -32.04 -2.71 21.61
C THR A 451 -32.37 -3.70 20.50
N TYR A 452 -33.04 -3.23 19.46
CA TYR A 452 -33.36 -4.05 18.29
C TYR A 452 -32.35 -3.76 17.19
N TRP A 453 -31.72 -4.81 16.66
CA TRP A 453 -30.83 -4.70 15.50
C TRP A 453 -30.46 -6.11 15.02
N MET A 454 -29.68 -6.16 13.94
CA MET A 454 -29.23 -7.43 13.36
C MET A 454 -27.76 -7.37 12.97
N THR A 455 -27.20 -8.58 12.73
CA THR A 455 -25.85 -8.68 12.20
C THR A 455 -25.67 -7.80 10.98
N GLU A 456 -26.67 -7.80 10.10
CA GLU A 456 -26.65 -7.02 8.88
C GLU A 456 -26.74 -5.50 9.10
N THR A 457 -27.24 -5.02 10.25
CA THR A 457 -27.36 -3.58 10.43
C THR A 457 -26.11 -2.97 11.04
N GLY A 458 -25.20 -3.80 11.53
CA GLY A 458 -23.94 -3.32 12.11
C GLY A 458 -24.00 -2.80 13.52
N SER A 459 -24.99 -1.95 13.81
CA SER A 459 -25.14 -1.33 15.10
C SER A 459 -26.62 -1.21 15.38
N ILE A 460 -26.93 -0.74 16.60
CA ILE A 460 -28.29 -0.73 17.13
C ILE A 460 -29.19 0.14 16.27
N SER A 461 -30.37 -0.38 15.92
CA SER A 461 -31.28 0.24 14.96
C SER A 461 -32.42 1.01 15.63
N ILE A 462 -33.07 0.39 16.62
CA ILE A 462 -34.16 0.97 17.40
C ILE A 462 -33.90 0.68 18.88
N ALA A 463 -33.85 1.72 19.70
CA ALA A 463 -33.64 1.56 21.14
C ALA A 463 -34.01 2.86 21.83
N PRO A 464 -34.35 2.82 23.12
CA PRO A 464 -34.57 4.08 23.85
C PRO A 464 -33.24 4.74 24.14
N LEU A 465 -33.19 6.07 24.00
CA LEU A 465 -32.06 6.82 24.54
C LEU A 465 -32.34 7.05 26.02
N PRO A 466 -31.50 6.53 26.94
CA PRO A 466 -31.94 6.34 28.33
C PRO A 466 -32.16 7.64 29.09
N GLY A 467 -31.48 8.71 28.72
CA GLY A 467 -31.76 9.96 29.39
C GLY A 467 -32.96 10.71 28.86
N ALA A 468 -33.58 10.22 27.78
CA ALA A 468 -34.63 10.95 27.06
C ALA A 468 -35.96 10.24 26.95
N ILE A 469 -36.01 8.91 26.84
CA ILE A 469 -37.21 8.19 26.42
C ILE A 469 -37.84 7.46 27.60
N SER A 470 -39.14 7.64 27.79
CA SER A 470 -39.88 6.89 28.78
C SER A 470 -40.27 5.54 28.20
N THR A 471 -39.92 4.46 28.91
CA THR A 471 -40.00 3.11 28.33
C THR A 471 -41.34 2.44 28.58
N LYS A 472 -41.68 1.51 27.69
CA LYS A 472 -42.78 0.55 27.82
C LYS A 472 -42.21 -0.85 27.82
N PRO A 473 -42.55 -1.69 28.79
CA PRO A 473 -41.95 -3.04 28.88
C PRO A 473 -42.19 -3.83 27.60
N GLY A 474 -41.11 -4.18 26.92
CA GLY A 474 -41.21 -4.92 25.68
C GLY A 474 -41.17 -4.12 24.39
N SER A 475 -40.95 -2.81 24.44
CA SER A 475 -40.90 -1.98 23.25
C SER A 475 -39.48 -1.51 22.95
N ALA A 476 -39.09 -1.58 21.67
CA ALA A 476 -37.81 -0.99 21.25
C ALA A 476 -37.84 0.55 21.24
N THR A 477 -39.03 1.16 21.21
CA THR A 477 -39.28 2.61 21.16
C THR A 477 -38.92 3.24 19.81
N PHE A 478 -37.88 4.07 19.72
CA PHE A 478 -37.73 4.91 18.53
C PHE A 478 -36.43 4.69 17.79
N PRO A 479 -36.41 4.92 16.46
CA PRO A 479 -35.21 4.60 15.66
C PRO A 479 -34.02 5.45 16.03
N PHE A 480 -32.84 4.88 15.82
CA PHE A 480 -31.61 5.58 16.18
C PHE A 480 -31.23 6.56 15.08
N PHE A 481 -30.29 7.46 15.43
CA PHE A 481 -29.74 8.41 14.47
C PHE A 481 -29.38 7.72 13.16
N GLY A 482 -29.74 8.35 12.05
CA GLY A 482 -29.51 7.80 10.73
C GLY A 482 -30.49 6.74 10.30
N MET A 483 -31.34 6.24 11.19
CA MET A 483 -32.28 5.18 10.83
C MET A 483 -33.65 5.81 10.60
N ASP A 484 -34.20 5.56 9.42
CA ASP A 484 -35.53 6.00 9.03
C ASP A 484 -36.35 4.75 8.71
N VAL A 485 -37.15 4.29 9.66
CA VAL A 485 -37.87 3.02 9.49
C VAL A 485 -39.35 3.27 9.24
N ASP A 486 -39.95 2.33 8.53
CA ASP A 486 -41.35 2.36 8.15
C ASP A 486 -41.96 0.98 8.30
N ILE A 487 -43.29 0.96 8.25
CA ILE A 487 -44.09 -0.26 8.35
C ILE A 487 -44.80 -0.48 7.02
N ILE A 488 -44.67 -1.68 6.46
CA ILE A 488 -45.22 -2.02 5.17
C ILE A 488 -46.23 -3.14 5.35
N ASP A 489 -47.37 -3.00 4.74
CA ASP A 489 -48.30 -4.11 4.65
C ASP A 489 -47.70 -5.16 3.75
N PRO A 490 -47.38 -6.36 4.25
CA PRO A 490 -46.81 -7.38 3.36
C PRO A 490 -47.79 -7.84 2.30
N GLN A 491 -49.10 -7.66 2.53
CA GLN A 491 -50.10 -8.07 1.55
C GLN A 491 -50.07 -7.17 0.31
N THR A 492 -49.98 -5.86 0.52
CA THR A 492 -50.02 -4.90 -0.58
C THR A 492 -48.66 -4.35 -0.95
N GLY A 493 -47.66 -4.48 -0.08
CA GLY A 493 -46.39 -3.84 -0.32
C GLY A 493 -46.38 -2.35 -0.11
N GLN A 494 -47.49 -1.74 0.31
CA GLN A 494 -47.52 -0.30 0.51
C GLN A 494 -47.17 0.07 1.95
N VAL A 495 -46.61 1.26 2.11
CA VAL A 495 -46.27 1.79 3.43
C VAL A 495 -47.54 2.16 4.19
N LEU A 496 -47.56 1.91 5.50
CA LEU A 496 -48.65 2.34 6.36
C LEU A 496 -48.22 3.57 7.13
N GLU A 497 -48.77 4.72 6.77
CA GLU A 497 -48.39 5.98 7.38
C GLU A 497 -49.15 6.17 8.69
N GLY A 498 -48.54 6.91 9.60
CA GLY A 498 -49.19 7.23 10.85
C GLY A 498 -48.91 6.20 11.92
N ASN A 499 -49.75 6.22 12.95
CA ASN A 499 -49.59 5.37 14.10
C ASN A 499 -50.72 4.35 14.16
N ASP A 500 -50.57 3.39 15.09
CA ASP A 500 -51.52 2.29 15.25
C ASP A 500 -51.56 1.40 14.01
N VAL A 501 -50.38 1.14 13.41
CA VAL A 501 -50.24 0.32 12.22
C VAL A 501 -49.34 -0.87 12.52
N GLU A 502 -49.56 -1.95 11.77
CA GLU A 502 -48.89 -3.23 11.96
C GLU A 502 -48.50 -3.80 10.60
N GLY A 503 -47.37 -4.53 10.57
CA GLY A 503 -46.83 -5.00 9.30
C GLY A 503 -45.41 -5.55 9.48
N VAL A 504 -44.58 -5.33 8.45
CA VAL A 504 -43.17 -5.71 8.50
C VAL A 504 -42.29 -4.47 8.46
N LEU A 505 -41.21 -4.54 9.21
CA LEU A 505 -40.29 -3.44 9.36
C LEU A 505 -39.37 -3.33 8.14
N VAL A 506 -39.20 -2.10 7.66
CA VAL A 506 -38.29 -1.79 6.56
C VAL A 506 -37.59 -0.48 6.90
N ALA A 507 -36.42 -0.28 6.30
CA ALA A 507 -35.70 0.99 6.42
C ALA A 507 -35.68 1.65 5.05
N ARG A 508 -35.85 2.98 5.02
CA ARG A 508 -36.03 3.68 3.76
C ARG A 508 -34.70 4.00 3.07
N ARG A 509 -33.65 4.21 3.83
CA ARG A 509 -32.41 4.72 3.28
C ARG A 509 -31.23 4.02 3.95
N PRO A 510 -30.09 3.97 3.26
CA PRO A 510 -28.89 3.39 3.88
C PRO A 510 -28.47 4.20 5.09
N TRP A 511 -27.75 3.54 5.99
CA TRP A 511 -27.14 4.13 7.15
C TRP A 511 -25.69 3.67 7.22
N PRO A 512 -24.83 4.43 7.92
CA PRO A 512 -23.38 4.17 7.80
C PRO A 512 -22.94 2.74 8.09
N SER A 513 -23.51 2.04 9.05
CA SER A 513 -23.00 0.74 9.44
C SER A 513 -23.72 -0.43 8.75
N ILE A 514 -24.52 -0.18 7.72
CA ILE A 514 -25.20 -1.28 7.06
C ILE A 514 -24.17 -2.18 6.40
N ALA A 515 -24.43 -3.47 6.44
CA ALA A 515 -23.55 -4.44 5.79
C ALA A 515 -23.52 -4.19 4.30
N ARG A 516 -22.34 -4.30 3.71
CA ARG A 516 -22.15 -3.93 2.32
C ARG A 516 -22.39 -5.09 1.38
N THR A 517 -22.22 -6.33 1.85
CA THR A 517 -22.44 -7.48 0.98
C THR A 517 -22.45 -8.74 1.85
N VAL A 518 -22.72 -9.87 1.21
CA VAL A 518 -22.52 -11.21 1.75
C VAL A 518 -21.34 -11.81 1.00
N TYR A 519 -20.37 -12.35 1.72
CA TYR A 519 -19.03 -12.59 1.16
C TYR A 519 -19.08 -13.50 -0.07
N ARG A 520 -18.59 -12.97 -1.19
CA ARG A 520 -18.59 -13.65 -2.48
C ARG A 520 -19.99 -14.11 -2.89
N ASP A 521 -21.02 -13.43 -2.42
CA ASP A 521 -22.38 -13.86 -2.76
C ASP A 521 -23.32 -12.66 -2.69
N HIS A 522 -22.97 -11.63 -3.47
CA HIS A 522 -23.74 -10.40 -3.44
C HIS A 522 -25.18 -10.61 -3.88
N LYS A 523 -25.43 -11.57 -4.79
CA LYS A 523 -26.79 -11.86 -5.23
C LYS A 523 -27.63 -12.31 -4.05
N ARG A 524 -27.04 -13.09 -3.14
CA ARG A 524 -27.78 -13.51 -1.96
C ARG A 524 -28.09 -12.32 -1.06
N TYR A 525 -27.18 -11.34 -1.03
CA TYR A 525 -27.40 -10.09 -0.29
C TYR A 525 -28.58 -9.30 -0.88
N LEU A 526 -28.62 -9.14 -2.21
CA LEU A 526 -29.70 -8.37 -2.82
C LEU A 526 -31.04 -9.08 -2.71
N GLU A 527 -31.05 -10.38 -2.99
CA GLU A 527 -32.30 -11.13 -2.96
C GLU A 527 -32.86 -11.22 -1.54
N THR A 528 -32.01 -11.23 -0.53
CA THR A 528 -32.53 -11.43 0.82
C THR A 528 -33.05 -10.13 1.44
N TYR A 529 -32.32 -9.03 1.25
CA TYR A 529 -32.59 -7.79 1.95
C TYR A 529 -33.18 -6.68 1.08
N MET A 530 -32.91 -6.67 -0.21
CA MET A 530 -33.19 -5.52 -1.06
C MET A 530 -34.32 -5.74 -2.06
N LYS A 531 -34.52 -6.96 -2.53
CA LYS A 531 -35.56 -7.22 -3.51
C LYS A 531 -36.95 -7.58 -2.96
N PRO A 532 -37.11 -8.08 -1.73
CA PRO A 532 -38.50 -8.41 -1.29
C PRO A 532 -39.43 -7.20 -1.32
N TYR A 533 -38.94 -6.02 -0.96
CA TYR A 533 -39.70 -4.78 -1.04
C TYR A 533 -38.81 -3.76 -1.74
N PRO A 534 -38.87 -3.70 -3.07
CA PRO A 534 -37.91 -2.91 -3.84
C PRO A 534 -37.92 -1.46 -3.42
N GLY A 535 -36.71 -0.94 -3.15
CA GLY A 535 -36.53 0.40 -2.64
C GLY A 535 -36.26 0.47 -1.15
N TYR A 536 -36.45 -0.62 -0.41
CA TYR A 536 -36.27 -0.65 1.04
C TYR A 536 -35.32 -1.76 1.43
N PHE A 537 -34.88 -1.70 2.68
CA PHE A 537 -34.14 -2.78 3.31
C PHE A 537 -35.12 -3.57 4.18
N PHE A 538 -35.12 -4.88 4.01
CA PHE A 538 -36.09 -5.76 4.65
C PHE A 538 -35.42 -6.51 5.82
N PHE A 539 -35.79 -6.16 7.04
CA PHE A 539 -35.23 -6.79 8.24
C PHE A 539 -35.63 -8.26 8.38
N GLY A 540 -36.81 -8.65 7.94
CA GLY A 540 -37.32 -9.97 8.23
C GLY A 540 -38.10 -10.08 9.52
N ASP A 541 -38.40 -8.97 10.19
CA ASP A 541 -39.16 -9.00 11.42
C ASP A 541 -40.55 -8.37 11.23
N GLY A 542 -41.54 -8.92 11.92
CA GLY A 542 -42.82 -8.25 12.01
C GLY A 542 -42.78 -7.15 13.06
N ALA A 543 -43.50 -6.07 12.80
CA ALA A 543 -43.44 -4.93 13.70
C ALA A 543 -44.76 -4.19 13.71
N ALA A 544 -44.99 -3.45 14.79
CA ALA A 544 -46.15 -2.57 14.92
C ALA A 544 -45.70 -1.28 15.58
N ARG A 545 -46.33 -0.18 15.19
CA ARG A 545 -46.09 1.13 15.76
C ARG A 545 -47.36 1.57 16.48
N ASP A 546 -47.27 1.78 17.80
CA ASP A 546 -48.50 1.97 18.56
C ASP A 546 -49.01 3.40 18.47
N TYR A 547 -50.10 3.66 19.20
CA TYR A 547 -50.72 4.98 19.14
C TYR A 547 -49.74 6.09 19.47
N ASP A 548 -48.80 5.84 20.37
CA ASP A 548 -47.83 6.84 20.76
C ASP A 548 -46.60 6.90 19.87
N GLY A 549 -46.54 6.09 18.80
CA GLY A 549 -45.40 6.02 17.93
C GLY A 549 -44.29 5.06 18.35
N TYR A 550 -44.43 4.39 19.49
CA TYR A 550 -43.46 3.39 19.89
C TYR A 550 -43.48 2.20 18.94
N MET A 551 -42.31 1.67 18.61
CA MET A 551 -42.20 0.47 17.79
CA MET A 551 -42.22 0.47 17.79
C MET A 551 -42.20 -0.76 18.68
N TRP A 552 -42.85 -1.81 18.21
CA TRP A 552 -42.88 -3.08 18.90
C TRP A 552 -42.44 -4.13 17.91
N ILE A 553 -41.37 -4.83 18.22
CA ILE A 553 -40.88 -5.91 17.38
C ILE A 553 -41.64 -7.16 17.79
N LYS A 554 -42.39 -7.74 16.86
CA LYS A 554 -43.30 -8.84 17.16
C LYS A 554 -42.65 -10.23 17.04
N GLY A 555 -41.54 -10.34 16.31
CA GLY A 555 -40.88 -11.61 16.08
C GLY A 555 -40.56 -11.80 14.62
N ARG A 556 -39.87 -12.91 14.34
CA ARG A 556 -39.49 -13.23 12.96
C ARG A 556 -40.73 -13.48 12.13
N VAL A 557 -40.75 -12.91 10.92
CA VAL A 557 -41.82 -13.16 9.95
C VAL A 557 -42.01 -14.66 9.72
N ASP A 558 -40.90 -15.42 9.73
CA ASP A 558 -40.94 -16.87 9.59
C ASP A 558 -41.63 -17.56 10.76
N ASP A 559 -41.73 -16.92 11.92
CA ASP A 559 -42.33 -17.56 13.07
C ASP A 559 -43.82 -17.30 13.18
N VAL A 560 -44.41 -16.60 12.22
CA VAL A 560 -45.84 -16.27 12.31
C VAL A 560 -46.66 -17.53 12.10
N ILE A 561 -47.73 -17.66 12.89
CA ILE A 561 -48.67 -18.76 12.81
C ILE A 561 -50.01 -18.18 12.38
N ASN A 562 -50.58 -18.72 11.31
CA ASN A 562 -51.84 -18.21 10.76
C ASN A 562 -52.94 -19.19 11.14
N VAL A 563 -53.71 -18.85 12.17
CA VAL A 563 -54.78 -19.69 12.70
C VAL A 563 -56.09 -19.16 12.12
N SER A 564 -56.63 -19.89 11.14
CA SER A 564 -57.92 -19.59 10.52
C SER A 564 -58.01 -18.11 10.13
N GLY A 565 -56.95 -17.62 9.49
CA GLY A 565 -56.89 -16.25 9.02
C GLY A 565 -56.32 -15.25 10.01
N HIS A 566 -56.10 -15.66 11.26
CA HIS A 566 -55.54 -14.78 12.27
C HIS A 566 -54.05 -15.04 12.37
N ARG A 567 -53.24 -14.01 12.12
CA ARG A 567 -51.79 -14.12 12.17
C ARG A 567 -51.28 -13.80 13.57
N LEU A 568 -50.71 -14.79 14.25
CA LEU A 568 -50.20 -14.65 15.61
C LEU A 568 -48.69 -14.57 15.59
N SER A 569 -48.13 -13.59 16.29
CA SER A 569 -46.69 -13.47 16.45
C SER A 569 -46.23 -14.19 17.72
N THR A 570 -44.94 -14.54 17.76
CA THR A 570 -44.43 -15.31 18.88
C THR A 570 -44.35 -14.47 20.14
N ALA A 571 -43.99 -13.19 20.01
CA ALA A 571 -43.73 -12.39 21.20
C ALA A 571 -44.99 -12.22 22.05
N GLU A 572 -46.16 -12.08 21.41
CA GLU A 572 -47.37 -11.84 22.16
C GLU A 572 -47.85 -13.09 22.89
N VAL A 573 -47.71 -14.26 22.26
CA VAL A 573 -48.20 -15.49 22.89
C VAL A 573 -47.25 -15.96 24.00
N GLU A 574 -45.94 -15.94 23.73
CA GLU A 574 -44.98 -16.24 24.78
C GLU A 574 -45.10 -15.25 25.94
N SER A 575 -45.37 -13.98 25.63
CA SER A 575 -45.55 -13.00 26.70
C SER A 575 -46.82 -13.29 27.50
N ALA A 576 -47.88 -13.72 26.82
CA ALA A 576 -49.08 -14.09 27.54
C ALA A 576 -48.82 -15.29 28.44
N LEU A 577 -48.08 -16.29 27.92
CA LEU A 577 -47.87 -17.53 28.66
C LEU A 577 -47.04 -17.30 29.91
N ILE A 578 -46.05 -16.40 29.85
CA ILE A 578 -45.17 -16.19 30.99
C ILE A 578 -45.84 -15.39 32.10
N LEU A 579 -47.04 -14.84 31.86
CA LEU A 579 -47.80 -14.18 32.92
C LEU A 579 -48.41 -15.18 33.90
N HIS A 580 -48.44 -16.45 33.53
CA HIS A 580 -48.86 -17.48 34.47
C HIS A 580 -47.79 -17.73 35.52
N LYS A 581 -48.22 -17.93 36.76
CA LYS A 581 -47.29 -18.19 37.85
C LYS A 581 -46.50 -19.46 37.57
N GLY A 582 -45.20 -19.43 37.88
CA GLY A 582 -44.34 -20.59 37.72
C GLY A 582 -43.71 -20.76 36.34
N VAL A 583 -44.26 -20.13 35.30
CA VAL A 583 -43.68 -20.26 33.97
C VAL A 583 -42.32 -19.57 33.94
N ALA A 584 -41.32 -20.26 33.42
CA ALA A 584 -39.98 -19.73 33.30
C ALA A 584 -39.68 -19.17 31.92
N GLU A 585 -39.91 -19.97 30.88
CA GLU A 585 -39.61 -19.67 29.49
C GLU A 585 -40.60 -20.44 28.64
N THR A 586 -40.98 -19.86 27.51
CA THR A 586 -41.89 -20.53 26.58
C THR A 586 -41.40 -20.34 25.15
N ALA A 587 -41.90 -21.20 24.27
CA ALA A 587 -41.70 -21.07 22.82
C ALA A 587 -42.91 -21.66 22.10
N VAL A 588 -43.47 -20.91 21.16
CA VAL A 588 -44.62 -21.37 20.39
C VAL A 588 -44.24 -21.46 18.92
N VAL A 589 -44.64 -22.55 18.27
CA VAL A 589 -44.41 -22.77 16.85
C VAL A 589 -45.69 -23.34 16.25
N GLY A 590 -45.87 -23.09 14.94
CA GLY A 590 -47.03 -23.54 14.23
C GLY A 590 -46.80 -24.82 13.45
N CYS A 591 -47.90 -25.52 13.17
CA CYS A 591 -47.87 -26.70 12.33
C CYS A 591 -49.18 -26.77 11.54
N ALA A 592 -49.14 -27.54 10.46
CA ALA A 592 -50.31 -27.69 9.61
C ALA A 592 -51.48 -28.27 10.40
N ASP A 593 -52.65 -27.66 10.24
CA ASP A 593 -53.90 -28.12 10.84
C ASP A 593 -55.00 -28.08 9.78
N ASP A 594 -55.81 -29.13 9.73
CA ASP A 594 -56.92 -29.17 8.76
C ASP A 594 -58.00 -28.15 9.10
N LEU A 595 -58.36 -28.03 10.38
CA LEU A 595 -59.45 -27.14 10.77
C LEU A 595 -59.08 -25.67 10.62
N THR A 596 -57.89 -25.28 11.11
CA THR A 596 -57.52 -23.87 11.25
C THR A 596 -56.39 -23.45 10.32
N GLY A 597 -55.96 -24.32 9.40
CA GLY A 597 -54.84 -24.00 8.54
C GLY A 597 -53.51 -24.25 9.24
N GLN A 598 -53.27 -23.54 10.34
CA GLN A 598 -52.15 -23.78 11.21
C GLN A 598 -52.62 -23.80 12.66
N ALA A 599 -51.97 -24.63 13.47
CA ALA A 599 -52.27 -24.72 14.89
C ALA A 599 -51.05 -24.32 15.70
N VAL A 600 -51.30 -23.88 16.93
CA VAL A 600 -50.28 -23.40 17.84
C VAL A 600 -49.85 -24.54 18.76
N TYR A 601 -48.55 -24.78 18.83
CA TYR A 601 -47.99 -25.74 19.77
C TYR A 601 -47.03 -24.98 20.67
N ALA A 602 -47.19 -25.14 21.99
CA ALA A 602 -46.42 -24.37 22.96
C ALA A 602 -45.49 -25.29 23.71
N PHE A 603 -44.23 -24.88 23.83
CA PHE A 603 -43.24 -25.54 24.66
C PHE A 603 -43.02 -24.67 25.91
N VAL A 604 -43.22 -25.27 27.08
CA VAL A 604 -43.18 -24.55 28.34
C VAL A 604 -42.15 -25.18 29.27
N THR A 605 -41.38 -24.35 29.95
CA THR A 605 -40.53 -24.76 31.06
C THR A 605 -40.97 -24.01 32.30
N MET A 606 -40.91 -24.68 33.45
CA MET A 606 -41.37 -24.08 34.70
C MET A 606 -40.20 -23.81 35.63
N LYS A 607 -40.44 -22.99 36.65
CA LYS A 607 -39.43 -22.80 37.67
C LYS A 607 -39.16 -24.12 38.38
N PRO A 608 -37.93 -24.34 38.85
CA PRO A 608 -37.59 -25.64 39.44
C PRO A 608 -38.32 -25.92 40.75
N GLU A 609 -38.81 -24.90 41.44
CA GLU A 609 -39.58 -25.07 42.66
C GLU A 609 -41.02 -25.51 42.42
N PHE A 610 -41.40 -25.79 41.17
CA PHE A 610 -42.79 -26.08 40.83
C PHE A 610 -43.05 -27.58 40.95
N ASP A 611 -44.14 -27.93 41.63
CA ASP A 611 -44.51 -29.33 41.90
C ASP A 611 -45.54 -29.73 40.85
N LEU A 612 -45.06 -30.33 39.75
CA LEU A 612 -45.93 -30.85 38.70
C LEU A 612 -46.60 -32.15 39.09
N LYS A 613 -46.27 -32.72 40.25
CA LYS A 613 -47.00 -33.88 40.75
C LYS A 613 -48.28 -33.42 41.45
N ALA A 614 -48.21 -32.33 42.23
CA ALA A 614 -49.39 -31.86 42.95
C ALA A 614 -50.37 -31.19 41.99
N THR A 615 -49.86 -30.43 41.03
CA THR A 615 -50.69 -29.85 39.98
C THR A 615 -50.81 -30.85 38.86
N LYS A 616 -52.05 -31.13 38.44
CA LYS A 616 -52.26 -31.97 37.27
C LYS A 616 -51.74 -31.25 36.01
N GLU A 617 -50.92 -31.94 35.21
CA GLU A 617 -50.37 -31.32 34.00
C GLU A 617 -51.47 -31.00 33.00
N ALA A 618 -52.55 -31.80 32.97
CA ALA A 618 -53.70 -31.46 32.15
C ALA A 618 -54.35 -30.17 32.62
N ASP A 619 -54.32 -29.93 33.94
CA ASP A 619 -54.93 -28.73 34.50
C ASP A 619 -54.08 -27.49 34.23
N LEU A 620 -52.76 -27.61 34.32
CA LEU A 620 -51.89 -26.48 33.99
C LEU A 620 -52.01 -26.09 32.52
N SER A 621 -52.14 -27.08 31.62
CA SER A 621 -52.30 -26.77 30.21
C SER A 621 -53.61 -26.04 29.96
N LYS A 622 -54.68 -26.42 30.69
CA LYS A 622 -55.96 -25.75 30.53
C LYS A 622 -55.88 -24.31 31.05
N GLU A 623 -55.20 -24.10 32.19
CA GLU A 623 -55.08 -22.75 32.74
C GLU A 623 -54.23 -21.86 31.84
N LEU A 624 -53.23 -22.43 31.15
CA LEU A 624 -52.44 -21.65 30.21
C LEU A 624 -53.24 -21.29 28.96
N ALA A 625 -54.08 -22.20 28.49
CA ALA A 625 -54.90 -21.91 27.32
C ALA A 625 -55.90 -20.81 27.62
N ILE A 626 -56.47 -20.78 28.84
CA ILE A 626 -57.37 -19.69 29.20
C ILE A 626 -56.60 -18.37 29.30
N GLN A 627 -55.39 -18.40 29.88
CA GLN A 627 -54.59 -17.19 30.01
C GLN A 627 -54.24 -16.59 28.65
N VAL A 628 -53.94 -17.43 27.66
CA VAL A 628 -53.71 -16.93 26.31
C VAL A 628 -54.99 -16.35 25.73
N ARG A 629 -56.13 -17.06 25.91
CA ARG A 629 -57.39 -16.60 25.34
C ARG A 629 -57.81 -15.26 25.91
N LYS A 630 -57.53 -15.03 27.20
CA LYS A 630 -57.90 -13.77 27.83
C LYS A 630 -57.01 -12.63 27.37
N VAL A 631 -55.69 -12.84 27.43
CA VAL A 631 -54.76 -11.75 27.11
C VAL A 631 -54.84 -11.38 25.63
N ILE A 632 -54.97 -12.37 24.75
CA ILE A 632 -54.82 -12.14 23.31
C ILE A 632 -56.16 -12.22 22.57
N GLY A 633 -56.65 -13.44 22.34
CA GLY A 633 -57.90 -13.61 21.64
C GLY A 633 -58.42 -15.03 21.72
N PRO A 634 -59.69 -15.22 21.36
CA PRO A 634 -60.24 -16.58 21.27
C PRO A 634 -59.43 -17.52 20.38
N PHE A 635 -58.80 -17.01 19.33
CA PHE A 635 -58.09 -17.80 18.34
C PHE A 635 -56.70 -18.25 18.77
N ALA A 636 -56.11 -17.61 19.78
CA ALA A 636 -54.69 -17.76 20.09
C ALA A 636 -54.36 -18.98 20.96
N ALA A 637 -55.36 -19.71 21.46
CA ALA A 637 -55.09 -20.83 22.34
C ALA A 637 -54.29 -21.93 21.63
N PRO A 638 -53.33 -22.55 22.32
CA PRO A 638 -52.58 -23.67 21.71
C PRO A 638 -53.39 -24.96 21.67
N LYS A 639 -53.33 -25.66 20.52
CA LYS A 639 -53.95 -26.97 20.44
C LYS A 639 -53.26 -28.00 21.32
N LYS A 640 -51.94 -27.86 21.50
CA LYS A 640 -51.21 -28.75 22.40
C LYS A 640 -50.13 -27.94 23.11
N ILE A 641 -49.74 -28.44 24.28
CA ILE A 641 -48.72 -27.80 25.12
C ILE A 641 -47.81 -28.90 25.65
N TYR A 642 -46.50 -28.76 25.40
CA TYR A 642 -45.51 -29.74 25.85
C TYR A 642 -44.68 -29.13 26.97
N LEU A 643 -44.65 -29.80 28.11
CA LEU A 643 -43.87 -29.35 29.27
C LEU A 643 -42.47 -29.96 29.23
N VAL A 644 -41.44 -29.12 29.11
CA VAL A 644 -40.08 -29.59 28.91
C VAL A 644 -39.15 -28.91 29.91
N SER A 645 -38.02 -29.57 30.18
CA SER A 645 -37.10 -29.07 31.21
C SER A 645 -36.35 -27.82 30.74
N ASP A 646 -36.10 -27.70 29.44
CA ASP A 646 -35.44 -26.52 28.89
C ASP A 646 -35.79 -26.41 27.40
N LEU A 647 -35.42 -25.29 26.81
CA LEU A 647 -35.57 -25.08 25.37
C LEU A 647 -34.20 -24.96 24.70
N PRO A 648 -34.12 -25.25 23.39
CA PRO A 648 -32.86 -25.02 22.66
C PRO A 648 -32.61 -23.53 22.41
N LYS A 649 -31.49 -23.04 22.92
CA LYS A 649 -31.10 -21.63 22.81
C LYS A 649 -29.68 -21.51 22.25
N THR A 650 -29.43 -20.42 21.54
CA THR A 650 -28.10 -20.15 21.03
C THR A 650 -27.42 -19.08 21.87
N ARG A 651 -26.15 -18.82 21.56
CA ARG A 651 -25.45 -17.67 22.11
C ARG A 651 -25.58 -16.44 21.21
N SER A 652 -26.60 -16.42 20.35
CA SER A 652 -27.06 -15.25 19.62
C SER A 652 -28.40 -14.74 20.16
N GLY A 653 -28.67 -15.05 21.44
CA GLY A 653 -29.84 -14.58 22.14
C GLY A 653 -31.18 -15.08 21.62
N LYS A 654 -31.21 -16.24 20.98
CA LYS A 654 -32.44 -16.67 20.32
C LYS A 654 -32.78 -18.11 20.71
N ILE A 655 -34.07 -18.41 20.62
CA ILE A 655 -34.59 -19.74 20.83
C ILE A 655 -34.73 -20.42 19.46
N MET A 656 -34.31 -21.68 19.37
CA MET A 656 -34.31 -22.45 18.13
C MET A 656 -35.73 -22.90 17.77
N ARG A 657 -36.55 -21.93 17.33
CA ARG A 657 -37.93 -22.24 17.00
C ARG A 657 -38.02 -23.11 15.74
N ARG A 658 -37.18 -22.86 14.75
CA ARG A 658 -37.20 -23.69 13.54
C ARG A 658 -37.03 -25.16 13.90
N VAL A 659 -36.16 -25.45 14.88
CA VAL A 659 -35.94 -26.85 15.30
C VAL A 659 -37.22 -27.43 15.90
N LEU A 660 -37.87 -26.67 16.78
CA LEU A 660 -39.09 -27.16 17.41
C LEU A 660 -40.20 -27.35 16.38
N ARG A 661 -40.27 -26.44 15.40
CA ARG A 661 -41.26 -26.51 14.34
C ARG A 661 -41.11 -27.79 13.53
N LYS A 662 -39.86 -28.14 13.19
CA LYS A 662 -39.63 -29.37 12.44
C LYS A 662 -39.95 -30.60 13.28
N ILE A 663 -39.66 -30.54 14.59
CA ILE A 663 -39.96 -31.67 15.47
C ILE A 663 -41.47 -31.88 15.57
N VAL A 664 -42.24 -30.79 15.67
CA VAL A 664 -43.69 -30.91 15.70
C VAL A 664 -44.21 -31.44 14.37
N ALA A 665 -43.57 -31.08 13.26
CA ALA A 665 -43.93 -31.53 11.92
C ALA A 665 -43.53 -32.98 11.64
N GLY A 666 -42.86 -33.63 12.59
CA GLY A 666 -42.36 -34.97 12.41
C GLY A 666 -41.07 -35.08 11.65
N GLU A 667 -40.45 -33.96 11.29
CA GLU A 667 -39.23 -33.94 10.51
C GLU A 667 -37.98 -33.91 11.40
N GLY A 668 -38.10 -34.38 12.64
CA GLY A 668 -36.99 -34.37 13.57
C GLY A 668 -35.82 -35.24 13.18
N ASP A 669 -36.08 -36.30 12.39
CA ASP A 669 -35.00 -37.21 11.99
C ASP A 669 -33.89 -36.49 11.23
N GLN A 670 -34.23 -35.41 10.51
CA GLN A 670 -33.27 -34.68 9.68
C GLN A 670 -33.27 -33.19 10.08
N LEU A 671 -32.70 -32.87 11.25
CA LEU A 671 -32.65 -31.49 11.73
C LEU A 671 -31.35 -30.77 11.39
N GLY A 672 -30.28 -31.51 11.09
CA GLY A 672 -28.99 -30.92 10.82
C GLY A 672 -28.09 -30.75 12.04
N ASP A 673 -27.23 -29.73 12.00
CA ASP A 673 -26.18 -29.52 13.00
C ASP A 673 -26.70 -28.59 14.11
N LEU A 674 -26.76 -29.12 15.34
CA LEU A 674 -27.24 -28.37 16.50
C LEU A 674 -26.10 -27.74 17.30
N SER A 675 -24.95 -27.54 16.65
CA SER A 675 -23.76 -27.02 17.31
C SER A 675 -23.99 -25.65 17.92
N SER A 676 -24.94 -24.89 17.40
CA SER A 676 -25.18 -23.54 17.89
C SER A 676 -25.93 -23.54 19.20
N ILE A 677 -26.64 -24.62 19.53
CA ILE A 677 -27.45 -24.68 20.74
C ILE A 677 -26.54 -24.85 21.96
N ALA A 678 -26.89 -24.16 23.05
CA ALA A 678 -26.05 -24.11 24.24
C ALA A 678 -25.89 -25.48 24.90
N ASP A 679 -27.01 -26.15 25.22
CA ASP A 679 -26.99 -27.51 25.76
C ASP A 679 -27.64 -28.40 24.71
N PRO A 680 -26.87 -28.95 23.77
CA PRO A 680 -27.47 -29.63 22.61
C PRO A 680 -28.29 -30.88 22.97
N GLN A 681 -28.03 -31.50 24.13
CA GLN A 681 -28.75 -32.71 24.50
C GLN A 681 -30.25 -32.47 24.72
N ILE A 682 -30.68 -31.21 24.80
CA ILE A 682 -32.09 -30.89 25.04
C ILE A 682 -32.98 -31.29 23.87
N VAL A 683 -32.46 -31.28 22.65
CA VAL A 683 -33.29 -31.62 21.49
C VAL A 683 -33.71 -33.09 21.55
N GLU A 684 -32.87 -33.95 22.13
CA GLU A 684 -33.27 -35.36 22.30
C GLU A 684 -34.42 -35.49 23.29
N GLU A 685 -34.50 -34.61 24.30
CA GLU A 685 -35.65 -34.66 25.20
C GLU A 685 -36.92 -34.17 24.53
N VAL A 686 -36.83 -33.10 23.74
CA VAL A 686 -38.01 -32.58 23.05
C VAL A 686 -38.55 -33.62 22.07
N LYS A 687 -37.65 -34.36 21.39
CA LYS A 687 -38.09 -35.43 20.51
C LYS A 687 -38.88 -36.50 21.26
N GLN A 688 -38.40 -36.87 22.46
CA GLN A 688 -39.08 -37.92 23.23
C GLN A 688 -40.47 -37.48 23.65
N LYS A 689 -40.59 -36.25 24.17
CA LYS A 689 -41.88 -35.78 24.69
C LYS A 689 -42.90 -35.50 23.59
N VAL A 690 -42.45 -35.01 22.43
CA VAL A 690 -43.39 -34.78 21.33
C VAL A 690 -43.88 -36.12 20.79
N THR A 691 -43.05 -37.16 20.85
CA THR A 691 -43.43 -38.52 20.43
C THR A 691 -43.90 -39.34 21.63
N HIS B 25 8.76 29.96 -52.46
CA HIS B 25 8.56 29.10 -51.28
C HIS B 25 9.30 27.78 -51.44
N HIS B 26 10.21 27.50 -50.51
CA HIS B 26 10.98 26.25 -50.59
C HIS B 26 10.09 25.04 -50.36
N VAL B 27 9.23 25.07 -49.33
CA VAL B 27 8.33 23.97 -49.00
C VAL B 27 6.92 24.28 -49.52
N HIS B 28 6.31 23.31 -50.20
CA HIS B 28 4.99 23.47 -50.81
C HIS B 28 3.95 22.66 -50.03
N PRO B 29 2.69 23.08 -50.03
CA PRO B 29 1.63 22.25 -49.44
C PRO B 29 1.43 20.96 -50.23
N LEU B 30 0.80 19.99 -49.56
CA LEU B 30 0.38 18.78 -50.24
C LEU B 30 -0.49 19.13 -51.45
N PRO B 31 -0.33 18.46 -52.59
CA PRO B 31 -1.06 18.84 -53.80
C PRO B 31 -2.58 18.87 -53.59
N ASP B 32 -3.21 19.92 -54.10
CA ASP B 32 -4.66 20.07 -54.04
C ASP B 32 -5.18 20.65 -55.36
N SER B 33 -6.48 20.44 -55.59
CA SER B 33 -7.15 21.08 -56.72
C SER B 33 -7.29 22.58 -56.51
N VAL B 34 -7.60 22.98 -55.28
CA VAL B 34 -7.84 24.39 -54.93
C VAL B 34 -6.52 25.14 -54.98
N PRO B 35 -6.47 26.31 -55.62
CA PRO B 35 -5.27 27.16 -55.51
C PRO B 35 -5.03 27.55 -54.05
N GLU B 36 -3.77 27.85 -53.73
CA GLU B 36 -3.45 28.20 -52.35
C GLU B 36 -4.21 29.44 -51.90
N SER B 37 -4.42 30.40 -52.81
CA SER B 37 -5.09 31.65 -52.45
C SER B 37 -6.47 31.41 -51.87
N GLU B 38 -7.15 30.34 -52.28
CA GLU B 38 -8.55 30.11 -51.90
C GLU B 38 -8.72 28.94 -50.93
N ASP B 39 -7.64 28.50 -50.29
CA ASP B 39 -7.59 27.24 -49.55
C ASP B 39 -7.32 27.45 -48.06
N LEU B 40 -7.71 28.61 -47.53
CA LEU B 40 -7.50 28.93 -46.11
C LEU B 40 -8.85 29.12 -45.45
N PHE B 41 -9.13 28.30 -44.44
CA PHE B 41 -10.46 28.19 -43.86
C PHE B 41 -10.44 28.67 -42.41
N ALA B 42 -11.00 29.87 -42.20
CA ALA B 42 -11.13 30.43 -40.87
C ALA B 42 -12.22 29.71 -40.08
N PRO B 43 -12.13 29.72 -38.75
CA PRO B 43 -13.15 29.06 -37.93
C PRO B 43 -14.55 29.53 -38.32
N PRO B 44 -15.41 28.59 -38.68
CA PRO B 44 -16.75 28.94 -39.20
C PRO B 44 -17.69 29.36 -38.07
N PRO B 45 -18.91 29.80 -38.40
CA PRO B 45 -19.80 30.34 -37.34
C PRO B 45 -20.02 29.42 -36.14
N ARG B 46 -20.16 28.11 -36.36
CA ARG B 46 -20.40 27.21 -35.23
C ARG B 46 -19.25 27.20 -34.23
N MET B 47 -18.06 27.60 -34.65
CA MET B 47 -16.91 27.76 -33.76
C MET B 47 -16.64 29.21 -33.40
N GLN B 48 -17.65 30.10 -33.51
CA GLN B 48 -17.51 31.49 -33.13
C GLN B 48 -18.45 31.91 -32.00
N GLY B 49 -19.12 30.97 -31.33
CA GLY B 49 -20.14 31.36 -30.38
C GLY B 49 -21.40 31.89 -31.01
N LYS B 50 -21.59 31.65 -32.30
CA LYS B 50 -22.80 32.02 -33.03
C LYS B 50 -23.79 30.85 -33.04
N GLU B 51 -25.00 31.13 -33.52
CA GLU B 51 -26.06 30.13 -33.69
C GLU B 51 -26.31 29.36 -32.39
N GLY B 52 -26.17 30.06 -31.26
CA GLY B 52 -26.41 29.47 -29.95
C GLY B 52 -25.39 28.46 -29.49
N ARG B 53 -24.36 28.17 -30.30
CA ARG B 53 -23.33 27.21 -29.94
C ARG B 53 -22.37 27.78 -28.89
N PRO B 54 -21.70 26.92 -28.12
CA PRO B 54 -20.79 27.40 -27.08
C PRO B 54 -19.68 28.28 -27.65
N LYS B 55 -19.17 29.17 -26.79
CA LYS B 55 -18.03 30.01 -27.11
C LYS B 55 -16.74 29.20 -26.97
N PRO B 56 -15.80 29.34 -27.90
CA PRO B 56 -14.57 28.53 -27.84
C PRO B 56 -13.72 28.84 -26.62
N HIS B 57 -13.04 27.81 -26.10
CA HIS B 57 -12.17 28.02 -24.95
C HIS B 57 -10.97 28.88 -25.30
N ILE B 58 -10.52 28.81 -26.55
CA ILE B 58 -9.45 29.64 -27.07
C ILE B 58 -9.97 30.29 -28.33
N GLY B 59 -9.80 31.61 -28.44
CA GLY B 59 -10.23 32.33 -29.62
C GLY B 59 -10.01 33.82 -29.50
N PRO B 60 -10.26 34.55 -30.59
CA PRO B 60 -10.86 34.01 -31.81
C PRO B 60 -9.89 33.84 -32.98
N ASN B 61 -8.59 34.02 -32.76
CA ASN B 61 -7.65 34.06 -33.87
C ASN B 61 -6.36 33.38 -33.45
N TYR B 62 -5.35 33.49 -34.32
CA TYR B 62 -4.07 32.84 -34.10
C TYR B 62 -3.33 33.41 -32.91
N GLU B 63 -3.43 34.72 -32.68
CA GLU B 63 -2.68 35.32 -31.57
C GLU B 63 -3.17 34.80 -30.22
N SER B 64 -4.47 34.53 -30.10
CA SER B 64 -4.98 34.01 -28.85
C SER B 64 -4.37 32.64 -28.54
N TYR B 65 -4.11 31.84 -29.57
CA TYR B 65 -3.46 30.56 -29.35
C TYR B 65 -2.03 30.74 -28.87
N VAL B 66 -1.28 31.66 -29.50
CA VAL B 66 0.11 31.91 -29.11
C VAL B 66 0.18 32.43 -27.68
N LYS B 67 -0.70 33.36 -27.33
CA LYS B 67 -0.66 33.95 -26.00
C LYS B 67 -0.79 32.90 -24.92
N GLU B 68 -1.69 31.92 -25.12
CA GLU B 68 -1.83 30.85 -24.14
C GLU B 68 -0.71 29.81 -24.28
N TRP B 69 -0.32 29.49 -25.52
CA TRP B 69 0.71 28.47 -25.73
C TRP B 69 2.04 28.90 -25.11
N ALA B 70 2.39 30.19 -25.21
CA ALA B 70 3.62 30.66 -24.62
C ALA B 70 3.67 30.46 -23.11
N LYS B 71 2.52 30.32 -22.44
CA LYS B 71 2.54 30.06 -21.01
C LYS B 71 2.94 28.63 -20.69
N THR B 72 2.89 27.73 -21.67
CA THR B 72 3.01 26.29 -21.43
C THR B 72 4.34 25.71 -21.89
N VAL B 73 5.24 26.51 -22.45
CA VAL B 73 6.56 26.03 -22.86
C VAL B 73 7.63 27.01 -22.41
N GLY B 74 8.85 26.49 -22.24
CA GLY B 74 9.96 27.32 -21.84
C GLY B 74 10.18 27.30 -20.34
N PRO B 75 11.07 28.19 -19.85
CA PRO B 75 11.51 28.10 -18.45
C PRO B 75 10.48 28.56 -17.43
N ASN B 76 9.40 29.20 -17.85
CA ASN B 76 8.40 29.72 -16.92
C ASN B 76 7.05 29.01 -17.04
N SER B 77 7.03 27.83 -17.59
CA SER B 77 5.77 27.15 -17.79
C SER B 77 5.31 26.35 -16.58
N ASP B 78 6.16 26.19 -15.56
CA ASP B 78 5.76 25.42 -14.37
C ASP B 78 4.48 25.96 -13.78
N GLU B 79 4.36 27.29 -13.69
CA GLU B 79 3.20 27.89 -13.03
C GLU B 79 1.91 27.45 -13.73
N TRP B 80 1.89 27.55 -15.06
CA TRP B 80 0.70 27.13 -15.81
C TRP B 80 0.39 25.66 -15.57
N TRP B 81 1.41 24.79 -15.72
CA TRP B 81 1.14 23.35 -15.63
C TRP B 81 0.71 22.95 -14.24
N ALA B 82 1.30 23.54 -13.20
CA ALA B 82 0.86 23.22 -11.85
C ALA B 82 -0.61 23.58 -11.66
N ALA B 83 -1.01 24.75 -12.17
CA ALA B 83 -2.41 25.15 -12.00
C ALA B 83 -3.35 24.25 -12.81
N LYS B 84 -3.00 23.97 -14.06
CA LYS B 84 -3.86 23.10 -14.85
C LYS B 84 -4.03 21.73 -14.20
N ALA B 85 -2.94 21.18 -13.66
CA ALA B 85 -3.01 19.88 -13.03
C ALA B 85 -3.91 19.89 -11.80
N ARG B 86 -3.87 20.97 -11.02
CA ARG B 86 -4.70 21.03 -9.82
C ARG B 86 -6.16 21.27 -10.16
N GLU B 87 -6.41 21.93 -11.28
CA GLU B 87 -7.77 22.26 -11.70
C GLU B 87 -8.44 21.11 -12.44
N THR B 88 -7.68 20.31 -13.17
CA THR B 88 -8.28 19.33 -14.05
C THR B 88 -8.54 18.00 -13.35
N LEU B 89 -7.69 17.62 -12.41
CA LEU B 89 -7.75 16.32 -11.77
C LEU B 89 -8.06 16.50 -10.28
N ASP B 90 -8.68 15.46 -9.70
CA ASP B 90 -8.82 15.36 -8.27
C ASP B 90 -7.67 14.53 -7.70
N TRP B 91 -6.97 15.07 -6.71
CA TRP B 91 -5.80 14.42 -6.15
C TRP B 91 -6.07 13.94 -4.73
N TYR B 92 -5.47 12.80 -4.38
CA TYR B 92 -5.45 12.37 -2.98
C TYR B 92 -4.36 13.10 -2.20
N ASP B 93 -3.17 13.27 -2.79
CA ASP B 93 -2.11 14.05 -2.21
C ASP B 93 -1.59 15.02 -3.27
N ASP B 94 -1.46 16.29 -2.91
CA ASP B 94 -0.88 17.28 -3.81
C ASP B 94 0.57 16.93 -4.12
N PHE B 95 1.06 17.40 -5.26
CA PHE B 95 2.45 17.31 -5.66
C PHE B 95 3.22 18.54 -5.19
N LYS B 96 4.54 18.41 -5.14
CA LYS B 96 5.44 19.50 -4.80
C LYS B 96 6.30 19.90 -5.98
N THR B 97 6.86 18.92 -6.68
CA THR B 97 7.71 19.16 -7.86
C THR B 97 6.82 19.11 -9.10
N VAL B 98 7.00 20.08 -9.99
CA VAL B 98 6.23 20.07 -11.23
C VAL B 98 6.81 19.05 -12.20
N ARG B 99 8.11 19.18 -12.51
CA ARG B 99 8.72 18.33 -13.54
C ARG B 99 10.18 18.06 -13.23
N ALA B 100 10.69 16.98 -13.82
CA ALA B 100 12.09 16.60 -13.68
C ALA B 100 12.43 15.54 -14.71
N GLY B 101 13.73 15.28 -14.84
CA GLY B 101 14.21 14.23 -15.69
C GLY B 101 14.34 14.70 -17.12
N GLY B 102 14.64 13.74 -18.01
CA GLY B 102 14.91 14.14 -19.39
C GLY B 102 14.96 12.94 -20.31
N PHE B 103 15.29 13.25 -21.57
CA PHE B 103 15.36 12.25 -22.63
C PHE B 103 16.59 11.37 -22.49
N GLU B 104 17.72 11.95 -22.07
CA GLU B 104 19.01 11.25 -22.20
C GLU B 104 19.00 9.88 -21.53
N HIS B 105 18.42 9.80 -20.33
CA HIS B 105 18.35 8.54 -19.62
C HIS B 105 16.90 8.03 -19.48
N GLY B 106 15.93 8.79 -19.96
CA GLY B 106 14.56 8.33 -19.87
C GLY B 106 14.09 8.21 -18.44
N ASP B 107 14.25 9.28 -17.69
CA ASP B 107 13.79 9.37 -16.31
C ASP B 107 12.74 10.47 -16.15
N VAL B 108 11.90 10.64 -17.17
CA VAL B 108 10.94 11.75 -17.16
C VAL B 108 10.00 11.62 -15.97
N GLN B 109 9.81 12.73 -15.26
CA GLN B 109 8.93 12.81 -14.09
C GLN B 109 8.02 14.02 -14.18
N TRP B 110 6.72 13.82 -13.93
CA TRP B 110 5.77 14.92 -13.80
C TRP B 110 4.94 14.70 -12.54
N PHE B 111 4.86 15.74 -11.71
CA PHE B 111 4.09 15.78 -10.47
C PHE B 111 4.42 14.61 -9.55
N PRO B 112 5.71 14.25 -9.37
CA PRO B 112 6.02 12.94 -8.76
C PRO B 112 5.43 12.67 -7.38
N GLU B 113 5.39 13.66 -6.48
CA GLU B 113 4.91 13.37 -5.13
C GLU B 113 3.40 13.24 -5.02
N GLY B 114 2.66 13.56 -6.08
CA GLY B 114 1.21 13.53 -5.99
C GLY B 114 0.67 12.12 -6.07
N THR B 115 -0.53 11.94 -5.51
CA THR B 115 -1.27 10.70 -5.64
C THR B 115 -2.66 10.97 -6.16
N LEU B 116 -3.17 10.05 -6.96
CA LEU B 116 -4.48 10.17 -7.61
C LEU B 116 -4.90 8.78 -8.07
N ASN B 117 -6.06 8.70 -8.69
CA ASN B 117 -6.51 7.46 -9.30
C ASN B 117 -7.28 7.80 -10.58
N ALA B 118 -6.95 7.10 -11.66
CA ALA B 118 -7.59 7.40 -12.94
C ALA B 118 -9.08 7.10 -12.92
N ALA B 119 -9.48 6.00 -12.28
CA ALA B 119 -10.90 5.68 -12.23
C ALA B 119 -11.68 6.71 -11.42
N TYR B 120 -11.07 7.21 -10.34
CA TYR B 120 -11.76 8.23 -9.55
C TYR B 120 -12.01 9.47 -10.38
N ASN B 121 -11.10 9.79 -11.28
CA ASN B 121 -11.22 11.00 -12.07
C ASN B 121 -12.12 10.80 -13.28
N CYS B 122 -12.28 9.57 -13.76
CA CYS B 122 -13.14 9.30 -14.90
C CYS B 122 -14.53 8.81 -14.53
N LEU B 123 -14.75 8.40 -13.28
CA LEU B 123 -16.05 7.88 -12.89
C LEU B 123 -16.56 8.53 -11.62
N ASP B 124 -15.97 8.14 -10.48
CA ASP B 124 -16.57 8.44 -9.18
C ASP B 124 -16.99 9.90 -9.10
N ARG B 125 -16.06 10.82 -9.40
CA ARG B 125 -16.33 12.23 -9.15
C ARG B 125 -17.49 12.74 -10.00
N HIS B 126 -17.66 12.21 -11.22
CA HIS B 126 -18.80 12.62 -12.03
C HIS B 126 -20.06 11.89 -11.58
N TYR B 127 -19.89 10.64 -11.14
CA TYR B 127 -21.01 9.91 -10.54
C TYR B 127 -21.52 10.66 -9.32
N TYR B 128 -20.62 11.25 -8.55
CA TYR B 128 -21.06 11.99 -7.38
C TYR B 128 -21.83 13.25 -7.76
N LYS B 129 -21.52 13.87 -8.90
CA LYS B 129 -22.20 15.11 -9.25
C LYS B 129 -23.50 14.87 -10.02
N ASN B 130 -23.52 13.95 -10.99
CA ASN B 130 -24.72 13.66 -11.76
C ASN B 130 -24.67 12.20 -12.22
N PRO B 131 -25.07 11.28 -11.34
CA PRO B 131 -24.98 9.86 -11.68
C PRO B 131 -25.81 9.44 -12.90
N LYS B 132 -26.92 10.12 -13.20
CA LYS B 132 -27.79 9.69 -14.30
C LYS B 132 -27.35 10.23 -15.66
N LYS B 133 -26.31 11.07 -15.70
CA LYS B 133 -25.79 11.56 -16.96
C LYS B 133 -25.18 10.42 -17.77
N THR B 134 -25.36 10.47 -19.08
CA THR B 134 -24.86 9.41 -19.96
C THR B 134 -23.35 9.51 -20.11
N ALA B 135 -22.65 8.46 -19.68
CA ALA B 135 -21.21 8.37 -19.90
C ALA B 135 -20.88 7.83 -21.29
N ILE B 136 -21.58 6.81 -21.76
CA ILE B 136 -21.22 6.16 -23.01
C ILE B 136 -22.45 6.00 -23.88
N ILE B 137 -22.34 6.45 -25.12
CA ILE B 137 -23.29 6.09 -26.17
C ILE B 137 -22.76 4.81 -26.82
N TYR B 138 -23.42 3.70 -26.54
CA TYR B 138 -23.00 2.40 -27.07
C TYR B 138 -23.71 2.20 -28.39
N GLU B 139 -22.98 2.39 -29.47
CA GLU B 139 -23.47 2.15 -30.82
C GLU B 139 -23.13 0.71 -31.16
N ALA B 140 -24.09 -0.18 -31.01
CA ALA B 140 -23.89 -1.60 -31.24
C ALA B 140 -23.70 -1.88 -32.74
N ASP B 141 -23.14 -3.06 -33.04
CA ASP B 141 -22.97 -3.43 -34.45
C ASP B 141 -24.31 -3.36 -35.18
N GLU B 142 -25.38 -3.81 -34.53
CA GLU B 142 -26.74 -3.59 -35.06
C GLU B 142 -27.31 -2.30 -34.52
N PRO B 143 -27.65 -1.33 -35.37
CA PRO B 143 -28.10 0.00 -34.88
C PRO B 143 -29.24 -0.02 -33.88
N SER B 144 -30.19 -0.95 -34.02
CA SER B 144 -31.34 -1.01 -33.11
C SER B 144 -30.94 -1.38 -31.70
N GLU B 145 -29.81 -2.06 -31.52
CA GLU B 145 -29.32 -2.50 -30.22
C GLU B 145 -28.53 -1.43 -29.47
N SER B 146 -28.47 -0.21 -29.99
CA SER B 146 -27.74 0.85 -29.31
C SER B 146 -28.50 1.33 -28.08
N ARG B 147 -27.77 1.83 -27.11
CA ARG B 147 -28.37 2.39 -25.90
C ARG B 147 -27.33 3.27 -25.20
N GLU B 148 -27.83 4.08 -24.27
CA GLU B 148 -27.00 4.95 -23.44
C GLU B 148 -26.63 4.25 -22.13
N VAL B 149 -25.38 4.45 -21.70
CA VAL B 149 -24.88 3.91 -20.44
C VAL B 149 -24.51 5.09 -19.53
N SER B 150 -25.22 5.21 -18.42
CA SER B 150 -24.97 6.30 -17.49
C SER B 150 -23.67 6.10 -16.72
N TYR B 151 -23.20 7.18 -16.09
CA TYR B 151 -22.03 7.07 -15.22
C TYR B 151 -22.29 6.09 -14.10
N GLU B 152 -23.50 6.13 -13.53
CA GLU B 152 -23.85 5.18 -12.47
C GLU B 152 -23.65 3.74 -12.93
N GLU B 153 -24.25 3.36 -14.05
CA GLU B 153 -24.11 1.99 -14.53
C GLU B 153 -22.65 1.66 -14.83
N LEU B 154 -21.94 2.59 -15.46
CA LEU B 154 -20.55 2.34 -15.82
C LEU B 154 -19.68 2.23 -14.56
N MET B 155 -19.96 3.04 -13.54
CA MET B 155 -19.19 2.91 -12.32
C MET B 155 -19.47 1.59 -11.63
N GLN B 156 -20.74 1.18 -11.60
CA GLN B 156 -21.09 -0.09 -10.97
C GLN B 156 -20.43 -1.26 -11.69
N GLU B 157 -20.52 -1.29 -13.02
CA GLU B 157 -19.91 -2.40 -13.74
C GLU B 157 -18.40 -2.39 -13.54
N THR B 158 -17.78 -1.20 -13.51
CA THR B 158 -16.36 -1.09 -13.24
C THR B 158 -16.02 -1.59 -11.84
N CYS B 159 -16.78 -1.16 -10.83
CA CYS B 159 -16.48 -1.62 -9.47
C CYS B 159 -16.65 -3.12 -9.33
N ARG B 160 -17.69 -3.69 -9.96
CA ARG B 160 -17.87 -5.14 -9.91
C ARG B 160 -16.64 -5.87 -10.47
N VAL B 161 -16.19 -5.47 -11.66
CA VAL B 161 -15.02 -6.11 -12.26
C VAL B 161 -13.80 -5.90 -11.39
N ALA B 162 -13.65 -4.70 -10.83
CA ALA B 162 -12.49 -4.46 -9.97
C ALA B 162 -12.48 -5.42 -8.79
N ASN B 163 -13.64 -5.66 -8.18
CA ASN B 163 -13.72 -6.66 -7.11
C ASN B 163 -13.39 -8.05 -7.64
N VAL B 164 -13.87 -8.38 -8.84
CA VAL B 164 -13.56 -9.68 -9.41
C VAL B 164 -12.06 -9.86 -9.58
N LEU B 165 -11.38 -8.85 -10.17
CA LEU B 165 -9.94 -8.93 -10.34
C LEU B 165 -9.23 -9.07 -9.00
N LYS B 166 -9.67 -8.33 -7.98
CA LYS B 166 -9.05 -8.45 -6.67
C LYS B 166 -9.22 -9.84 -6.09
N SER B 167 -10.36 -10.48 -6.34
CA SER B 167 -10.52 -11.84 -5.84
C SER B 167 -9.57 -12.83 -6.51
N TYR B 168 -9.11 -12.53 -7.72
CA TYR B 168 -8.12 -13.36 -8.39
C TYR B 168 -6.71 -13.10 -7.88
N GLY B 169 -6.54 -12.19 -6.93
CA GLY B 169 -5.22 -11.87 -6.42
C GLY B 169 -4.49 -10.79 -7.17
N VAL B 170 -5.15 -10.08 -8.09
CA VAL B 170 -4.48 -8.98 -8.79
C VAL B 170 -4.13 -7.88 -7.80
N LYS B 171 -2.85 -7.50 -7.77
CA LYS B 171 -2.37 -6.43 -6.92
C LYS B 171 -1.97 -5.21 -7.74
N LYS B 172 -1.85 -4.09 -7.03
CA LYS B 172 -1.22 -2.88 -7.57
C LYS B 172 0.08 -3.25 -8.28
N GLY B 173 0.22 -2.80 -9.52
CA GLY B 173 1.40 -3.06 -10.34
C GLY B 173 1.37 -4.33 -11.18
N ASP B 174 0.37 -5.20 -11.03
CA ASP B 174 0.23 -6.38 -11.88
C ASP B 174 -0.35 -5.99 -13.23
N ALA B 175 0.14 -6.62 -14.28
CA ALA B 175 -0.39 -6.43 -15.61
C ALA B 175 -1.65 -7.30 -15.79
N VAL B 176 -2.60 -6.78 -16.58
CA VAL B 176 -3.82 -7.50 -16.93
C VAL B 176 -4.09 -7.32 -18.42
N SER B 177 -4.20 -8.43 -19.14
CA SER B 177 -4.43 -8.37 -20.58
C SER B 177 -5.91 -8.23 -20.91
N ILE B 178 -6.20 -7.44 -21.92
CA ILE B 178 -7.57 -7.21 -22.36
C ILE B 178 -7.66 -7.50 -23.85
N TYR B 179 -8.45 -8.50 -24.19
CA TYR B 179 -8.69 -8.87 -25.57
C TYR B 179 -10.19 -8.67 -25.82
N LEU B 180 -10.61 -7.42 -25.99
CA LEU B 180 -12.04 -7.16 -26.09
C LEU B 180 -12.42 -6.42 -27.36
N PRO B 181 -13.56 -6.74 -27.96
CA PRO B 181 -14.07 -5.97 -29.08
C PRO B 181 -14.77 -4.70 -28.55
N MET B 182 -15.26 -3.89 -29.49
CA MET B 182 -15.75 -2.55 -29.19
C MET B 182 -17.17 -2.59 -28.61
N THR B 183 -17.27 -3.17 -27.42
CA THR B 183 -18.50 -3.06 -26.65
C THR B 183 -18.24 -2.22 -25.41
N TRP B 184 -19.30 -1.65 -24.87
CA TRP B 184 -19.11 -0.62 -23.85
C TRP B 184 -18.40 -1.16 -22.63
N GLN B 185 -18.46 -2.47 -22.38
CA GLN B 185 -17.76 -3.02 -21.24
C GLN B 185 -16.25 -2.91 -21.37
N ALA B 186 -15.73 -2.62 -22.56
CA ALA B 186 -14.29 -2.43 -22.68
C ALA B 186 -13.83 -1.34 -21.74
N ALA B 187 -14.57 -0.21 -21.69
CA ALA B 187 -14.23 0.87 -20.78
C ALA B 187 -14.30 0.43 -19.33
N ALA B 188 -15.30 -0.38 -18.99
CA ALA B 188 -15.35 -0.88 -17.62
C ALA B 188 -14.11 -1.73 -17.33
N ALA B 189 -13.58 -2.45 -18.32
CA ALA B 189 -12.41 -3.27 -18.01
C ALA B 189 -11.16 -2.41 -17.87
N PHE B 190 -10.98 -1.42 -18.75
CA PHE B 190 -9.86 -0.50 -18.59
C PHE B 190 -9.90 0.13 -17.22
N LEU B 191 -11.02 0.79 -16.90
CA LEU B 191 -11.07 1.54 -15.66
C LEU B 191 -10.98 0.64 -14.44
N ALA B 192 -11.46 -0.60 -14.54
CA ALA B 192 -11.38 -1.51 -13.40
C ALA B 192 -9.94 -1.84 -13.08
N CYS B 193 -9.10 -2.02 -14.11
CA CYS B 193 -7.68 -2.17 -13.86
C CYS B 193 -7.12 -0.91 -13.26
N ALA B 194 -7.45 0.23 -13.85
CA ALA B 194 -6.92 1.49 -13.36
C ALA B 194 -7.37 1.75 -11.93
N ARG B 195 -8.57 1.28 -11.59
CA ARG B 195 -9.12 1.53 -10.27
C ARG B 195 -8.28 0.87 -9.17
N ILE B 196 -7.74 -0.31 -9.45
CA ILE B 196 -6.98 -1.05 -8.45
C ILE B 196 -5.47 -0.91 -8.66
N GLY B 197 -5.05 -0.08 -9.60
CA GLY B 197 -3.62 0.11 -9.82
C GLY B 197 -2.96 -0.96 -10.65
N ALA B 198 -3.73 -1.80 -11.32
CA ALA B 198 -3.20 -2.78 -12.23
C ALA B 198 -2.94 -2.12 -13.58
N ILE B 199 -2.06 -2.74 -14.37
CA ILE B 199 -1.61 -2.18 -15.63
C ILE B 199 -2.34 -2.93 -16.74
N HIS B 200 -3.31 -2.28 -17.39
CA HIS B 200 -3.97 -3.00 -18.45
C HIS B 200 -3.15 -2.96 -19.72
N SER B 201 -3.29 -4.02 -20.52
CA SER B 201 -2.58 -4.17 -21.79
C SER B 201 -3.62 -4.68 -22.81
N ALA B 202 -4.17 -3.76 -23.61
CA ALA B 202 -5.25 -4.06 -24.53
C ALA B 202 -4.73 -4.46 -25.90
N VAL B 203 -5.27 -5.54 -26.46
CA VAL B 203 -4.89 -6.03 -27.77
C VAL B 203 -6.12 -6.05 -28.68
N PHE B 204 -5.97 -5.54 -29.90
CA PHE B 204 -7.05 -5.51 -30.88
C PHE B 204 -7.75 -6.85 -30.96
N ALA B 205 -9.06 -6.84 -30.82
CA ALA B 205 -9.83 -8.04 -31.07
C ALA B 205 -9.66 -8.42 -32.54
N GLY B 206 -9.34 -9.67 -32.80
CA GLY B 206 -9.03 -10.12 -34.14
C GLY B 206 -7.55 -10.32 -34.44
N PHE B 207 -6.66 -9.95 -33.52
CA PHE B 207 -5.28 -10.37 -33.67
C PHE B 207 -5.20 -11.89 -33.55
N SER B 208 -4.27 -12.48 -34.28
CA SER B 208 -4.07 -13.92 -34.28
C SER B 208 -3.54 -14.40 -32.94
N ALA B 209 -3.73 -15.70 -32.69
CA ALA B 209 -3.29 -16.31 -31.44
C ALA B 209 -1.81 -16.06 -31.18
N GLU B 210 -0.98 -16.10 -32.24
CA GLU B 210 0.45 -15.84 -32.07
C GLU B 210 0.70 -14.41 -31.61
N SER B 211 0.10 -13.43 -32.28
CA SER B 211 0.25 -12.03 -31.86
C SER B 211 -0.21 -11.85 -30.43
N LEU B 212 -1.36 -12.43 -30.08
CA LEU B 212 -1.89 -12.29 -28.73
C LEU B 212 -0.96 -12.95 -27.73
N ARG B 213 -0.52 -14.17 -28.05
CA ARG B 213 0.38 -14.90 -27.17
C ARG B 213 1.62 -14.06 -26.87
N ASP B 214 2.22 -13.51 -27.91
CA ASP B 214 3.45 -12.74 -27.70
C ASP B 214 3.22 -11.54 -26.79
N ARG B 215 2.07 -10.85 -26.94
CA ARG B 215 1.82 -9.71 -26.06
C ARG B 215 1.48 -10.16 -24.64
N VAL B 216 0.68 -11.21 -24.51
CA VAL B 216 0.34 -11.73 -23.20
C VAL B 216 1.59 -12.18 -22.45
N ASN B 217 2.53 -12.82 -23.15
CA ASN B 217 3.75 -13.29 -22.49
C ASN B 217 4.70 -12.14 -22.18
N ASP B 218 4.78 -11.13 -23.05
CA ASP B 218 5.73 -10.05 -22.80
C ASP B 218 5.34 -9.22 -21.60
N CYS B 219 4.03 -9.01 -21.38
CA CYS B 219 3.59 -8.17 -20.28
C CYS B 219 3.49 -8.93 -18.97
N GLU B 220 3.59 -10.27 -19.01
CA GLU B 220 3.67 -11.11 -17.82
C GLU B 220 2.40 -11.02 -16.98
N CYS B 221 1.27 -10.75 -17.61
CA CYS B 221 0.00 -10.71 -16.88
C CYS B 221 -0.37 -12.10 -16.40
N LYS B 222 -1.17 -12.15 -15.32
CA LYS B 222 -1.71 -13.40 -14.81
C LYS B 222 -3.21 -13.53 -15.03
N VAL B 223 -3.85 -12.51 -15.57
CA VAL B 223 -5.29 -12.49 -15.82
C VAL B 223 -5.52 -11.95 -17.22
N LEU B 224 -6.56 -12.47 -17.88
CA LEU B 224 -6.95 -12.02 -19.21
C LEU B 224 -8.46 -11.85 -19.30
N ILE B 225 -8.90 -10.76 -19.89
CA ILE B 225 -10.32 -10.45 -20.05
C ILE B 225 -10.65 -10.45 -21.53
N THR B 226 -11.69 -11.19 -21.92
CA THR B 226 -12.07 -11.29 -23.33
C THR B 226 -13.56 -11.55 -23.43
N THR B 227 -14.03 -11.72 -24.67
CA THR B 227 -15.44 -12.05 -24.96
C THR B 227 -15.56 -13.46 -25.50
N ASP B 228 -16.78 -14.00 -25.45
CA ASP B 228 -17.03 -15.25 -26.16
C ASP B 228 -16.84 -15.06 -27.66
N GLU B 229 -17.38 -13.96 -28.18
CA GLU B 229 -17.25 -13.60 -29.57
C GLU B 229 -17.40 -12.08 -29.65
N GLY B 230 -16.90 -11.52 -30.74
CA GLY B 230 -17.15 -10.12 -31.02
C GLY B 230 -17.98 -10.03 -32.27
N ARG B 231 -18.63 -8.90 -32.49
CA ARG B 231 -19.39 -8.68 -33.71
C ARG B 231 -18.93 -7.37 -34.32
N ARG B 232 -18.51 -7.42 -35.58
CA ARG B 232 -18.13 -6.21 -36.28
C ARG B 232 -18.50 -6.38 -37.75
N GLY B 233 -19.22 -5.40 -38.31
CA GLY B 233 -19.61 -5.47 -39.70
C GLY B 233 -20.50 -6.63 -40.07
N GLY B 234 -21.23 -7.18 -39.11
CA GLY B 234 -22.05 -8.35 -39.36
C GLY B 234 -21.30 -9.66 -39.44
N LYS B 235 -20.00 -9.67 -39.15
CA LYS B 235 -19.20 -10.88 -39.15
C LYS B 235 -18.71 -11.17 -37.73
N THR B 236 -18.53 -12.46 -37.43
CA THR B 236 -18.15 -12.90 -36.09
C THR B 236 -16.63 -12.95 -35.96
N ILE B 237 -16.12 -12.40 -34.86
CA ILE B 237 -14.72 -12.53 -34.46
C ILE B 237 -14.65 -13.60 -33.37
N ALA B 238 -13.97 -14.71 -33.65
CA ALA B 238 -13.96 -15.85 -32.71
C ALA B 238 -12.92 -15.62 -31.60
N THR B 239 -13.25 -14.69 -30.69
CA THR B 239 -12.28 -14.25 -29.69
C THR B 239 -11.92 -15.36 -28.71
N LYS B 240 -12.91 -16.08 -28.18
CA LYS B 240 -12.56 -17.12 -27.23
C LYS B 240 -11.75 -18.21 -27.89
N GLN B 241 -12.04 -18.49 -29.16
CA GLN B 241 -11.31 -19.48 -29.91
C GLN B 241 -9.86 -19.07 -30.08
N ILE B 242 -9.63 -17.81 -30.45
CA ILE B 242 -8.27 -17.32 -30.59
C ILE B 242 -7.56 -17.31 -29.24
N VAL B 243 -8.27 -16.86 -28.20
CA VAL B 243 -7.71 -16.79 -26.85
C VAL B 243 -7.27 -18.18 -26.39
N ASP B 244 -8.06 -19.20 -26.68
CA ASP B 244 -7.67 -20.53 -26.24
C ASP B 244 -6.39 -20.96 -26.91
N ALA B 245 -6.23 -20.61 -28.19
CA ALA B 245 -5.05 -21.01 -28.91
C ALA B 245 -3.81 -20.32 -28.34
N ALA B 246 -3.92 -19.05 -28.03
CA ALA B 246 -2.81 -18.31 -27.47
C ALA B 246 -2.43 -18.82 -26.09
N LEU B 247 -3.42 -18.98 -25.21
CA LEU B 247 -3.14 -19.31 -23.81
C LEU B 247 -2.46 -20.66 -23.67
N GLN B 248 -2.58 -21.54 -24.66
CA GLN B 248 -1.87 -22.80 -24.58
C GLN B 248 -0.37 -22.61 -24.41
N GLN B 249 0.15 -21.43 -24.75
CA GLN B 249 1.57 -21.11 -24.64
C GLN B 249 1.81 -19.91 -23.73
N CYS B 250 0.90 -19.68 -22.77
CA CYS B 250 1.02 -18.57 -21.84
C CYS B 250 0.98 -19.06 -20.40
N PRO B 251 2.13 -19.48 -19.85
CA PRO B 251 2.11 -20.16 -18.55
C PRO B 251 1.75 -19.28 -17.37
N LEU B 252 1.78 -17.96 -17.47
CA LEU B 252 1.45 -17.14 -16.31
C LEU B 252 -0.05 -16.89 -16.14
N VAL B 253 -0.84 -17.02 -17.20
CA VAL B 253 -2.26 -16.67 -17.13
C VAL B 253 -3.04 -17.80 -16.47
N GLU B 254 -3.64 -17.49 -15.32
CA GLU B 254 -4.35 -18.48 -14.53
C GLU B 254 -5.86 -18.20 -14.48
N ASN B 255 -6.29 -16.96 -14.70
CA ASN B 255 -7.70 -16.63 -14.70
C ASN B 255 -8.08 -15.92 -15.98
N VAL B 256 -9.23 -16.30 -16.53
CA VAL B 256 -9.78 -15.68 -17.73
C VAL B 256 -11.22 -15.27 -17.43
N LEU B 257 -11.53 -13.99 -17.65
CA LEU B 257 -12.88 -13.45 -17.47
C LEU B 257 -13.51 -13.25 -18.85
N VAL B 258 -14.65 -13.90 -19.09
CA VAL B 258 -15.24 -13.97 -20.43
C VAL B 258 -16.59 -13.27 -20.44
N LEU B 259 -16.70 -12.20 -21.21
CA LEU B 259 -17.97 -11.50 -21.37
C LEU B 259 -18.83 -12.18 -22.42
N ARG B 260 -20.09 -12.45 -22.07
CA ARG B 260 -21.02 -13.13 -22.98
C ARG B 260 -21.62 -12.07 -23.92
N ARG B 261 -20.92 -11.80 -25.01
CA ARG B 261 -21.37 -10.78 -25.97
C ARG B 261 -22.41 -11.33 -26.95
N THR B 262 -22.19 -12.50 -27.51
CA THR B 262 -23.12 -13.07 -28.48
C THR B 262 -23.97 -14.19 -27.91
N GLY B 263 -23.44 -14.96 -26.96
CA GLY B 263 -24.17 -16.07 -26.40
C GLY B 263 -24.05 -17.37 -27.17
N ASN B 264 -23.32 -17.39 -28.27
CA ASN B 264 -23.10 -18.63 -29.01
C ASN B 264 -22.15 -19.53 -28.23
N LYS B 265 -22.28 -20.84 -28.46
CA LYS B 265 -21.46 -21.82 -27.75
C LYS B 265 -19.98 -21.61 -28.05
N VAL B 266 -19.19 -21.38 -27.01
CA VAL B 266 -17.75 -21.33 -27.06
C VAL B 266 -17.21 -22.22 -25.95
N PRO B 267 -16.00 -22.76 -26.09
CA PRO B 267 -15.45 -23.60 -25.03
C PRO B 267 -15.02 -22.78 -23.83
N MET B 268 -15.15 -23.41 -22.65
CA MET B 268 -14.74 -22.80 -21.39
C MET B 268 -13.95 -23.82 -20.60
N THR B 269 -12.74 -23.46 -20.19
CA THR B 269 -11.88 -24.34 -19.40
C THR B 269 -12.28 -24.26 -17.93
N GLU B 270 -12.62 -25.40 -17.35
CA GLU B 270 -13.04 -25.44 -15.95
C GLU B 270 -11.93 -24.91 -15.05
N GLY B 271 -12.30 -24.06 -14.10
CA GLY B 271 -11.35 -23.45 -13.20
C GLY B 271 -10.77 -22.16 -13.74
N ARG B 272 -10.09 -22.25 -14.88
CA ARG B 272 -9.40 -21.09 -15.43
C ARG B 272 -10.39 -20.05 -15.98
N ASP B 273 -11.45 -20.49 -16.65
CA ASP B 273 -12.38 -19.60 -17.35
C ASP B 273 -13.67 -19.42 -16.57
N LYS B 274 -14.08 -18.17 -16.39
CA LYS B 274 -15.32 -17.83 -15.69
C LYS B 274 -16.08 -16.77 -16.46
N TRP B 275 -17.41 -16.81 -16.36
CA TRP B 275 -18.27 -15.86 -17.06
C TRP B 275 -18.34 -14.53 -16.32
N TRP B 276 -18.14 -13.44 -17.07
CA TRP B 276 -18.17 -12.08 -16.53
C TRP B 276 -19.41 -11.84 -15.68
N ASP B 277 -20.61 -12.18 -16.20
CA ASP B 277 -21.84 -11.85 -15.47
C ASP B 277 -21.96 -12.68 -14.19
N GLU B 278 -21.54 -13.94 -14.22
CA GLU B 278 -21.60 -14.77 -13.01
C GLU B 278 -20.60 -14.29 -11.95
N GLU B 279 -19.39 -13.89 -12.35
CA GLU B 279 -18.42 -13.40 -11.38
C GLU B 279 -18.87 -12.04 -10.82
N CYS B 280 -19.33 -11.16 -11.69
CA CYS B 280 -19.76 -9.85 -11.23
C CYS B 280 -20.99 -9.96 -10.32
N ALA B 281 -21.85 -10.96 -10.54
CA ALA B 281 -23.04 -11.11 -9.70
C ALA B 281 -22.65 -11.43 -8.26
N LYS B 282 -21.47 -12.02 -8.05
CA LYS B 282 -21.04 -12.36 -6.70
C LYS B 282 -20.47 -11.16 -5.95
N MET B 283 -20.16 -10.06 -6.64
CA MET B 283 -19.41 -8.96 -6.05
C MET B 283 -20.28 -7.73 -5.77
N PRO B 284 -19.92 -6.93 -4.77
CA PRO B 284 -20.65 -5.66 -4.55
C PRO B 284 -20.36 -4.68 -5.68
N ALA B 285 -21.16 -3.63 -5.77
CA ALA B 285 -21.07 -2.73 -6.92
C ALA B 285 -20.29 -1.45 -6.61
N TYR B 286 -19.57 -1.39 -5.49
CA TYR B 286 -18.58 -0.37 -5.21
C TYR B 286 -17.30 -1.03 -4.73
N CYS B 287 -16.18 -0.35 -4.96
CA CYS B 287 -14.85 -0.85 -4.70
C CYS B 287 -13.96 0.34 -4.40
N PRO B 288 -13.13 0.28 -3.35
CA PRO B 288 -12.24 1.41 -3.08
C PRO B 288 -11.24 1.60 -4.20
N CYS B 289 -10.74 2.83 -4.32
CA CYS B 289 -9.74 3.21 -5.32
C CYS B 289 -8.36 3.10 -4.71
N GLU B 290 -7.44 2.50 -5.45
CA GLU B 290 -6.04 2.50 -5.04
C GLU B 290 -5.47 3.89 -5.20
N ARG B 291 -4.70 4.34 -4.22
N ARG B 291 -4.78 4.36 -4.17
CA ARG B 291 -4.04 5.64 -4.29
CA ARG B 291 -3.99 5.58 -4.26
C ARG B 291 -2.71 5.50 -5.02
C ARG B 291 -2.77 5.32 -5.12
N MET B 292 -2.66 6.02 -6.26
CA MET B 292 -1.54 5.82 -7.18
C MET B 292 -0.60 7.02 -7.19
N ALA B 293 0.70 6.74 -7.17
CA ALA B 293 1.67 7.81 -7.42
C ALA B 293 1.53 8.28 -8.87
N SER B 294 1.85 9.56 -9.11
CA SER B 294 1.70 10.10 -10.47
C SER B 294 2.41 9.24 -11.50
N GLU B 295 3.53 8.64 -11.13
CA GLU B 295 4.39 7.93 -12.08
C GLU B 295 4.21 6.43 -12.01
N ASP B 296 3.27 5.92 -11.23
CA ASP B 296 2.95 4.52 -11.36
C ASP B 296 2.43 4.30 -12.77
N PRO B 297 2.77 3.18 -13.41
CA PRO B 297 2.29 2.95 -14.78
C PRO B 297 0.78 2.77 -14.81
N LEU B 298 0.13 3.45 -15.75
CA LEU B 298 -1.29 3.28 -15.97
C LEU B 298 -1.56 2.13 -16.95
N PHE B 299 -0.83 2.07 -18.05
CA PHE B 299 -1.06 0.98 -18.99
C PHE B 299 0.18 0.69 -19.85
N ILE B 300 0.18 -0.53 -20.40
CA ILE B 300 1.06 -0.94 -21.48
C ILE B 300 0.21 -1.03 -22.74
N LEU B 301 0.72 -0.50 -23.84
CA LEU B 301 0.03 -0.58 -25.12
C LEU B 301 1.04 -1.02 -26.17
N TYR B 302 0.88 -2.22 -26.71
CA TYR B 302 1.77 -2.72 -27.75
C TYR B 302 1.39 -2.13 -29.09
N THR B 303 2.40 -1.60 -29.80
CA THR B 303 2.20 -1.18 -31.18
C THR B 303 1.99 -2.40 -32.06
N SER B 304 1.73 -2.15 -33.34
CA SER B 304 1.46 -3.23 -34.27
C SER B 304 2.16 -2.92 -35.58
N GLY B 305 2.29 -3.94 -36.41
CA GLY B 305 2.84 -3.76 -37.73
C GLY B 305 4.35 -3.80 -37.82
N SER B 306 5.04 -4.24 -36.78
CA SER B 306 6.49 -4.35 -36.78
C SER B 306 6.90 -5.79 -37.05
N THR B 307 8.14 -5.95 -37.50
CA THR B 307 8.63 -7.29 -37.82
C THR B 307 9.01 -8.05 -36.57
N GLY B 308 9.64 -7.39 -35.62
CA GLY B 308 10.30 -8.05 -34.52
C GLY B 308 9.41 -8.26 -33.34
N LYS B 309 10.01 -8.25 -32.15
CA LYS B 309 9.28 -8.42 -30.92
C LYS B 309 8.33 -7.24 -30.69
N PRO B 310 7.15 -7.48 -30.14
CA PRO B 310 6.21 -6.38 -29.93
C PRO B 310 6.78 -5.37 -28.95
N LYS B 311 6.42 -4.11 -29.18
CA LYS B 311 6.93 -2.97 -28.43
C LYS B 311 5.85 -2.52 -27.43
N GLY B 312 6.12 -2.69 -26.14
CA GLY B 312 5.14 -2.30 -25.16
C GLY B 312 5.31 -0.89 -24.63
N VAL B 313 4.58 0.06 -25.20
CA VAL B 313 4.71 1.46 -24.79
C VAL B 313 4.05 1.67 -23.44
N VAL B 314 4.82 2.14 -22.45
CA VAL B 314 4.29 2.33 -21.10
C VAL B 314 3.97 3.78 -20.87
N HIS B 315 2.80 4.04 -20.27
CA HIS B 315 2.39 5.38 -19.88
C HIS B 315 2.19 5.47 -18.37
N SER B 316 2.64 6.56 -17.78
CA SER B 316 2.43 6.86 -16.38
C SER B 316 0.98 7.30 -16.17
N THR B 317 0.62 7.72 -14.95
CA THR B 317 -0.76 8.03 -14.58
C THR B 317 -1.16 9.50 -14.76
N ALA B 318 -0.55 10.40 -13.98
CA ALA B 318 -1.05 11.79 -13.93
C ALA B 318 -0.74 12.57 -15.19
N GLY B 319 0.49 12.45 -15.72
CA GLY B 319 0.83 13.19 -16.92
C GLY B 319 0.01 12.75 -18.12
N TYR B 320 -0.11 11.43 -18.33
CA TYR B 320 -0.95 10.92 -19.41
C TYR B 320 -2.38 11.42 -19.25
N LEU B 321 -2.94 11.25 -18.05
CA LEU B 321 -4.31 11.63 -17.83
C LEU B 321 -4.48 13.13 -18.01
N LEU B 322 -3.57 13.91 -17.47
CA LEU B 322 -3.66 15.36 -17.64
C LEU B 322 -3.56 15.72 -19.12
N GLY B 323 -2.66 15.05 -19.86
CA GLY B 323 -2.50 15.36 -21.27
C GLY B 323 -3.74 15.08 -22.08
N THR B 324 -4.35 13.90 -21.88
CA THR B 324 -5.55 13.60 -22.65
C THR B 324 -6.71 14.50 -22.26
N ALA B 325 -6.78 14.88 -20.98
CA ALA B 325 -7.88 15.76 -20.56
C ALA B 325 -7.76 17.13 -21.18
N LEU B 326 -6.54 17.68 -21.22
CA LEU B 326 -6.36 19.01 -21.79
C LEU B 326 -6.54 19.01 -23.30
N THR B 327 -5.96 18.02 -24.00
CA THR B 327 -6.10 17.98 -25.46
C THR B 327 -7.56 17.84 -25.85
N LEU B 328 -8.30 16.94 -25.20
CA LEU B 328 -9.70 16.80 -25.55
C LEU B 328 -10.45 18.11 -25.32
N LYS B 329 -10.12 18.80 -24.22
CA LYS B 329 -10.82 20.05 -23.93
C LYS B 329 -10.52 21.11 -24.98
N TYR B 330 -9.24 21.27 -25.33
CA TYR B 330 -8.85 22.40 -26.17
C TYR B 330 -8.77 22.06 -27.65
N VAL B 331 -8.37 20.84 -28.02
CA VAL B 331 -8.28 20.49 -29.45
C VAL B 331 -9.67 20.31 -30.03
N PHE B 332 -10.60 19.75 -29.26
CA PHE B 332 -11.95 19.54 -29.76
C PHE B 332 -12.96 20.50 -29.16
N ASP B 333 -12.52 21.48 -28.37
CA ASP B 333 -13.40 22.46 -27.71
C ASP B 333 -14.60 21.79 -27.05
N ALA B 334 -14.30 20.82 -26.18
CA ALA B 334 -15.34 20.09 -25.48
C ALA B 334 -15.99 21.00 -24.44
N HIS B 335 -17.29 20.83 -24.28
CA HIS B 335 -18.09 21.59 -23.33
C HIS B 335 -18.93 20.59 -22.57
N PRO B 336 -19.48 20.98 -21.41
CA PRO B 336 -20.05 19.97 -20.49
C PRO B 336 -21.13 19.07 -21.07
N ASP B 337 -21.91 19.54 -22.04
CA ASP B 337 -23.01 18.76 -22.58
C ASP B 337 -22.68 18.10 -23.92
N ASP B 338 -21.42 18.17 -24.36
CA ASP B 338 -21.06 17.63 -25.65
C ASP B 338 -21.20 16.11 -25.67
N ARG B 339 -21.41 15.58 -26.87
CA ARG B 339 -21.46 14.14 -27.10
C ARG B 339 -20.34 13.85 -28.10
N PHE B 340 -19.19 13.43 -27.58
CA PHE B 340 -17.98 13.27 -28.36
C PHE B 340 -17.97 11.90 -29.03
N ALA B 341 -17.75 11.88 -30.35
CA ALA B 341 -17.91 10.67 -31.14
C ALA B 341 -16.60 10.30 -31.83
N CYS B 342 -15.74 9.58 -31.10
CA CYS B 342 -14.55 8.98 -31.69
C CYS B 342 -14.86 7.56 -32.13
N MET B 343 -14.72 7.29 -33.43
CA MET B 343 -15.12 6.02 -34.02
C MET B 343 -13.97 5.02 -34.10
N ALA B 344 -12.87 5.26 -33.39
CA ALA B 344 -11.71 4.38 -33.42
C ALA B 344 -11.91 3.16 -32.53
N ASP B 345 -10.92 2.28 -32.51
CA ASP B 345 -10.93 1.05 -31.72
C ASP B 345 -10.03 1.22 -30.50
N ILE B 346 -10.49 0.68 -29.36
CA ILE B 346 -9.76 0.88 -28.10
C ILE B 346 -8.42 0.17 -28.09
N GLY B 347 -8.19 -0.77 -28.99
CA GLY B 347 -6.89 -1.41 -29.12
C GLY B 347 -5.83 -0.50 -29.69
N TRP B 348 -6.24 0.68 -30.14
CA TRP B 348 -5.41 1.74 -30.69
C TRP B 348 -5.28 2.86 -29.65
N ILE B 349 -4.13 3.53 -29.66
CA ILE B 349 -3.91 4.62 -28.69
C ILE B 349 -5.04 5.64 -28.80
N THR B 350 -5.58 5.85 -30.00
CA THR B 350 -6.67 6.82 -30.15
C THR B 350 -7.89 6.44 -29.31
N GLY B 351 -8.19 5.15 -29.21
CA GLY B 351 -9.29 4.71 -28.35
C GLY B 351 -8.99 4.92 -26.87
N HIS B 352 -7.78 4.61 -26.43
CA HIS B 352 -7.35 4.88 -25.06
C HIS B 352 -7.60 6.34 -24.70
N SER B 353 -7.12 7.25 -25.55
CA SER B 353 -7.02 8.64 -25.15
C SER B 353 -8.27 9.46 -25.44
N TYR B 354 -8.99 9.17 -26.53
CA TYR B 354 -10.11 10.01 -26.94
C TYR B 354 -11.41 9.24 -27.08
N ILE B 355 -11.45 7.99 -26.64
CA ILE B 355 -12.71 7.36 -26.29
C ILE B 355 -12.90 7.34 -24.78
N ILE B 356 -11.91 6.77 -24.06
CA ILE B 356 -12.04 6.52 -22.63
C ILE B 356 -11.45 7.66 -21.80
N TYR B 357 -10.13 7.78 -21.77
CA TYR B 357 -9.51 8.57 -20.71
C TYR B 357 -9.84 10.05 -20.83
N GLY B 358 -9.61 10.64 -22.01
CA GLY B 358 -9.85 12.05 -22.23
C GLY B 358 -11.28 12.48 -21.96
N PRO B 359 -12.24 11.87 -22.67
CA PRO B 359 -13.63 12.33 -22.49
C PRO B 359 -14.16 12.03 -21.10
N LEU B 360 -13.85 10.87 -20.54
CA LEU B 360 -14.36 10.55 -19.22
C LEU B 360 -13.69 11.40 -18.14
N ALA B 361 -12.41 11.71 -18.30
CA ALA B 361 -11.80 12.67 -17.38
C ALA B 361 -12.61 13.99 -17.33
N ASN B 362 -13.02 14.50 -18.49
CA ASN B 362 -13.79 15.74 -18.57
C ASN B 362 -15.26 15.61 -18.19
N GLY B 363 -15.76 14.40 -17.93
CA GLY B 363 -17.12 14.26 -17.47
C GLY B 363 -18.18 14.37 -18.55
N ILE B 364 -17.80 14.26 -19.82
CA ILE B 364 -18.79 14.35 -20.88
C ILE B 364 -19.25 12.97 -21.35
N THR B 365 -20.03 12.96 -22.42
CA THR B 365 -20.53 11.73 -23.03
C THR B 365 -19.60 11.36 -24.18
N THR B 366 -19.22 10.08 -24.24
CA THR B 366 -18.31 9.56 -25.24
C THR B 366 -18.99 8.40 -25.96
N ALA B 367 -18.56 8.16 -27.20
CA ALA B 367 -19.14 7.13 -28.05
C ALA B 367 -18.24 5.91 -28.11
N VAL B 368 -18.87 4.73 -28.14
CA VAL B 368 -18.18 3.46 -28.36
C VAL B 368 -18.83 2.84 -29.58
N PHE B 369 -18.15 2.92 -30.73
CA PHE B 369 -18.68 2.47 -32.01
C PHE B 369 -18.19 1.05 -32.27
N GLU B 370 -19.11 0.09 -32.31
CA GLU B 370 -18.79 -1.33 -32.44
C GLU B 370 -18.67 -1.80 -33.88
N SER B 371 -19.19 -1.03 -34.83
CA SER B 371 -19.42 -1.48 -36.20
C SER B 371 -18.31 -1.01 -37.13
N THR B 372 -18.59 -1.00 -38.42
CA THR B 372 -17.71 -0.44 -39.43
C THR B 372 -18.36 0.78 -40.08
N PRO B 373 -17.59 1.60 -40.79
CA PRO B 373 -18.19 2.76 -41.46
C PRO B 373 -19.13 2.41 -42.60
N VAL B 374 -19.21 1.15 -43.02
CA VAL B 374 -20.03 0.84 -44.19
C VAL B 374 -21.00 -0.28 -43.87
N TYR B 375 -21.17 -0.58 -42.59
CA TYR B 375 -22.15 -1.56 -42.16
C TYR B 375 -23.27 -0.89 -41.39
N PRO B 376 -24.54 -1.16 -41.69
CA PRO B 376 -24.93 -2.00 -42.82
C PRO B 376 -24.76 -1.34 -44.19
N THR B 377 -24.65 -0.02 -44.20
CA THR B 377 -24.45 0.78 -45.39
C THR B 377 -23.45 1.89 -45.10
N PRO B 378 -22.88 2.51 -46.15
CA PRO B 378 -21.92 3.61 -45.94
C PRO B 378 -22.53 4.88 -45.37
N SER B 379 -23.78 4.84 -44.91
CA SER B 379 -24.38 5.98 -44.23
C SER B 379 -24.31 5.88 -42.72
N ARG B 380 -23.66 4.83 -42.20
CA ARG B 380 -23.69 4.54 -40.76
C ARG B 380 -23.26 5.73 -39.91
N TYR B 381 -22.06 6.28 -40.16
CA TYR B 381 -21.57 7.45 -39.42
C TYR B 381 -22.63 8.54 -39.34
N TRP B 382 -23.27 8.84 -40.48
CA TRP B 382 -24.17 9.98 -40.56
C TRP B 382 -25.53 9.65 -39.96
N ASP B 383 -25.98 8.40 -40.07
CA ASP B 383 -27.12 7.96 -39.27
C ASP B 383 -26.81 8.10 -37.78
N PHE B 384 -25.57 7.76 -37.39
CA PHE B 384 -25.15 7.85 -36.00
C PHE B 384 -25.17 9.29 -35.52
N VAL B 385 -24.51 10.18 -36.25
CA VAL B 385 -24.44 11.59 -35.86
C VAL B 385 -25.83 12.15 -35.64
N ASP B 386 -26.77 11.82 -36.51
CA ASP B 386 -28.10 12.40 -36.41
C ASP B 386 -28.96 11.72 -35.34
N LYS B 387 -28.76 10.42 -35.11
CA LYS B 387 -29.55 9.74 -34.09
C LYS B 387 -29.22 10.28 -32.70
N TRP B 388 -27.94 10.43 -32.39
CA TRP B 388 -27.50 10.83 -31.06
C TRP B 388 -27.16 12.31 -30.96
N LYS B 389 -27.18 13.04 -32.08
CA LYS B 389 -26.83 14.47 -32.10
C LYS B 389 -25.41 14.68 -31.58
N ALA B 390 -24.48 13.92 -32.15
CA ALA B 390 -23.07 14.03 -31.78
C ALA B 390 -22.53 15.42 -32.11
N THR B 391 -21.67 15.95 -31.24
CA THR B 391 -21.14 17.31 -31.39
C THR B 391 -19.75 17.37 -31.98
N GLN B 392 -18.96 16.31 -31.86
CA GLN B 392 -17.66 16.22 -32.51
C GLN B 392 -17.52 14.80 -33.06
N LEU B 393 -16.85 14.67 -34.19
CA LEU B 393 -16.61 13.36 -34.78
C LEU B 393 -15.12 13.20 -35.07
N TYR B 394 -14.60 12.01 -34.79
CA TYR B 394 -13.16 11.78 -34.79
C TYR B 394 -12.88 10.41 -35.41
N THR B 395 -12.23 10.39 -36.58
CA THR B 395 -11.90 9.12 -37.25
C THR B 395 -10.57 9.28 -38.00
N ALA B 396 -10.21 8.25 -38.77
CA ALA B 396 -8.94 8.15 -39.49
C ALA B 396 -9.11 8.37 -40.98
N PRO B 397 -8.04 8.79 -41.69
CA PRO B 397 -8.16 9.00 -43.16
C PRO B 397 -8.58 7.76 -43.92
N THR B 398 -8.20 6.55 -43.47
CA THR B 398 -8.62 5.35 -44.15
C THR B 398 -10.13 5.26 -44.23
N ALA B 399 -10.81 5.56 -43.13
CA ALA B 399 -12.27 5.60 -43.15
C ALA B 399 -12.81 6.72 -44.03
N ILE B 400 -12.16 7.90 -44.01
CA ILE B 400 -12.66 9.02 -44.81
C ILE B 400 -12.55 8.70 -46.29
N ARG B 401 -11.43 8.10 -46.71
CA ARG B 401 -11.30 7.74 -48.11
C ARG B 401 -12.25 6.60 -48.47
N LEU B 402 -12.49 5.68 -47.54
CA LEU B 402 -13.47 4.62 -47.80
C LEU B 402 -14.84 5.20 -48.08
N LEU B 403 -15.30 6.15 -47.26
CA LEU B 403 -16.61 6.74 -47.49
C LEU B 403 -16.64 7.55 -48.79
N ARG B 404 -15.65 8.43 -48.99
CA ARG B 404 -15.54 9.14 -50.27
C ARG B 404 -15.56 8.17 -51.44
N ARG B 405 -15.03 6.97 -51.23
CA ARG B 405 -15.05 5.97 -52.29
C ARG B 405 -16.47 5.54 -52.61
N MET B 406 -17.34 5.44 -51.59
CA MET B 406 -18.68 4.91 -51.79
C MET B 406 -19.66 5.93 -52.35
N GLY B 407 -19.25 7.18 -52.50
CA GLY B 407 -20.06 8.18 -53.16
C GLY B 407 -20.80 9.08 -52.18
N GLU B 408 -21.15 10.26 -52.66
CA GLU B 408 -21.80 11.26 -51.81
C GLU B 408 -23.30 11.02 -51.62
N ASP B 409 -23.89 10.01 -52.25
CA ASP B 409 -25.32 9.77 -52.06
C ASP B 409 -25.63 9.34 -50.62
N HIS B 410 -24.74 8.57 -49.99
CA HIS B 410 -25.01 8.09 -48.62
C HIS B 410 -24.86 9.16 -47.54
N VAL B 411 -24.50 10.40 -47.89
CA VAL B 411 -24.26 11.44 -46.90
C VAL B 411 -25.16 12.65 -47.13
N LYS B 412 -25.58 12.84 -48.37
CA LYS B 412 -26.10 14.14 -48.81
C LYS B 412 -27.34 14.56 -48.02
N ASN B 413 -28.25 13.62 -47.74
CA ASN B 413 -29.54 13.95 -47.14
C ASN B 413 -29.57 13.72 -45.63
N HIS B 414 -28.47 14.00 -44.96
CA HIS B 414 -28.45 14.03 -43.51
C HIS B 414 -28.38 15.47 -43.04
N ASP B 415 -28.73 15.69 -41.77
CA ASP B 415 -28.63 17.02 -41.20
C ASP B 415 -27.20 17.33 -40.76
N LEU B 416 -26.67 16.52 -39.85
CA LEU B 416 -25.28 16.62 -39.40
C LEU B 416 -24.94 17.98 -38.81
N SER B 417 -25.94 18.76 -38.43
CA SER B 417 -25.67 20.10 -37.92
C SER B 417 -25.42 20.13 -36.42
N SER B 418 -25.55 19.00 -35.73
CA SER B 418 -25.11 18.99 -34.34
C SER B 418 -23.61 19.12 -34.22
N LEU B 419 -22.87 18.76 -35.27
CA LEU B 419 -21.41 18.75 -35.27
C LEU B 419 -20.82 20.16 -35.29
N ARG B 420 -19.72 20.34 -34.59
CA ARG B 420 -18.91 21.55 -34.74
C ARG B 420 -17.47 21.26 -35.16
N VAL B 421 -16.95 20.09 -34.84
CA VAL B 421 -15.54 19.81 -35.07
C VAL B 421 -15.39 18.40 -35.65
N LEU B 422 -14.65 18.30 -36.74
CA LEU B 422 -14.28 17.03 -37.36
C LEU B 422 -12.78 16.84 -37.21
N GLY B 423 -12.40 15.62 -36.83
CA GLY B 423 -11.01 15.31 -36.56
C GLY B 423 -10.56 14.16 -37.44
N SER B 424 -9.27 14.15 -37.73
CA SER B 424 -8.63 13.13 -38.55
C SER B 424 -7.35 12.72 -37.83
N VAL B 425 -7.10 11.42 -37.75
CA VAL B 425 -5.95 10.91 -36.99
C VAL B 425 -5.38 9.66 -37.66
N GLY B 426 -4.05 9.52 -37.65
CA GLY B 426 -3.40 8.24 -37.93
C GLY B 426 -2.49 8.23 -39.14
N GLU B 427 -2.61 9.21 -40.02
CA GLU B 427 -1.83 9.34 -41.25
C GLU B 427 -2.13 10.71 -41.84
N PRO B 428 -1.30 11.19 -42.77
CA PRO B 428 -1.64 12.46 -43.42
C PRO B 428 -2.97 12.31 -44.12
N ILE B 429 -3.79 13.37 -44.05
CA ILE B 429 -5.04 13.41 -44.78
C ILE B 429 -4.81 14.19 -46.06
N ASN B 430 -4.94 13.50 -47.18
CA ASN B 430 -4.78 14.15 -48.48
C ASN B 430 -5.77 15.29 -48.64
N PRO B 431 -5.34 16.44 -49.14
CA PRO B 431 -6.30 17.54 -49.41
C PRO B 431 -7.58 17.10 -50.10
N GLU B 432 -7.48 16.22 -51.09
CA GLU B 432 -8.69 15.75 -51.77
C GLU B 432 -9.67 15.11 -50.80
N ALA B 433 -9.15 14.31 -49.86
CA ALA B 433 -9.99 13.71 -48.83
C ALA B 433 -10.39 14.73 -47.78
N TRP B 434 -9.47 15.62 -47.40
CA TRP B 434 -9.81 16.72 -46.51
C TRP B 434 -11.01 17.50 -47.03
N HIS B 435 -11.03 17.76 -48.33
CA HIS B 435 -12.14 18.52 -48.88
C HIS B 435 -13.45 17.74 -48.84
N TRP B 436 -13.41 16.44 -49.10
CA TRP B 436 -14.62 15.64 -49.03
C TRP B 436 -15.17 15.61 -47.61
N TYR B 437 -14.29 15.43 -46.62
CA TYR B 437 -14.67 15.54 -45.21
C TYR B 437 -15.37 16.87 -44.94
N ASN B 438 -14.71 17.97 -45.28
CA ASN B 438 -15.23 19.31 -44.98
C ASN B 438 -16.55 19.56 -45.73
N ASP B 439 -16.59 19.20 -47.02
CA ASP B 439 -17.74 19.59 -47.85
C ASP B 439 -18.98 18.81 -47.48
N PHE B 440 -18.85 17.51 -47.21
CA PHE B 440 -20.04 16.68 -47.06
C PHE B 440 -20.37 16.34 -45.61
N ALA B 441 -19.38 15.96 -44.80
CA ALA B 441 -19.67 15.66 -43.40
C ALA B 441 -19.91 16.94 -42.60
N GLY B 442 -19.16 18.00 -42.88
CA GLY B 442 -19.27 19.23 -42.13
C GLY B 442 -20.15 20.27 -42.79
N LYS B 443 -20.55 20.00 -44.04
CA LYS B 443 -21.35 20.93 -44.87
C LYS B 443 -20.78 22.33 -44.85
N ASN B 444 -19.44 22.42 -44.88
CA ASN B 444 -18.72 23.68 -44.91
C ASN B 444 -19.01 24.55 -43.69
N GLN B 445 -19.41 23.93 -42.58
CA GLN B 445 -19.71 24.66 -41.36
C GLN B 445 -18.99 24.10 -40.13
N CYS B 446 -18.12 23.12 -40.29
CA CYS B 446 -17.31 22.60 -39.20
C CYS B 446 -15.85 22.96 -39.39
N ALA B 447 -15.13 23.00 -38.28
CA ALA B 447 -13.67 23.06 -38.31
C ALA B 447 -13.10 21.66 -38.47
N ILE B 448 -12.07 21.53 -39.31
CA ILE B 448 -11.38 20.27 -39.52
C ILE B 448 -10.06 20.31 -38.77
N VAL B 449 -9.91 19.45 -37.77
CA VAL B 449 -8.69 19.40 -36.97
C VAL B 449 -7.93 18.13 -37.35
N ASP B 450 -6.83 18.32 -38.07
CA ASP B 450 -5.91 17.24 -38.39
C ASP B 450 -5.00 17.09 -37.17
N THR B 451 -5.16 15.98 -36.43
CA THR B 451 -4.42 15.79 -35.17
C THR B 451 -3.27 14.83 -35.42
N TYR B 452 -2.05 15.34 -35.28
CA TYR B 452 -0.83 14.54 -35.39
C TYR B 452 -0.33 14.17 -34.00
N TRP B 453 -0.10 12.87 -33.78
CA TRP B 453 0.50 12.35 -32.55
C TRP B 453 0.81 10.88 -32.76
N MET B 454 1.43 10.28 -31.73
CA MET B 454 1.75 8.86 -31.74
C MET B 454 1.42 8.23 -30.40
N THR B 455 1.39 6.90 -30.40
CA THR B 455 1.26 6.15 -29.17
C THR B 455 2.25 6.62 -28.11
N GLU B 456 3.50 6.87 -28.51
CA GLU B 456 4.53 7.25 -27.57
C GLU B 456 4.33 8.65 -27.00
N THR B 457 3.54 9.52 -27.66
CA THR B 457 3.30 10.86 -27.13
C THR B 457 2.09 10.91 -26.18
N GLY B 458 1.29 9.85 -26.13
CA GLY B 458 0.14 9.81 -25.23
C GLY B 458 -1.05 10.62 -25.67
N SER B 459 -0.82 11.86 -26.09
CA SER B 459 -1.91 12.74 -26.42
C SER B 459 -1.50 13.58 -27.64
N ILE B 460 -2.49 14.32 -28.16
CA ILE B 460 -2.33 15.02 -29.43
C ILE B 460 -1.19 16.02 -29.33
N SER B 461 -0.31 16.01 -30.33
CA SER B 461 0.94 16.78 -30.32
C SER B 461 0.85 18.03 -31.17
N ILE B 462 0.34 17.91 -32.40
CA ILE B 462 0.18 19.04 -33.30
C ILE B 462 -1.24 18.99 -33.85
N ALA B 463 -2.00 20.06 -33.62
CA ALA B 463 -3.37 20.14 -34.13
C ALA B 463 -3.82 21.58 -34.07
N PRO B 464 -4.72 22.00 -34.95
CA PRO B 464 -5.27 23.34 -34.85
C PRO B 464 -6.28 23.40 -33.72
N LEU B 465 -6.30 24.52 -33.01
CA LEU B 465 -7.39 24.76 -32.08
C LEU B 465 -8.59 25.31 -32.85
N PRO B 466 -9.74 24.62 -32.81
CA PRO B 466 -10.80 24.89 -33.80
C PRO B 466 -11.46 26.25 -33.68
N GLY B 467 -11.45 26.86 -32.49
CA GLY B 467 -11.93 28.23 -32.29
C GLY B 467 -10.93 29.32 -32.60
N ALA B 468 -9.66 28.95 -32.90
CA ALA B 468 -8.59 29.93 -33.07
C ALA B 468 -7.84 29.86 -34.39
N ILE B 469 -7.71 28.67 -35.00
CA ILE B 469 -6.71 28.44 -36.04
C ILE B 469 -7.39 28.25 -37.40
N SER B 470 -6.88 28.98 -38.39
CA SER B 470 -7.33 28.85 -39.77
C SER B 470 -6.56 27.72 -40.45
N THR B 471 -7.28 26.76 -41.01
CA THR B 471 -6.66 25.51 -41.46
C THR B 471 -6.23 25.56 -42.93
N LYS B 472 -5.25 24.72 -43.24
CA LYS B 472 -4.84 24.39 -44.59
C LYS B 472 -5.03 22.90 -44.84
N PRO B 473 -5.75 22.50 -45.89
CA PRO B 473 -6.04 21.07 -46.11
C PRO B 473 -4.79 20.22 -46.12
N GLY B 474 -4.68 19.29 -45.17
CA GLY B 474 -3.53 18.43 -45.05
C GLY B 474 -2.44 18.87 -44.08
N SER B 475 -2.67 19.94 -43.33
CA SER B 475 -1.66 20.45 -42.41
C SER B 475 -2.07 20.21 -40.97
N ALA B 476 -1.10 19.81 -40.16
CA ALA B 476 -1.32 19.70 -38.73
C ALA B 476 -1.45 21.06 -38.05
N THR B 477 -0.94 22.13 -38.68
CA THR B 477 -0.91 23.50 -38.16
C THR B 477 0.08 23.66 -37.00
N PHE B 478 -0.40 23.86 -35.77
CA PHE B 478 0.55 24.29 -34.75
C PHE B 478 0.61 23.35 -33.55
N PRO B 479 1.77 23.30 -32.88
CA PRO B 479 1.95 22.36 -31.76
C PRO B 479 1.06 22.70 -30.58
N PHE B 480 0.72 21.67 -29.81
CA PHE B 480 -0.16 21.82 -28.68
C PHE B 480 0.61 22.32 -27.46
N PHE B 481 -0.16 22.76 -26.45
CA PHE B 481 0.38 23.18 -25.17
C PHE B 481 1.41 22.18 -24.64
N GLY B 482 2.54 22.71 -24.18
CA GLY B 482 3.61 21.88 -23.68
C GLY B 482 4.48 21.24 -24.74
N MET B 483 4.15 21.36 -26.01
CA MET B 483 4.94 20.77 -27.09
C MET B 483 5.75 21.84 -27.81
N ASP B 484 7.05 21.67 -27.83
CA ASP B 484 7.99 22.57 -28.50
C ASP B 484 8.76 21.77 -29.53
N VAL B 485 8.34 21.83 -30.79
CA VAL B 485 8.93 21.01 -31.85
C VAL B 485 9.80 21.85 -32.75
N ASP B 486 10.81 21.20 -33.33
CA ASP B 486 11.75 21.81 -34.26
C ASP B 486 12.00 20.83 -35.39
N ILE B 487 12.64 21.32 -36.44
CA ILE B 487 12.95 20.53 -37.64
C ILE B 487 14.47 20.39 -37.73
N ILE B 488 14.93 19.16 -37.94
CA ILE B 488 16.37 18.87 -38.01
C ILE B 488 16.69 18.43 -39.43
N ASP B 489 17.73 19.01 -40.00
CA ASP B 489 18.30 18.46 -41.21
C ASP B 489 18.94 17.14 -40.82
N PRO B 490 18.44 16.00 -41.30
CA PRO B 490 19.05 14.72 -40.92
C PRO B 490 20.46 14.55 -41.46
N GLN B 491 20.85 15.30 -42.50
CA GLN B 491 22.21 15.20 -43.03
C GLN B 491 23.24 15.73 -42.05
N THR B 492 22.93 16.85 -41.37
CA THR B 492 23.85 17.49 -40.45
C THR B 492 23.52 17.23 -38.99
N GLY B 493 22.31 16.79 -38.68
CA GLY B 493 21.93 16.67 -37.30
C GLY B 493 21.63 17.99 -36.61
N GLN B 494 21.69 19.11 -37.31
CA GLN B 494 21.42 20.43 -36.76
C GLN B 494 19.97 20.85 -37.01
N VAL B 495 19.45 21.69 -36.10
CA VAL B 495 18.11 22.27 -36.25
C VAL B 495 18.10 23.32 -37.35
N LEU B 496 16.96 23.42 -38.05
CA LEU B 496 16.74 24.48 -39.03
C LEU B 496 15.81 25.53 -38.44
N GLU B 497 16.38 26.70 -38.13
CA GLU B 497 15.60 27.74 -37.50
C GLU B 497 14.78 28.49 -38.54
N GLY B 498 13.65 29.03 -38.09
CA GLY B 498 12.81 29.83 -38.97
C GLY B 498 11.77 29.01 -39.69
N ASN B 499 11.26 29.58 -40.76
CA ASN B 499 10.19 29.04 -41.58
C ASN B 499 10.74 28.62 -42.93
N ASP B 500 9.91 27.93 -43.70
CA ASP B 500 10.27 27.41 -45.02
C ASP B 500 11.39 26.38 -44.92
N VAL B 501 11.31 25.50 -43.93
CA VAL B 501 12.32 24.48 -43.67
C VAL B 501 11.69 23.10 -43.76
N GLU B 502 12.52 22.10 -44.07
CA GLU B 502 12.05 20.73 -44.24
C GLU B 502 13.07 19.76 -43.63
N GLY B 503 12.58 18.64 -43.10
CA GLY B 503 13.46 17.74 -42.38
C GLY B 503 12.77 16.65 -41.58
N VAL B 504 13.29 16.34 -40.40
CA VAL B 504 12.67 15.36 -39.51
C VAL B 504 12.19 16.09 -38.27
N LEU B 505 11.04 15.65 -37.74
CA LEU B 505 10.40 16.30 -36.60
C LEU B 505 11.00 15.80 -35.28
N VAL B 506 11.33 16.75 -34.39
CA VAL B 506 11.85 16.45 -33.06
C VAL B 506 11.16 17.37 -32.06
N ALA B 507 11.15 16.93 -30.80
CA ALA B 507 10.65 17.74 -29.70
C ALA B 507 11.81 18.06 -28.76
N ARG B 508 11.85 19.32 -28.28
CA ARG B 508 13.01 19.83 -27.54
C ARG B 508 12.96 19.43 -26.06
N ARG B 509 11.77 19.31 -25.50
CA ARG B 509 11.61 19.14 -24.06
C ARG B 509 10.54 18.10 -23.82
N PRO B 510 10.58 17.42 -22.68
CA PRO B 510 9.49 16.50 -22.34
C PRO B 510 8.16 17.22 -22.18
N TRP B 511 7.10 16.45 -22.34
CA TRP B 511 5.73 16.91 -22.12
C TRP B 511 5.04 15.92 -21.21
N PRO B 512 4.00 16.36 -20.48
CA PRO B 512 3.41 15.50 -19.44
C PRO B 512 2.95 14.12 -19.89
N SER B 513 2.40 13.97 -21.10
CA SER B 513 1.84 12.68 -21.48
C SER B 513 2.82 11.78 -22.22
N ILE B 514 4.13 12.11 -22.24
CA ILE B 514 5.09 11.30 -22.98
C ILE B 514 5.22 9.91 -22.37
N ALA B 515 5.39 8.92 -23.24
CA ALA B 515 5.62 7.55 -22.80
C ALA B 515 6.92 7.46 -21.99
N ARG B 516 6.88 6.71 -20.90
CA ARG B 516 7.99 6.71 -19.96
C ARG B 516 9.05 5.65 -20.27
N THR B 517 8.67 4.55 -20.91
CA THR B 517 9.63 3.48 -21.26
C THR B 517 8.93 2.54 -22.24
N VAL B 518 9.68 1.54 -22.70
CA VAL B 518 9.14 0.37 -23.40
C VAL B 518 9.29 -0.80 -22.45
N TYR B 519 8.18 -1.53 -22.26
CA TYR B 519 8.04 -2.42 -21.11
C TYR B 519 9.13 -3.49 -21.07
N ARG B 520 9.90 -3.51 -19.97
CA ARG B 520 11.06 -4.38 -19.75
C ARG B 520 12.11 -4.29 -20.85
N ASP B 521 12.17 -3.16 -21.55
CA ASP B 521 13.14 -2.98 -22.62
C ASP B 521 13.48 -1.49 -22.77
N HIS B 522 14.03 -0.89 -21.71
CA HIS B 522 14.29 0.54 -21.75
C HIS B 522 15.30 0.92 -22.82
N LYS B 523 16.26 0.02 -23.12
CA LYS B 523 17.27 0.31 -24.14
C LYS B 523 16.64 0.54 -25.50
N ARG B 524 15.61 -0.26 -25.85
CA ARG B 524 14.93 -0.07 -27.13
C ARG B 524 14.23 1.28 -27.17
N TYR B 525 13.72 1.72 -26.02
CA TYR B 525 13.11 3.03 -25.89
C TYR B 525 14.13 4.14 -26.12
N LEU B 526 15.31 4.02 -25.52
CA LEU B 526 16.32 5.06 -25.65
C LEU B 526 16.87 5.10 -27.06
N GLU B 527 17.22 3.93 -27.61
CA GLU B 527 17.82 3.84 -28.94
C GLU B 527 16.83 4.26 -30.02
N THR B 528 15.54 4.03 -29.81
CA THR B 528 14.58 4.35 -30.86
C THR B 528 14.27 5.84 -30.90
N TYR B 529 14.10 6.46 -29.74
CA TYR B 529 13.57 7.83 -29.65
C TYR B 529 14.57 8.87 -29.18
N MET B 530 15.59 8.46 -28.41
CA MET B 530 16.43 9.40 -27.69
C MET B 530 17.85 9.51 -28.22
N LYS B 531 18.41 8.41 -28.77
CA LYS B 531 19.77 8.43 -29.27
C LYS B 531 19.91 8.94 -30.72
N PRO B 532 18.90 8.85 -31.60
CA PRO B 532 19.13 9.31 -32.98
C PRO B 532 19.56 10.77 -33.06
N TYR B 533 18.92 11.64 -32.28
CA TYR B 533 19.25 13.06 -32.23
C TYR B 533 19.38 13.43 -30.77
N PRO B 534 20.58 13.30 -30.20
CA PRO B 534 20.76 13.48 -28.75
C PRO B 534 20.30 14.85 -28.27
N GLY B 535 19.49 14.84 -27.21
CA GLY B 535 18.93 16.05 -26.65
C GLY B 535 17.50 16.32 -27.06
N TYR B 536 16.99 15.57 -28.03
CA TYR B 536 15.65 15.75 -28.56
C TYR B 536 14.96 14.40 -28.51
N PHE B 537 13.64 14.43 -28.74
CA PHE B 537 12.84 13.24 -28.98
C PHE B 537 12.56 13.13 -30.47
N PHE B 538 12.82 11.95 -31.03
CA PHE B 538 12.70 11.70 -32.47
C PHE B 538 11.40 10.96 -32.75
N PHE B 539 10.45 11.64 -33.40
CA PHE B 539 9.15 11.04 -33.73
C PHE B 539 9.28 9.91 -34.74
N GLY B 540 10.24 9.99 -35.67
CA GLY B 540 10.27 9.07 -36.80
C GLY B 540 9.52 9.52 -38.05
N ASP B 541 9.03 10.77 -38.10
CA ASP B 541 8.32 11.30 -39.25
C ASP B 541 9.11 12.42 -39.91
N GLY B 542 8.96 12.53 -41.24
CA GLY B 542 9.43 13.71 -41.94
C GLY B 542 8.43 14.85 -41.84
N ALA B 543 8.94 16.08 -41.78
CA ALA B 543 8.06 17.23 -41.55
C ALA B 543 8.62 18.47 -42.20
N ALA B 544 7.73 19.43 -42.46
CA ALA B 544 8.10 20.73 -43.00
C ALA B 544 7.32 21.83 -42.30
N ARG B 545 7.97 22.98 -42.14
CA ARG B 545 7.36 24.20 -41.62
C ARG B 545 7.37 25.25 -42.73
N ASP B 546 6.19 25.67 -43.18
CA ASP B 546 6.13 26.56 -44.34
C ASP B 546 6.28 28.02 -43.94
N TYR B 547 6.21 28.90 -44.94
CA TYR B 547 6.42 30.33 -44.74
C TYR B 547 5.53 30.88 -43.63
N ASP B 548 4.33 30.33 -43.47
CA ASP B 548 3.41 30.79 -42.43
C ASP B 548 3.69 30.13 -41.08
N GLY B 549 4.71 29.30 -40.96
CA GLY B 549 4.96 28.64 -39.70
C GLY B 549 4.12 27.41 -39.45
N TYR B 550 3.25 27.04 -40.40
CA TYR B 550 2.49 25.81 -40.29
C TYR B 550 3.40 24.60 -40.42
N MET B 551 3.01 23.53 -39.75
CA MET B 551 3.74 22.28 -39.84
CA MET B 551 3.73 22.27 -39.82
C MET B 551 3.01 21.33 -40.79
N TRP B 552 3.78 20.56 -41.54
CA TRP B 552 3.25 19.58 -42.47
C TRP B 552 3.96 18.26 -42.25
N ILE B 553 3.20 17.22 -41.93
CA ILE B 553 3.77 15.89 -41.72
C ILE B 553 3.80 15.17 -43.06
N LYS B 554 5.00 14.81 -43.51
CA LYS B 554 5.24 14.27 -44.84
C LYS B 554 5.15 12.75 -44.94
N GLY B 555 5.22 12.03 -43.82
CA GLY B 555 5.17 10.57 -43.82
C GLY B 555 6.28 9.97 -42.99
N ARG B 556 6.25 8.63 -42.89
CA ARG B 556 7.29 7.92 -42.15
C ARG B 556 8.63 8.09 -42.85
N VAL B 557 9.66 8.40 -42.06
CA VAL B 557 11.03 8.44 -42.58
C VAL B 557 11.38 7.14 -43.28
N ASP B 558 10.91 6.02 -42.73
CA ASP B 558 11.15 4.70 -43.31
C ASP B 558 10.56 4.53 -44.71
N ASP B 559 9.55 5.32 -45.06
CA ASP B 559 8.87 5.21 -46.34
C ASP B 559 9.44 6.15 -47.39
N VAL B 560 10.48 6.91 -47.05
CA VAL B 560 11.03 7.89 -47.99
C VAL B 560 11.67 7.15 -49.16
N ILE B 561 11.48 7.69 -50.35
CA ILE B 561 12.03 7.14 -51.58
C ILE B 561 13.04 8.13 -52.15
N ASN B 562 14.27 7.66 -52.34
CA ASN B 562 15.35 8.51 -52.80
C ASN B 562 15.58 8.17 -54.28
N VAL B 563 15.07 9.01 -55.16
CA VAL B 563 15.17 8.81 -56.60
C VAL B 563 16.34 9.66 -57.07
N SER B 564 17.48 9.01 -57.36
CA SER B 564 18.65 9.67 -57.93
C SER B 564 18.99 10.96 -57.16
N GLY B 565 18.99 10.85 -55.82
CA GLY B 565 19.31 11.97 -54.96
C GLY B 565 18.14 12.83 -54.50
N HIS B 566 16.93 12.63 -55.05
CA HIS B 566 15.77 13.40 -54.65
C HIS B 566 14.99 12.62 -53.60
N ARG B 567 14.81 13.20 -52.42
CA ARG B 567 14.06 12.54 -51.35
C ARG B 567 12.58 12.88 -51.51
N LEU B 568 11.77 11.88 -51.83
CA LEU B 568 10.33 12.04 -52.04
C LEU B 568 9.59 11.37 -50.88
N SER B 569 8.63 12.08 -50.30
CA SER B 569 7.79 11.57 -49.21
C SER B 569 6.51 10.92 -49.75
N THR B 570 5.88 10.10 -48.91
CA THR B 570 4.68 9.39 -49.35
C THR B 570 3.48 10.32 -49.48
N ALA B 571 3.33 11.28 -48.54
CA ALA B 571 2.10 12.06 -48.54
C ALA B 571 1.96 12.90 -49.82
N GLU B 572 3.07 13.42 -50.36
CA GLU B 572 2.92 14.30 -51.51
C GLU B 572 2.57 13.53 -52.77
N VAL B 573 3.14 12.32 -52.94
CA VAL B 573 2.85 11.56 -54.14
C VAL B 573 1.44 10.97 -54.06
N GLU B 574 1.09 10.39 -52.92
CA GLU B 574 -0.27 9.91 -52.76
C GLU B 574 -1.27 11.04 -52.92
N SER B 575 -0.94 12.25 -52.44
CA SER B 575 -1.86 13.38 -52.59
C SER B 575 -1.97 13.79 -54.05
N ALA B 576 -0.85 13.80 -54.78
CA ALA B 576 -0.91 14.09 -56.21
C ALA B 576 -1.70 13.02 -56.94
N LEU B 577 -1.54 11.77 -56.54
CA LEU B 577 -2.20 10.67 -57.24
C LEU B 577 -3.71 10.75 -57.08
N ILE B 578 -4.18 11.13 -55.89
CA ILE B 578 -5.62 11.14 -55.62
C ILE B 578 -6.33 12.32 -56.29
N LEU B 579 -5.58 13.26 -56.88
CA LEU B 579 -6.20 14.35 -57.63
C LEU B 579 -6.74 13.89 -58.97
N HIS B 580 -6.33 12.72 -59.45
CA HIS B 580 -6.88 12.19 -60.69
C HIS B 580 -8.30 11.70 -60.47
N LYS B 581 -9.18 11.98 -61.44
CA LYS B 581 -10.57 11.58 -61.30
C LYS B 581 -10.67 10.07 -61.18
N GLY B 582 -11.54 9.60 -60.29
CA GLY B 582 -11.74 8.19 -60.07
C GLY B 582 -10.78 7.55 -59.08
N VAL B 583 -9.65 8.20 -58.75
CA VAL B 583 -8.73 7.61 -57.79
C VAL B 583 -9.35 7.64 -56.40
N ALA B 584 -9.28 6.50 -55.70
CA ALA B 584 -9.79 6.36 -54.34
C ALA B 584 -8.70 6.46 -53.29
N GLU B 585 -7.65 5.64 -53.43
CA GLU B 585 -6.58 5.54 -52.45
C GLU B 585 -5.32 5.07 -53.17
N THR B 586 -4.16 5.54 -52.70
CA THR B 586 -2.90 5.10 -53.28
C THR B 586 -1.90 4.82 -52.17
N ALA B 587 -0.87 4.08 -52.53
CA ALA B 587 0.29 3.84 -51.67
C ALA B 587 1.50 3.70 -52.56
N VAL B 588 2.55 4.45 -52.23
CA VAL B 588 3.79 4.43 -53.01
C VAL B 588 4.93 3.92 -52.12
N VAL B 589 5.74 3.03 -52.68
CA VAL B 589 6.89 2.46 -52.00
C VAL B 589 8.05 2.42 -52.98
N GLY B 590 9.25 2.42 -52.43
CA GLY B 590 10.46 2.41 -53.22
C GLY B 590 11.05 1.02 -53.34
N CYS B 591 11.86 0.85 -54.37
CA CYS B 591 12.61 -0.39 -54.53
C CYS B 591 13.96 -0.06 -55.16
N ALA B 592 14.91 -0.96 -54.96
CA ALA B 592 16.24 -0.75 -55.51
C ALA B 592 16.19 -0.67 -57.04
N ASP B 593 16.86 0.33 -57.60
CA ASP B 593 17.03 0.50 -59.04
C ASP B 593 18.49 0.85 -59.32
N ASP B 594 19.06 0.24 -60.36
CA ASP B 594 20.47 0.47 -60.68
C ASP B 594 20.73 1.89 -61.15
N LEU B 595 19.88 2.42 -62.04
CA LEU B 595 20.13 3.74 -62.58
C LEU B 595 19.86 4.84 -61.54
N THR B 596 18.75 4.74 -60.81
CA THR B 596 18.27 5.88 -60.02
C THR B 596 18.38 5.65 -58.51
N GLY B 597 19.05 4.59 -58.07
CA GLY B 597 19.19 4.33 -56.64
C GLY B 597 17.97 3.66 -56.03
N GLN B 598 16.84 4.37 -56.07
CA GLN B 598 15.53 3.82 -55.71
C GLN B 598 14.55 4.22 -56.79
N ALA B 599 13.54 3.37 -57.02
CA ALA B 599 12.46 3.66 -57.96
C ALA B 599 11.12 3.76 -57.25
N VAL B 600 10.20 4.49 -57.85
CA VAL B 600 8.87 4.70 -57.26
C VAL B 600 7.92 3.67 -57.86
N TYR B 601 7.29 2.90 -56.98
CA TYR B 601 6.26 1.93 -57.36
C TYR B 601 4.97 2.31 -56.65
N ALA B 602 3.90 2.43 -57.42
CA ALA B 602 2.63 2.94 -56.92
C ALA B 602 1.57 1.85 -56.97
N PHE B 603 0.85 1.69 -55.86
CA PHE B 603 -0.34 0.85 -55.78
C PHE B 603 -1.56 1.77 -55.74
N VAL B 604 -2.45 1.63 -56.72
CA VAL B 604 -3.58 2.54 -56.88
C VAL B 604 -4.88 1.73 -56.85
N THR B 605 -5.87 2.22 -56.11
CA THR B 605 -7.22 1.69 -56.13
C THR B 605 -8.19 2.75 -56.62
N MET B 606 -9.20 2.32 -57.36
CA MET B 606 -10.19 3.18 -58.00
C MET B 606 -11.57 3.00 -57.37
N LYS B 607 -12.46 3.94 -57.66
CA LYS B 607 -13.85 3.79 -57.28
C LYS B 607 -14.47 2.60 -58.01
N PRO B 608 -15.44 1.91 -57.40
CA PRO B 608 -16.02 0.72 -58.04
C PRO B 608 -16.77 1.01 -59.33
N GLU B 609 -17.14 2.27 -59.56
CA GLU B 609 -17.81 2.69 -60.77
C GLU B 609 -16.86 2.78 -61.97
N PHE B 610 -15.60 2.37 -61.82
CA PHE B 610 -14.61 2.55 -62.86
C PHE B 610 -14.53 1.32 -63.76
N ASP B 611 -14.56 1.55 -65.07
CA ASP B 611 -14.58 0.50 -66.09
C ASP B 611 -13.14 0.32 -66.56
N LEU B 612 -12.43 -0.65 -65.97
CA LEU B 612 -11.07 -0.95 -66.39
C LEU B 612 -11.03 -1.71 -67.71
N LYS B 613 -12.18 -2.16 -68.21
CA LYS B 613 -12.22 -2.79 -69.53
C LYS B 613 -12.29 -1.75 -70.64
N ALA B 614 -13.10 -0.69 -70.45
CA ALA B 614 -13.22 0.33 -71.47
C ALA B 614 -11.99 1.22 -71.55
N THR B 615 -11.43 1.56 -70.39
CA THR B 615 -10.19 2.34 -70.31
C THR B 615 -9.01 1.39 -70.41
N LYS B 616 -8.06 1.72 -71.28
CA LYS B 616 -6.82 0.96 -71.33
C LYS B 616 -6.06 1.11 -70.01
N GLU B 617 -5.69 -0.02 -69.40
CA GLU B 617 -4.96 0.02 -68.13
C GLU B 617 -3.59 0.66 -68.31
N ALA B 618 -2.97 0.49 -69.49
CA ALA B 618 -1.73 1.19 -69.79
C ALA B 618 -1.96 2.69 -69.88
N ASP B 619 -3.12 3.11 -70.41
CA ASP B 619 -3.40 4.54 -70.59
C ASP B 619 -3.70 5.22 -69.26
N LEU B 620 -4.44 4.55 -68.38
CA LEU B 620 -4.64 5.11 -67.05
C LEU B 620 -3.32 5.23 -66.30
N SER B 621 -2.41 4.26 -66.50
CA SER B 621 -1.12 4.29 -65.82
C SER B 621 -0.27 5.47 -66.29
N LYS B 622 -0.33 5.80 -67.58
CA LYS B 622 0.43 6.94 -68.10
C LYS B 622 -0.13 8.26 -67.60
N GLU B 623 -1.47 8.38 -67.56
CA GLU B 623 -2.10 9.63 -67.14
C GLU B 623 -1.83 9.93 -65.66
N LEU B 624 -1.72 8.88 -64.84
CA LEU B 624 -1.36 9.09 -63.44
C LEU B 624 0.10 9.49 -63.29
N ALA B 625 0.99 8.96 -64.14
CA ALA B 625 2.41 9.29 -64.06
C ALA B 625 2.66 10.74 -64.47
N ILE B 626 1.94 11.22 -65.48
CA ILE B 626 2.04 12.62 -65.86
C ILE B 626 1.53 13.53 -64.75
N GLN B 627 0.43 13.13 -64.10
CA GLN B 627 -0.12 13.91 -63.00
C GLN B 627 0.92 14.08 -61.88
N VAL B 628 1.67 13.01 -61.59
CA VAL B 628 2.76 13.11 -60.62
C VAL B 628 3.88 14.00 -61.14
N ARG B 629 4.27 13.80 -62.41
CA ARG B 629 5.40 14.57 -62.95
C ARG B 629 5.10 16.06 -62.99
N LYS B 630 3.85 16.43 -63.28
CA LYS B 630 3.47 17.85 -63.30
C LYS B 630 3.36 18.41 -61.88
N VAL B 631 2.66 17.69 -60.99
CA VAL B 631 2.41 18.20 -59.64
C VAL B 631 3.70 18.26 -58.82
N ILE B 632 4.59 17.27 -58.97
CA ILE B 632 5.77 17.18 -58.11
C ILE B 632 7.07 17.48 -58.86
N GLY B 633 7.55 16.53 -59.66
CA GLY B 633 8.76 16.73 -60.44
C GLY B 633 9.00 15.62 -61.44
N PRO B 634 9.91 15.85 -62.39
CA PRO B 634 10.29 14.76 -63.32
C PRO B 634 10.71 13.48 -62.62
N PHE B 635 11.30 13.56 -61.43
CA PHE B 635 11.83 12.41 -60.72
C PHE B 635 10.76 11.58 -60.03
N ALA B 636 9.58 12.14 -59.77
CA ALA B 636 8.59 11.52 -58.92
C ALA B 636 7.69 10.53 -59.65
N ALA B 637 7.74 10.48 -60.97
CA ALA B 637 6.85 9.61 -61.71
C ALA B 637 7.12 8.15 -61.34
N PRO B 638 6.07 7.33 -61.17
CA PRO B 638 6.30 5.92 -60.82
C PRO B 638 6.81 5.11 -62.00
N LYS B 639 7.84 4.29 -61.75
CA LYS B 639 8.36 3.37 -62.76
C LYS B 639 7.35 2.28 -63.09
N LYS B 640 6.53 1.88 -62.10
CA LYS B 640 5.42 0.96 -62.32
C LYS B 640 4.26 1.40 -61.44
N ILE B 641 3.06 1.05 -61.89
CA ILE B 641 1.82 1.36 -61.20
C ILE B 641 0.97 0.09 -61.24
N TYR B 642 0.53 -0.36 -60.08
CA TYR B 642 -0.28 -1.56 -59.96
C TYR B 642 -1.71 -1.18 -59.61
N LEU B 643 -2.67 -1.62 -60.43
CA LEU B 643 -4.09 -1.36 -60.18
C LEU B 643 -4.67 -2.51 -59.34
N VAL B 644 -5.08 -2.20 -58.11
CA VAL B 644 -5.52 -3.21 -57.16
C VAL B 644 -6.86 -2.82 -56.56
N SER B 645 -7.60 -3.83 -56.09
CA SER B 645 -8.96 -3.59 -55.59
C SER B 645 -8.96 -2.89 -54.24
N ASP B 646 -7.97 -3.18 -53.39
CA ASP B 646 -7.85 -2.53 -52.09
C ASP B 646 -6.40 -2.62 -51.64
N LEU B 647 -6.10 -1.93 -50.56
CA LEU B 647 -4.79 -1.92 -49.94
C LEU B 647 -4.81 -2.60 -48.58
N PRO B 648 -3.66 -3.08 -48.09
CA PRO B 648 -3.60 -3.61 -46.72
C PRO B 648 -3.60 -2.46 -45.72
N LYS B 649 -4.62 -2.42 -44.88
CA LYS B 649 -4.77 -1.35 -43.89
C LYS B 649 -5.03 -1.97 -42.52
N THR B 650 -4.58 -1.27 -41.49
CA THR B 650 -4.83 -1.66 -40.12
C THR B 650 -5.97 -0.82 -39.53
N ARG B 651 -6.32 -1.13 -38.29
CA ARG B 651 -7.20 -0.27 -37.52
C ARG B 651 -6.42 0.74 -36.68
N SER B 652 -5.21 1.08 -37.14
CA SER B 652 -4.42 2.20 -36.66
C SER B 652 -4.35 3.34 -37.67
N GLY B 653 -5.32 3.42 -38.59
CA GLY B 653 -5.33 4.52 -39.55
C GLY B 653 -4.15 4.53 -40.50
N LYS B 654 -3.59 3.36 -40.81
CA LYS B 654 -2.32 3.27 -41.52
C LYS B 654 -2.45 2.33 -42.70
N ILE B 655 -1.64 2.58 -43.73
CA ILE B 655 -1.51 1.67 -44.87
C ILE B 655 -0.23 0.86 -44.67
N MET B 656 -0.32 -0.45 -44.94
CA MET B 656 0.78 -1.37 -44.67
C MET B 656 1.81 -1.27 -45.79
N ARG B 657 2.54 -0.15 -45.78
CA ARG B 657 3.51 0.08 -46.85
C ARG B 657 4.67 -0.90 -46.80
N ARG B 658 5.15 -1.25 -45.59
CA ARG B 658 6.23 -2.22 -45.50
C ARG B 658 5.86 -3.54 -46.19
N VAL B 659 4.60 -3.95 -46.06
CA VAL B 659 4.14 -5.13 -46.78
C VAL B 659 4.25 -4.92 -48.28
N LEU B 660 3.84 -3.75 -48.76
CA LEU B 660 3.95 -3.46 -50.18
C LEU B 660 5.42 -3.35 -50.60
N ARG B 661 6.26 -2.77 -49.74
CA ARG B 661 7.67 -2.63 -50.05
C ARG B 661 8.35 -3.99 -50.20
N LYS B 662 8.04 -4.93 -49.30
CA LYS B 662 8.63 -6.26 -49.38
C LYS B 662 8.11 -7.04 -50.58
N ILE B 663 6.83 -6.88 -50.93
CA ILE B 663 6.29 -7.61 -52.08
C ILE B 663 6.92 -7.13 -53.37
N VAL B 664 7.11 -5.81 -53.51
CA VAL B 664 7.80 -5.28 -54.68
C VAL B 664 9.25 -5.75 -54.70
N ALA B 665 9.87 -5.95 -53.52
CA ALA B 665 11.24 -6.42 -53.40
C ALA B 665 11.40 -7.93 -53.59
N GLY B 666 10.33 -8.69 -53.81
CA GLY B 666 10.41 -10.14 -53.90
C GLY B 666 10.47 -10.89 -52.58
N GLU B 667 10.31 -10.21 -51.45
CA GLU B 667 10.35 -10.86 -50.14
C GLU B 667 8.94 -11.25 -49.66
N GLY B 668 7.99 -11.38 -50.60
CA GLY B 668 6.61 -11.66 -50.24
C GLY B 668 6.35 -13.02 -49.62
N ASP B 669 7.17 -14.01 -49.94
CA ASP B 669 6.97 -15.35 -49.39
C ASP B 669 7.06 -15.36 -47.87
N GLN B 670 7.85 -14.43 -47.30
CA GLN B 670 8.08 -14.34 -45.85
C GLN B 670 7.76 -12.91 -45.38
N LEU B 671 6.47 -12.58 -45.33
CA LEU B 671 6.00 -11.28 -44.84
C LEU B 671 5.66 -11.29 -43.36
N GLY B 672 5.50 -12.46 -42.75
CA GLY B 672 5.14 -12.53 -41.35
C GLY B 672 3.66 -12.56 -41.06
N ASP B 673 3.28 -11.99 -39.93
CA ASP B 673 1.92 -12.06 -39.41
C ASP B 673 1.09 -10.87 -39.89
N LEU B 674 0.07 -11.15 -40.71
CA LEU B 674 -0.80 -10.12 -41.28
C LEU B 674 -2.07 -9.91 -40.45
N SER B 675 -2.01 -10.27 -39.16
CA SER B 675 -3.19 -10.23 -38.30
C SER B 675 -3.77 -8.83 -38.14
N SER B 676 -2.94 -7.80 -38.27
CA SER B 676 -3.38 -6.42 -38.08
C SER B 676 -4.14 -5.86 -39.26
N ILE B 677 -3.97 -6.43 -40.46
CA ILE B 677 -4.65 -5.94 -41.64
C ILE B 677 -6.11 -6.35 -41.61
N ALA B 678 -6.99 -5.43 -42.03
CA ALA B 678 -8.43 -5.64 -41.89
C ALA B 678 -8.90 -6.82 -42.73
N ASP B 679 -8.53 -6.85 -44.02
CA ASP B 679 -8.87 -7.94 -44.94
C ASP B 679 -7.61 -8.68 -45.37
N PRO B 680 -7.24 -9.77 -44.69
CA PRO B 680 -5.93 -10.40 -44.98
C PRO B 680 -5.82 -10.94 -46.40
N GLN B 681 -6.94 -11.30 -47.03
CA GLN B 681 -6.90 -11.85 -48.39
C GLN B 681 -6.43 -10.83 -49.41
N ILE B 682 -6.39 -9.54 -49.06
CA ILE B 682 -5.96 -8.52 -50.00
C ILE B 682 -4.48 -8.68 -50.31
N VAL B 683 -3.69 -9.13 -49.35
CA VAL B 683 -2.27 -9.28 -49.58
C VAL B 683 -2.00 -10.38 -50.61
N GLU B 684 -2.83 -11.42 -50.66
CA GLU B 684 -2.66 -12.46 -51.67
C GLU B 684 -2.97 -11.93 -53.07
N GLU B 685 -3.88 -10.97 -53.19
CA GLU B 685 -4.12 -10.35 -54.50
C GLU B 685 -2.94 -9.48 -54.91
N VAL B 686 -2.37 -8.73 -53.96
CA VAL B 686 -1.21 -7.90 -54.26
C VAL B 686 -0.04 -8.78 -54.70
N LYS B 687 0.09 -9.97 -54.11
CA LYS B 687 1.07 -10.94 -54.59
C LYS B 687 0.80 -11.31 -56.04
N GLN B 688 -0.47 -11.56 -56.38
CA GLN B 688 -0.80 -11.99 -57.74
C GLN B 688 -0.47 -10.90 -58.75
N LYS B 689 -0.86 -9.66 -58.47
CA LYS B 689 -0.70 -8.60 -59.45
C LYS B 689 0.78 -8.26 -59.67
N VAL B 690 1.58 -8.30 -58.59
CA VAL B 690 3.01 -8.01 -58.75
C VAL B 690 3.73 -9.15 -59.45
N THR B 691 3.29 -10.40 -59.21
CA THR B 691 3.87 -11.57 -59.85
C THR B 691 3.06 -12.04 -61.06
N VAL C 24 43.10 14.31 44.29
CA VAL C 24 42.22 13.45 45.06
C VAL C 24 41.01 13.03 44.21
N HIS C 25 41.27 12.60 42.98
CA HIS C 25 40.22 12.28 42.02
C HIS C 25 40.14 10.76 41.86
N HIS C 26 38.96 10.21 42.12
CA HIS C 26 38.78 8.75 42.07
C HIS C 26 38.95 8.20 40.65
N VAL C 27 38.39 8.84 39.64
CA VAL C 27 38.54 8.40 38.25
C VAL C 27 39.63 9.23 37.59
N HIS C 28 40.53 8.56 36.90
CA HIS C 28 41.66 9.18 36.25
C HIS C 28 41.51 9.16 34.74
N PRO C 29 42.11 10.10 34.02
CA PRO C 29 42.11 10.02 32.55
C PRO C 29 42.86 8.79 32.07
N LEU C 30 42.59 8.42 30.84
CA LEU C 30 43.45 7.43 30.20
C LEU C 30 44.90 7.91 30.26
N PRO C 31 45.83 7.02 30.53
CA PRO C 31 47.24 7.42 30.70
C PRO C 31 47.72 8.21 29.49
N ASP C 32 48.43 9.31 29.75
CA ASP C 32 49.04 10.12 28.71
C ASP C 32 50.40 10.62 29.17
N SER C 33 51.26 10.94 28.19
CA SER C 33 52.53 11.57 28.50
C SER C 33 52.34 13.04 28.91
N VAL C 34 51.40 13.73 28.28
CA VAL C 34 51.15 15.14 28.59
C VAL C 34 50.52 15.25 29.98
N PRO C 35 51.00 16.12 30.86
CA PRO C 35 50.29 16.33 32.13
C PRO C 35 48.87 16.81 31.90
N GLU C 36 48.00 16.53 32.87
CA GLU C 36 46.60 16.89 32.75
C GLU C 36 46.41 18.41 32.65
N SER C 37 47.25 19.19 33.33
CA SER C 37 47.13 20.64 33.29
C SER C 37 47.23 21.18 31.88
N GLU C 38 47.96 20.50 31.01
CA GLU C 38 48.20 20.97 29.65
C GLU C 38 47.50 20.13 28.60
N ASP C 39 46.48 19.35 28.99
CA ASP C 39 45.89 18.32 28.12
C ASP C 39 44.41 18.58 27.83
N LEU C 40 44.02 19.85 27.84
CA LEU C 40 42.65 20.28 27.56
C LEU C 40 42.69 21.19 26.35
N PHE C 41 41.99 20.81 25.29
CA PHE C 41 42.08 21.50 24.01
C PHE C 41 40.75 22.17 23.69
N ALA C 42 40.75 23.50 23.80
CA ALA C 42 39.59 24.28 23.43
C ALA C 42 39.42 24.26 21.91
N PRO C 43 38.19 24.48 21.43
CA PRO C 43 37.93 24.47 19.98
C PRO C 43 38.91 25.39 19.26
N PRO C 44 39.64 24.86 18.28
CA PRO C 44 40.70 25.63 17.62
C PRO C 44 40.11 26.63 16.63
N PRO C 45 40.92 27.53 16.06
CA PRO C 45 40.36 28.62 15.22
C PRO C 45 39.46 28.17 14.07
N ARG C 46 39.78 27.08 13.37
CA ARG C 46 38.93 26.64 12.27
C ARG C 46 37.53 26.29 12.73
N MET C 47 37.35 25.94 14.00
CA MET C 47 36.03 25.68 14.57
C MET C 47 35.49 26.87 15.34
N GLN C 48 36.04 28.06 15.09
CA GLN C 48 35.54 29.29 15.65
C GLN C 48 34.99 30.22 14.57
N GLY C 49 34.85 29.71 13.35
CA GLY C 49 34.43 30.56 12.25
C GLY C 49 35.47 31.55 11.77
N LYS C 50 36.75 31.32 12.09
CA LYS C 50 37.78 32.23 11.64
C LYS C 50 38.33 31.80 10.28
N GLU C 51 39.08 32.71 9.66
CA GLU C 51 39.71 32.46 8.37
C GLU C 51 38.67 31.98 7.35
N GLY C 52 37.47 32.55 7.45
CA GLY C 52 36.39 32.27 6.53
C GLY C 52 35.72 30.92 6.68
N ARG C 53 36.12 30.08 7.64
CA ARG C 53 35.46 28.80 7.77
C ARG C 53 34.06 29.00 8.35
N PRO C 54 33.13 28.10 8.04
CA PRO C 54 31.75 28.27 8.52
C PRO C 54 31.68 28.37 10.03
N LYS C 55 30.67 29.11 10.51
CA LYS C 55 30.48 29.27 11.94
C LYS C 55 29.83 28.00 12.51
N PRO C 56 30.29 27.51 13.65
CA PRO C 56 29.77 26.26 14.20
C PRO C 56 28.29 26.37 14.57
N HIS C 57 27.57 25.24 14.40
CA HIS C 57 26.14 25.24 14.70
C HIS C 57 25.89 25.39 16.20
N ILE C 58 26.80 24.89 17.04
CA ILE C 58 26.73 25.08 18.49
C ILE C 58 28.08 25.58 18.96
N GLY C 59 28.08 26.67 19.72
CA GLY C 59 29.29 27.24 20.25
C GLY C 59 29.02 28.53 21.01
N PRO C 60 30.06 29.10 21.62
CA PRO C 60 31.44 28.63 21.47
C PRO C 60 32.00 27.88 22.66
N ASN C 61 31.18 27.55 23.66
CA ASN C 61 31.71 26.99 24.89
C ASN C 61 30.79 25.89 25.39
N TYR C 62 31.13 25.35 26.56
CA TYR C 62 30.39 24.24 27.12
C TYR C 62 28.97 24.65 27.48
N GLU C 63 28.77 25.88 27.95
CA GLU C 63 27.44 26.33 28.34
C GLU C 63 26.48 26.36 27.15
N SER C 64 26.98 26.70 25.95
CA SER C 64 26.12 26.71 24.77
C SER C 64 25.63 25.29 24.44
N TYR C 65 26.48 24.27 24.66
CA TYR C 65 26.03 22.90 24.43
C TYR C 65 24.92 22.53 25.41
N VAL C 66 25.08 22.89 26.68
CA VAL C 66 24.08 22.57 27.69
C VAL C 66 22.74 23.20 27.34
N LYS C 67 22.77 24.46 26.88
CA LYS C 67 21.53 25.15 26.56
C LYS C 67 20.74 24.40 25.49
N GLU C 68 21.42 23.91 24.46
CA GLU C 68 20.66 23.19 23.45
C GLU C 68 20.30 21.79 23.91
N TRP C 69 21.25 21.09 24.56
CA TRP C 69 21.03 19.69 24.93
C TRP C 69 19.86 19.56 25.90
N ALA C 70 19.72 20.53 26.83
CA ALA C 70 18.63 20.51 27.80
C ALA C 70 17.25 20.60 27.14
N LYS C 71 17.18 21.13 25.91
CA LYS C 71 15.91 21.15 25.19
C LYS C 71 15.52 19.79 24.68
N THR C 72 16.47 18.83 24.65
CA THR C 72 16.28 17.58 23.94
C THR C 72 16.05 16.40 24.85
N VAL C 73 16.08 16.61 26.17
CA VAL C 73 15.81 15.55 27.12
C VAL C 73 14.84 16.05 28.18
N GLY C 74 14.06 15.11 28.72
CA GLY C 74 13.13 15.42 29.77
C GLY C 74 11.72 15.73 29.28
N PRO C 75 10.89 16.19 30.20
CA PRO C 75 9.43 16.25 29.94
C PRO C 75 9.00 17.33 28.96
N ASN C 76 9.89 18.23 28.55
CA ASN C 76 9.54 19.25 27.58
C ASN C 76 10.34 19.13 26.28
N SER C 77 10.89 17.97 26.00
CA SER C 77 11.72 17.89 24.82
C SER C 77 10.92 17.57 23.58
N ASP C 78 9.65 17.20 23.72
CA ASP C 78 8.82 16.87 22.56
C ASP C 78 8.82 18.02 21.57
N GLU C 79 8.75 19.24 22.08
CA GLU C 79 8.71 20.42 21.21
C GLU C 79 9.95 20.47 20.31
N TRP C 80 11.14 20.34 20.90
CA TRP C 80 12.36 20.36 20.11
C TRP C 80 12.37 19.21 19.10
N TRP C 81 12.02 18.01 19.54
CA TRP C 81 12.11 16.86 18.65
C TRP C 81 11.10 16.95 17.51
N ALA C 82 9.90 17.47 17.79
CA ALA C 82 8.91 17.62 16.74
C ALA C 82 9.37 18.60 15.68
N ALA C 83 9.94 19.73 16.08
CA ALA C 83 10.39 20.74 15.11
C ALA C 83 11.58 20.24 14.30
N LYS C 84 12.58 19.62 14.96
CA LYS C 84 13.71 19.06 14.22
C LYS C 84 13.22 18.00 13.21
N ALA C 85 12.22 17.21 13.59
CA ALA C 85 11.74 16.18 12.67
C ALA C 85 11.13 16.82 11.43
N ARG C 86 10.37 17.90 11.61
CA ARG C 86 9.71 18.56 10.50
C ARG C 86 10.68 19.39 9.66
N GLU C 87 11.74 19.91 10.28
CA GLU C 87 12.70 20.71 9.54
C GLU C 87 13.69 19.82 8.77
N THR C 88 14.03 18.66 9.31
CA THR C 88 15.12 17.88 8.77
C THR C 88 14.68 16.94 7.65
N LEU C 89 13.46 16.42 7.70
CA LEU C 89 12.99 15.43 6.76
C LEU C 89 11.82 15.94 5.95
N ASP C 90 11.69 15.43 4.72
CA ASP C 90 10.49 15.66 3.91
C ASP C 90 9.53 14.52 4.17
N TRP C 91 8.30 14.85 4.53
CA TRP C 91 7.30 13.85 4.88
C TRP C 91 6.22 13.81 3.81
N TYR C 92 5.68 12.62 3.56
CA TYR C 92 4.45 12.54 2.78
C TYR C 92 3.23 12.85 3.65
N ASP C 93 3.21 12.35 4.89
CA ASP C 93 2.15 12.65 5.84
C ASP C 93 2.77 13.13 7.13
N ASP C 94 2.23 14.21 7.69
CA ASP C 94 2.71 14.68 8.97
C ASP C 94 2.41 13.66 10.06
N PHE C 95 3.22 13.68 11.13
CA PHE C 95 2.94 12.87 12.31
C PHE C 95 2.12 13.68 13.31
N LYS C 96 1.50 12.98 14.24
CA LYS C 96 0.77 13.59 15.35
C LYS C 96 1.45 13.36 16.69
N THR C 97 1.89 12.14 16.96
CA THR C 97 2.56 11.80 18.20
C THR C 97 4.08 11.88 18.05
N VAL C 98 4.74 12.48 19.05
CA VAL C 98 6.20 12.56 18.97
C VAL C 98 6.83 11.24 19.36
N ARG C 99 6.48 10.71 20.54
CA ARG C 99 7.13 9.51 21.03
C ARG C 99 6.16 8.69 21.87
N ALA C 100 6.46 7.40 21.98
CA ALA C 100 5.70 6.50 22.84
C ALA C 100 6.52 5.24 23.01
N GLY C 101 6.10 4.40 23.96
CA GLY C 101 6.75 3.12 24.20
C GLY C 101 7.95 3.25 25.13
N GLY C 102 8.67 2.15 25.26
CA GLY C 102 9.74 2.11 26.24
C GLY C 102 10.60 0.88 26.12
N PHE C 103 11.56 0.78 27.05
CA PHE C 103 12.52 -0.33 27.05
C PHE C 103 11.87 -1.64 27.50
N GLU C 104 10.95 -1.58 28.47
CA GLU C 104 10.55 -2.81 29.16
C GLU C 104 10.01 -3.86 28.20
N HIS C 105 9.22 -3.45 27.22
CA HIS C 105 8.67 -4.42 26.28
C HIS C 105 9.21 -4.29 24.89
N GLY C 106 10.04 -3.29 24.62
CA GLY C 106 10.53 -3.09 23.28
C GLY C 106 9.43 -2.64 22.35
N ASP C 107 8.72 -1.58 22.72
CA ASP C 107 7.69 -0.98 21.86
C ASP C 107 8.01 0.48 21.54
N VAL C 108 9.30 0.81 21.40
CA VAL C 108 9.69 2.20 21.17
C VAL C 108 9.03 2.71 19.91
N GLN C 109 8.41 3.89 20.00
CA GLN C 109 7.75 4.54 18.89
C GLN C 109 8.16 6.00 18.81
N TRP C 110 8.48 6.46 17.60
CA TRP C 110 8.74 7.85 17.34
C TRP C 110 8.01 8.26 16.06
N PHE C 111 7.27 9.34 16.12
CA PHE C 111 6.54 9.89 14.99
C PHE C 111 5.64 8.87 14.29
N PRO C 112 4.92 8.03 15.03
CA PRO C 112 4.29 6.85 14.39
C PRO C 112 3.33 7.16 13.25
N GLU C 113 2.54 8.22 13.35
CA GLU C 113 1.58 8.45 12.28
C GLU C 113 2.22 9.02 11.02
N GLY C 114 3.50 9.42 11.04
CA GLY C 114 4.09 10.02 9.87
C GLY C 114 4.45 9.00 8.81
N THR C 115 4.49 9.47 7.56
CA THR C 115 4.98 8.66 6.46
C THR C 115 6.06 9.44 5.71
N LEU C 116 7.05 8.70 5.22
CA LEU C 116 8.20 9.28 4.53
C LEU C 116 8.89 8.17 3.76
N ASN C 117 9.97 8.52 3.05
CA ASN C 117 10.82 7.54 2.37
C ASN C 117 12.28 7.97 2.46
N ALA C 118 13.15 7.02 2.82
CA ALA C 118 14.55 7.37 3.01
C ALA C 118 15.23 7.75 1.70
N ALA C 119 14.92 7.04 0.60
CA ALA C 119 15.53 7.40 -0.67
C ALA C 119 15.07 8.78 -1.12
N TYR C 120 13.81 9.12 -0.86
CA TYR C 120 13.35 10.46 -1.20
C TYR C 120 14.14 11.53 -0.45
N ASN C 121 14.55 11.23 0.78
CA ASN C 121 15.26 12.20 1.59
C ASN C 121 16.76 12.21 1.32
N CYS C 122 17.32 11.12 0.82
CA CYS C 122 18.75 11.06 0.50
C CYS C 122 19.06 11.34 -0.98
N LEU C 123 18.07 11.29 -1.87
CA LEU C 123 18.30 11.49 -3.30
C LEU C 123 17.34 12.51 -3.88
N ASP C 124 16.08 12.11 -4.07
CA ASP C 124 15.16 12.90 -4.89
C ASP C 124 15.16 14.38 -4.53
N ARG C 125 14.99 14.70 -3.25
CA ARG C 125 14.84 16.12 -2.89
C ARG C 125 16.12 16.91 -3.16
N HIS C 126 17.28 16.29 -2.98
CA HIS C 126 18.52 17.00 -3.30
C HIS C 126 18.73 17.06 -4.80
N TYR C 127 18.29 16.03 -5.52
CA TYR C 127 18.35 16.02 -6.99
C TYR C 127 17.49 17.12 -7.58
N TYR C 128 16.30 17.37 -7.00
CA TYR C 128 15.41 18.41 -7.54
C TYR C 128 16.00 19.81 -7.34
N LYS C 129 16.86 19.99 -6.33
CA LYS C 129 17.42 21.32 -6.08
C LYS C 129 18.68 21.56 -6.89
N ASN C 130 19.61 20.60 -6.90
CA ASN C 130 20.87 20.74 -7.62
C ASN C 130 21.30 19.36 -8.14
N PRO C 131 20.80 18.97 -9.32
CA PRO C 131 21.09 17.61 -9.82
C PRO C 131 22.58 17.33 -10.06
N LYS C 132 23.37 18.31 -10.48
CA LYS C 132 24.77 18.07 -10.83
C LYS C 132 25.72 18.13 -9.65
N LYS C 133 25.22 18.38 -8.44
CA LYS C 133 26.06 18.36 -7.25
C LYS C 133 26.57 16.95 -6.98
N THR C 134 27.81 16.85 -6.51
CA THR C 134 28.41 15.55 -6.24
C THR C 134 27.83 14.93 -4.98
N ALA C 135 27.16 13.78 -5.12
CA ALA C 135 26.71 13.03 -3.96
C ALA C 135 27.83 12.16 -3.38
N ILE C 136 28.59 11.50 -4.23
CA ILE C 136 29.60 10.55 -3.79
C ILE C 136 30.91 10.86 -4.47
N ILE C 137 31.97 10.95 -3.67
CA ILE C 137 33.34 10.86 -4.18
C ILE C 137 33.71 9.39 -4.16
N TYR C 138 33.84 8.78 -5.32
CA TYR C 138 34.22 7.36 -5.39
C TYR C 138 35.74 7.32 -5.46
N GLU C 139 36.37 6.98 -4.34
CA GLU C 139 37.82 6.79 -4.28
C GLU C 139 38.10 5.32 -4.57
N ALA C 140 38.43 5.02 -5.82
CA ALA C 140 38.63 3.64 -6.21
C ALA C 140 39.90 3.06 -5.57
N ASP C 141 39.99 1.72 -5.59
CA ASP C 141 41.20 1.07 -5.08
C ASP C 141 42.44 1.58 -5.79
N GLU C 142 42.36 1.75 -7.11
CA GLU C 142 43.43 2.42 -7.86
C GLU C 142 43.11 3.91 -7.95
N PRO C 143 43.99 4.79 -7.47
CA PRO C 143 43.64 6.22 -7.37
C PRO C 143 43.17 6.87 -8.67
N SER C 144 43.73 6.48 -9.82
CA SER C 144 43.34 7.10 -11.10
C SER C 144 41.90 6.79 -11.46
N GLU C 145 41.35 5.68 -10.98
CA GLU C 145 39.99 5.28 -11.30
C GLU C 145 38.96 6.01 -10.47
N SER C 146 39.38 6.96 -9.65
CA SER C 146 38.44 7.71 -8.82
C SER C 146 37.67 8.73 -9.65
N ARG C 147 36.44 9.01 -9.22
CA ARG C 147 35.62 10.00 -9.90
C ARG C 147 34.47 10.41 -9.00
N GLU C 148 33.82 11.53 -9.38
CA GLU C 148 32.67 12.04 -8.66
C GLU C 148 31.38 11.51 -9.28
N VAL C 149 30.42 11.15 -8.43
CA VAL C 149 29.10 10.68 -8.84
C VAL C 149 28.06 11.68 -8.37
N SER C 150 27.40 12.35 -9.30
CA SER C 150 26.42 13.36 -8.96
C SER C 150 25.14 12.72 -8.42
N TYR C 151 24.29 13.56 -7.79
CA TYR C 151 22.99 13.08 -7.31
C TYR C 151 22.13 12.55 -8.46
N GLU C 152 22.15 13.21 -9.61
CA GLU C 152 21.45 12.70 -10.78
C GLU C 152 21.88 11.27 -11.12
N GLU C 153 23.18 11.05 -11.27
CA GLU C 153 23.65 9.70 -11.59
C GLU C 153 23.30 8.70 -10.49
N LEU C 154 23.44 9.10 -9.23
CA LEU C 154 23.18 8.17 -8.13
C LEU C 154 21.69 7.86 -8.03
N MET C 155 20.83 8.86 -8.29
CA MET C 155 19.39 8.62 -8.27
C MET C 155 18.98 7.72 -9.42
N GLN C 156 19.56 7.95 -10.61
CA GLN C 156 19.21 7.11 -11.74
C GLN C 156 19.58 5.65 -11.47
N GLU C 157 20.80 5.41 -10.98
CA GLU C 157 21.22 4.04 -10.69
C GLU C 157 20.37 3.41 -9.58
N THR C 158 20.03 4.19 -8.54
CA THR C 158 19.13 3.66 -7.50
C THR C 158 17.77 3.29 -8.08
N CYS C 159 17.20 4.18 -8.90
CA CYS C 159 15.91 3.87 -9.49
C CYS C 159 15.97 2.64 -10.38
N ARG C 160 17.06 2.48 -11.15
CA ARG C 160 17.18 1.28 -12.00
C ARG C 160 17.17 0.00 -11.17
N VAL C 161 17.97 -0.05 -10.11
CA VAL C 161 18.02 -1.24 -9.26
C VAL C 161 16.68 -1.48 -8.61
N ALA C 162 16.03 -0.42 -8.12
CA ALA C 162 14.69 -0.55 -7.52
C ALA C 162 13.71 -1.17 -8.50
N ASN C 163 13.75 -0.74 -9.76
CA ASN C 163 12.91 -1.36 -10.79
C ASN C 163 13.27 -2.83 -10.98
N VAL C 164 14.55 -3.17 -10.96
CA VAL C 164 14.95 -4.57 -11.10
C VAL C 164 14.42 -5.39 -9.93
N LEU C 165 14.54 -4.85 -8.70
CA LEU C 165 14.02 -5.56 -7.54
C LEU C 165 12.50 -5.79 -7.67
N LYS C 166 11.77 -4.79 -8.15
CA LYS C 166 10.33 -5.00 -8.34
C LYS C 166 10.07 -6.08 -9.37
N SER C 167 10.88 -6.15 -10.43
CA SER C 167 10.66 -7.20 -11.41
C SER C 167 10.88 -8.59 -10.82
N TYR C 168 11.71 -8.73 -9.78
CA TYR C 168 11.86 -10.03 -9.14
C TYR C 168 10.76 -10.31 -8.13
N GLY C 169 9.80 -9.41 -7.95
CA GLY C 169 8.72 -9.62 -6.99
C GLY C 169 8.99 -9.14 -5.59
N VAL C 170 10.04 -8.35 -5.38
CA VAL C 170 10.30 -7.84 -4.05
C VAL C 170 9.19 -6.88 -3.63
N LYS C 171 8.57 -7.14 -2.49
CA LYS C 171 7.51 -6.32 -1.94
C LYS C 171 8.02 -5.54 -0.74
N LYS C 172 7.26 -4.48 -0.42
CA LYS C 172 7.40 -3.77 0.85
C LYS C 172 7.48 -4.79 1.98
N GLY C 173 8.48 -4.64 2.86
CA GLY C 173 8.68 -5.55 3.98
C GLY C 173 9.53 -6.79 3.72
N ASP C 174 9.92 -7.07 2.47
CA ASP C 174 10.79 -8.20 2.18
C ASP C 174 12.24 -7.87 2.48
N ALA C 175 12.99 -8.84 3.00
CA ALA C 175 14.41 -8.66 3.19
C ALA C 175 15.13 -8.94 1.87
N VAL C 176 16.20 -8.18 1.63
CA VAL C 176 17.09 -8.34 0.49
C VAL C 176 18.52 -8.27 1.03
N SER C 177 19.31 -9.33 0.81
CA SER C 177 20.69 -9.34 1.27
C SER C 177 21.63 -8.65 0.30
N ILE C 178 22.61 -7.94 0.85
CA ILE C 178 23.59 -7.20 0.06
C ILE C 178 24.97 -7.68 0.46
N TYR C 179 25.70 -8.23 -0.49
CA TYR C 179 27.09 -8.67 -0.29
C TYR C 179 27.97 -7.85 -1.24
N LEU C 180 28.23 -6.58 -0.90
CA LEU C 180 28.98 -5.75 -1.85
C LEU C 180 30.24 -5.16 -1.23
N PRO C 181 31.33 -5.08 -1.99
CA PRO C 181 32.54 -4.37 -1.52
C PRO C 181 32.36 -2.86 -1.68
N MET C 182 33.38 -2.12 -1.26
CA MET C 182 33.24 -0.66 -1.14
C MET C 182 33.33 0.05 -2.50
N THR C 183 32.35 -0.24 -3.35
CA THR C 183 32.19 0.54 -4.58
C THR C 183 30.91 1.37 -4.50
N TRP C 184 30.87 2.44 -5.30
CA TRP C 184 29.86 3.45 -5.09
C TRP C 184 28.47 2.90 -5.33
N GLN C 185 28.33 1.85 -6.15
CA GLN C 185 27.00 1.28 -6.38
C GLN C 185 26.40 0.68 -5.10
N ALA C 186 27.22 0.41 -4.08
CA ALA C 186 26.69 -0.07 -2.81
C ALA C 186 25.63 0.88 -2.25
N ALA C 187 25.89 2.19 -2.33
CA ALA C 187 24.90 3.17 -1.90
C ALA C 187 23.62 3.06 -2.73
N ALA C 188 23.75 2.87 -4.02
CA ALA C 188 22.56 2.72 -4.84
C ALA C 188 21.77 1.48 -4.45
N ALA C 189 22.46 0.41 -4.01
CA ALA C 189 21.76 -0.82 -3.65
C ALA C 189 21.01 -0.68 -2.31
N PHE C 190 21.61 0.00 -1.32
CA PHE C 190 20.88 0.32 -0.10
C PHE C 190 19.65 1.13 -0.43
N LEU C 191 19.84 2.26 -1.08
CA LEU C 191 18.76 3.19 -1.33
C LEU C 191 17.71 2.60 -2.26
N ALA C 192 18.09 1.64 -3.11
CA ALA C 192 17.07 1.01 -3.95
C ALA C 192 16.12 0.18 -3.10
N CYS C 193 16.64 -0.51 -2.10
CA CYS C 193 15.76 -1.22 -1.17
C CYS C 193 14.89 -0.24 -0.40
N ALA C 194 15.50 0.81 0.13
CA ALA C 194 14.72 1.77 0.91
C ALA C 194 13.68 2.43 0.04
N ARG C 195 13.96 2.59 -1.25
CA ARG C 195 13.04 3.27 -2.14
C ARG C 195 11.71 2.53 -2.22
N ILE C 196 11.75 1.19 -2.24
CA ILE C 196 10.55 0.36 -2.41
C ILE C 196 10.05 -0.23 -1.09
N GLY C 197 10.63 0.12 0.04
CA GLY C 197 10.22 -0.45 1.31
C GLY C 197 10.80 -1.81 1.64
N ALA C 198 11.78 -2.26 0.87
CA ALA C 198 12.39 -3.53 1.23
C ALA C 198 13.40 -3.28 2.35
N ILE C 199 13.76 -4.35 3.04
CA ILE C 199 14.66 -4.29 4.18
C ILE C 199 16.02 -4.81 3.72
N HIS C 200 17.00 -3.94 3.55
CA HIS C 200 18.31 -4.45 3.16
C HIS C 200 19.07 -4.98 4.38
N SER C 201 19.92 -5.97 4.12
CA SER C 201 20.77 -6.63 5.11
C SER C 201 22.16 -6.77 4.49
N ALA C 202 23.06 -5.84 4.84
CA ALA C 202 24.39 -5.75 4.25
C ALA C 202 25.39 -6.60 5.01
N VAL C 203 26.21 -7.37 4.29
CA VAL C 203 27.24 -8.22 4.90
C VAL C 203 28.59 -7.79 4.34
N PHE C 204 29.57 -7.62 5.25
CA PHE C 204 30.93 -7.25 4.86
C PHE C 204 31.41 -8.13 3.73
N ALA C 205 31.88 -7.50 2.65
CA ALA C 205 32.52 -8.26 1.58
C ALA C 205 33.81 -8.88 2.11
N GLY C 206 33.97 -10.18 1.87
CA GLY C 206 35.06 -10.92 2.46
C GLY C 206 34.68 -11.79 3.65
N PHE C 207 33.46 -11.67 4.15
CA PHE C 207 32.98 -12.66 5.10
C PHE C 207 32.91 -14.02 4.40
N SER C 208 33.15 -15.07 5.18
CA SER C 208 33.20 -16.42 4.67
C SER C 208 31.84 -16.87 4.16
N ALA C 209 31.85 -17.93 3.34
CA ALA C 209 30.61 -18.50 2.83
C ALA C 209 29.68 -18.90 3.98
N GLU C 210 30.24 -19.45 5.06
CA GLU C 210 29.47 -19.85 6.23
C GLU C 210 28.83 -18.65 6.91
N SER C 211 29.62 -17.59 7.18
CA SER C 211 29.06 -16.38 7.78
C SER C 211 27.98 -15.78 6.91
N LEU C 212 28.22 -15.72 5.59
CA LEU C 212 27.22 -15.17 4.70
C LEU C 212 25.97 -16.04 4.71
N ARG C 213 26.15 -17.36 4.64
CA ARG C 213 25.03 -18.28 4.67
C ARG C 213 24.17 -18.04 5.90
N ASP C 214 24.80 -17.94 7.06
CA ASP C 214 24.05 -17.75 8.30
C ASP C 214 23.23 -16.46 8.28
N ARG C 215 23.79 -15.39 7.73
CA ARG C 215 23.02 -14.16 7.67
C ARG C 215 21.93 -14.23 6.60
N VAL C 216 22.24 -14.77 5.42
CA VAL C 216 21.24 -14.88 4.37
C VAL C 216 20.08 -15.75 4.85
N ASN C 217 20.37 -16.81 5.59
CA ASN C 217 19.29 -17.67 6.05
C ASN C 217 18.46 -17.01 7.15
N ASP C 218 19.10 -16.25 8.05
CA ASP C 218 18.37 -15.71 9.19
C ASP C 218 17.36 -14.65 8.75
N CYS C 219 17.70 -13.85 7.74
CA CYS C 219 16.82 -12.79 7.27
C CYS C 219 15.78 -13.27 6.26
N GLU C 220 15.90 -14.50 5.77
CA GLU C 220 14.91 -15.15 4.92
C GLU C 220 14.72 -14.46 3.59
N CYS C 221 15.74 -13.74 3.13
CA CYS C 221 15.63 -13.02 1.88
C CYS C 221 15.52 -13.99 0.69
N LYS C 222 14.93 -13.47 -0.38
CA LYS C 222 14.85 -14.22 -1.64
C LYS C 222 15.77 -13.65 -2.71
N VAL C 223 16.40 -12.51 -2.45
CA VAL C 223 17.24 -11.84 -3.42
C VAL C 223 18.55 -11.47 -2.75
N LEU C 224 19.64 -11.55 -3.53
CA LEU C 224 20.99 -11.24 -3.08
C LEU C 224 21.67 -10.38 -4.13
N ILE C 225 22.33 -9.31 -3.68
CA ILE C 225 23.04 -8.39 -4.55
C ILE C 225 24.51 -8.50 -4.23
N THR C 226 25.34 -8.72 -5.24
CA THR C 226 26.77 -8.84 -4.98
C THR C 226 27.55 -8.45 -6.22
N THR C 227 28.87 -8.59 -6.14
CA THR C 227 29.79 -8.35 -7.24
C THR C 227 30.42 -9.64 -7.72
N ASP C 228 30.97 -9.58 -8.94
CA ASP C 228 31.79 -10.69 -9.40
C ASP C 228 33.01 -10.82 -8.49
N GLU C 229 33.66 -9.70 -8.20
CA GLU C 229 34.83 -9.67 -7.34
C GLU C 229 34.94 -8.29 -6.72
N GLY C 230 35.68 -8.21 -5.62
CA GLY C 230 36.05 -6.92 -5.07
C GLY C 230 37.54 -6.71 -5.18
N ARG C 231 37.99 -5.46 -5.11
CA ARG C 231 39.40 -5.11 -5.07
C ARG C 231 39.64 -4.22 -3.87
N ARG C 232 40.57 -4.62 -3.00
CA ARG C 232 40.89 -3.83 -1.83
C ARG C 232 42.37 -3.99 -1.52
N GLY C 233 43.10 -2.88 -1.45
CA GLY C 233 44.51 -2.94 -1.15
C GLY C 233 45.31 -3.67 -2.20
N GLY C 234 44.82 -3.69 -3.45
CA GLY C 234 45.43 -4.44 -4.52
C GLY C 234 45.15 -5.92 -4.51
N LYS C 235 44.27 -6.41 -3.65
CA LYS C 235 43.97 -7.83 -3.58
C LYS C 235 42.53 -8.11 -4.01
N THR C 236 42.33 -9.29 -4.59
CA THR C 236 41.02 -9.68 -5.09
C THR C 236 40.22 -10.38 -3.99
N ILE C 237 38.97 -9.96 -3.82
CA ILE C 237 38.00 -10.66 -2.99
C ILE C 237 37.06 -11.41 -3.92
N ALA C 238 37.06 -12.73 -3.86
CA ALA C 238 36.26 -13.53 -4.77
C ALA C 238 34.81 -13.62 -4.25
N THR C 239 34.08 -12.51 -4.38
CA THR C 239 32.73 -12.42 -3.82
C THR C 239 31.78 -13.40 -4.50
N LYS C 240 31.77 -13.46 -5.83
CA LYS C 240 30.84 -14.39 -6.48
C LYS C 240 31.18 -15.83 -6.11
N GLN C 241 32.46 -16.13 -5.93
CA GLN C 241 32.89 -17.47 -5.54
C GLN C 241 32.37 -17.80 -4.15
N ILE C 242 32.54 -16.87 -3.22
CA ILE C 242 32.04 -17.08 -1.87
C ILE C 242 30.52 -17.19 -1.88
N VAL C 243 29.86 -16.34 -2.66
CA VAL C 243 28.41 -16.38 -2.78
C VAL C 243 27.94 -17.75 -3.25
N ASP C 244 28.63 -18.32 -4.24
CA ASP C 244 28.17 -19.59 -4.79
C ASP C 244 28.23 -20.70 -3.75
N ALA C 245 29.28 -20.72 -2.93
CA ALA C 245 29.36 -21.75 -1.90
C ALA C 245 28.26 -21.54 -0.85
N ALA C 246 27.98 -20.29 -0.49
CA ALA C 246 26.99 -20.02 0.54
C ALA C 246 25.60 -20.49 0.08
N LEU C 247 25.20 -20.12 -1.14
CA LEU C 247 23.85 -20.37 -1.64
C LEU C 247 23.56 -21.86 -1.77
N GLN C 248 24.61 -22.68 -1.81
CA GLN C 248 24.40 -24.11 -1.75
C GLN C 248 23.68 -24.54 -0.49
N GLN C 249 23.64 -23.67 0.53
CA GLN C 249 22.97 -23.96 1.79
C GLN C 249 21.93 -22.89 2.13
N CYS C 250 21.46 -22.15 1.13
CA CYS C 250 20.49 -21.08 1.30
C CYS C 250 19.31 -21.33 0.39
N PRO C 251 18.34 -22.13 0.82
CA PRO C 251 17.28 -22.57 -0.09
C PRO C 251 16.24 -21.50 -0.44
N LEU C 252 16.15 -20.37 0.28
CA LEU C 252 15.14 -19.40 -0.09
C LEU C 252 15.56 -18.48 -1.23
N VAL C 253 16.85 -18.37 -1.51
CA VAL C 253 17.36 -17.37 -2.45
C VAL C 253 17.10 -17.83 -3.87
N GLU C 254 16.36 -17.01 -4.64
CA GLU C 254 15.96 -17.35 -5.99
C GLU C 254 16.59 -16.46 -7.05
N ASN C 255 16.94 -15.22 -6.71
CA ASN C 255 17.53 -14.32 -7.67
C ASN C 255 18.81 -13.72 -7.09
N VAL C 256 19.85 -13.64 -7.92
CA VAL C 256 21.11 -13.02 -7.55
C VAL C 256 21.46 -12.00 -8.62
N LEU C 257 21.63 -10.74 -8.19
CA LEU C 257 22.02 -9.63 -9.07
C LEU C 257 23.50 -9.35 -8.87
N VAL C 258 24.27 -9.41 -9.95
CA VAL C 258 25.72 -9.39 -9.88
C VAL C 258 26.26 -8.16 -10.59
N LEU C 259 26.98 -7.29 -9.84
CA LEU C 259 27.63 -6.13 -10.42
C LEU C 259 28.99 -6.50 -11.03
N ARG C 260 29.22 -6.10 -12.27
CA ARG C 260 30.47 -6.45 -12.93
C ARG C 260 31.50 -5.40 -12.52
N ARG C 261 32.17 -5.65 -11.40
CA ARG C 261 33.14 -4.72 -10.85
C ARG C 261 34.52 -4.86 -11.50
N THR C 262 35.02 -6.08 -11.67
CA THR C 262 36.37 -6.29 -12.21
C THR C 262 36.38 -6.78 -13.64
N GLY C 263 35.35 -7.53 -14.06
CA GLY C 263 35.27 -8.08 -15.38
C GLY C 263 35.96 -9.40 -15.55
N ASN C 264 36.57 -9.94 -14.49
CA ASN C 264 37.19 -11.25 -14.56
C ASN C 264 36.13 -12.35 -14.55
N LYS C 265 36.49 -13.48 -15.14
CA LYS C 265 35.59 -14.62 -15.25
C LYS C 265 35.16 -15.13 -13.88
N VAL C 266 33.85 -15.19 -13.67
CA VAL C 266 33.26 -15.84 -12.50
C VAL C 266 32.16 -16.77 -12.98
N PRO C 267 31.83 -17.79 -12.19
CA PRO C 267 30.72 -18.67 -12.58
C PRO C 267 29.38 -17.95 -12.43
N MET C 268 28.44 -18.26 -13.34
CA MET C 268 27.10 -17.69 -13.30
C MET C 268 26.07 -18.78 -13.54
N THR C 269 25.16 -18.97 -12.60
CA THR C 269 24.09 -19.96 -12.71
C THR C 269 22.94 -19.43 -13.56
N GLU C 270 22.61 -20.15 -14.64
CA GLU C 270 21.54 -19.74 -15.52
C GLU C 270 20.23 -19.69 -14.75
N GLY C 271 19.44 -18.64 -15.01
CA GLY C 271 18.18 -18.44 -14.34
C GLY C 271 18.33 -17.69 -13.05
N ARG C 272 19.12 -18.23 -12.13
CA ARG C 272 19.25 -17.59 -10.83
C ARG C 272 20.05 -16.30 -10.91
N ASP C 273 21.16 -16.28 -11.67
CA ASP C 273 22.11 -15.18 -11.68
C ASP C 273 21.95 -14.29 -12.91
N LYS C 274 21.90 -12.97 -12.69
CA LYS C 274 21.82 -12.00 -13.78
C LYS C 274 22.80 -10.85 -13.56
N TRP C 275 23.29 -10.27 -14.65
CA TRP C 275 24.22 -9.14 -14.56
C TRP C 275 23.51 -7.80 -14.31
N TRP C 276 24.02 -7.05 -13.34
CA TRP C 276 23.47 -5.75 -12.94
C TRP C 276 23.21 -4.85 -14.15
N ASP C 277 24.20 -4.70 -15.04
CA ASP C 277 24.04 -3.76 -16.15
C ASP C 277 23.02 -4.26 -17.16
N GLU C 278 22.98 -5.58 -17.39
CA GLU C 278 21.99 -6.13 -18.32
C GLU C 278 20.57 -5.99 -17.77
N GLU C 279 20.39 -6.19 -16.46
CA GLU C 279 19.08 -5.99 -15.85
C GLU C 279 18.69 -4.51 -15.80
N CYS C 280 19.60 -3.65 -15.33
CA CYS C 280 19.26 -2.24 -15.21
C CYS C 280 18.99 -1.61 -16.56
N ALA C 281 19.67 -2.08 -17.62
CA ALA C 281 19.47 -1.51 -18.95
C ALA C 281 18.05 -1.70 -19.43
N LYS C 282 17.36 -2.70 -18.91
CA LYS C 282 15.98 -2.97 -19.29
C LYS C 282 15.00 -2.05 -18.59
N MET C 283 15.42 -1.36 -17.54
CA MET C 283 14.52 -0.64 -16.67
C MET C 283 14.59 0.86 -16.90
N PRO C 284 13.51 1.58 -16.64
CA PRO C 284 13.57 3.05 -16.70
C PRO C 284 14.36 3.61 -15.52
N ALA C 285 14.78 4.87 -15.64
CA ALA C 285 15.67 5.48 -14.66
C ALA C 285 14.93 6.29 -13.61
N TYR C 286 13.62 6.15 -13.51
CA TYR C 286 12.87 6.66 -12.38
C TYR C 286 11.95 5.56 -11.91
N CYS C 287 11.60 5.63 -10.63
CA CYS C 287 10.81 4.66 -9.89
C CYS C 287 10.14 5.43 -8.75
N PRO C 288 8.84 5.27 -8.54
CA PRO C 288 8.17 5.98 -7.44
C PRO C 288 8.64 5.45 -6.09
N CYS C 289 8.50 6.30 -5.07
CA CYS C 289 8.88 5.97 -3.71
C CYS C 289 7.71 5.35 -2.97
N GLU C 290 7.96 4.24 -2.29
CA GLU C 290 6.96 3.63 -1.42
C GLU C 290 6.72 4.52 -0.20
N ARG C 291 5.46 4.82 0.09
CA ARG C 291 5.16 5.63 1.26
C ARG C 291 5.27 4.74 2.49
N MET C 292 6.20 5.05 3.37
CA MET C 292 6.59 4.17 4.47
C MET C 292 6.15 4.79 5.80
N ALA C 293 5.61 3.96 6.67
CA ALA C 293 5.36 4.43 8.01
C ALA C 293 6.69 4.71 8.69
N SER C 294 6.67 5.64 9.65
CA SER C 294 7.87 5.99 10.40
CA SER C 294 7.88 5.98 10.39
C SER C 294 8.53 4.76 11.02
N GLU C 295 7.71 3.78 11.43
CA GLU C 295 8.22 2.61 12.15
C GLU C 295 8.36 1.37 11.27
N ASP C 296 8.14 1.49 9.96
CA ASP C 296 8.50 0.38 9.08
C ASP C 296 10.01 0.14 9.15
N PRO C 297 10.46 -1.10 9.09
CA PRO C 297 11.90 -1.37 9.19
C PRO C 297 12.61 -0.78 7.99
N LEU C 298 13.72 -0.08 8.25
CA LEU C 298 14.58 0.37 7.17
C LEU C 298 15.61 -0.69 6.78
N PHE C 299 16.25 -1.31 7.77
CA PHE C 299 17.25 -2.33 7.46
C PHE C 299 17.48 -3.25 8.65
N ILE C 300 18.02 -4.43 8.33
CA ILE C 300 18.62 -5.35 9.27
C ILE C 300 20.12 -5.27 9.08
N LEU C 301 20.88 -5.23 10.18
CA LEU C 301 22.34 -5.22 10.12
C LEU C 301 22.87 -6.23 11.14
N TYR C 302 23.44 -7.33 10.65
CA TYR C 302 23.98 -8.34 11.54
C TYR C 302 25.30 -7.88 12.14
N THR C 303 25.43 -7.97 13.46
CA THR C 303 26.71 -7.74 14.09
C THR C 303 27.66 -8.89 13.75
N SER C 304 28.91 -8.76 14.18
CA SER C 304 29.92 -9.78 13.90
C SER C 304 30.80 -9.96 15.13
N GLY C 305 31.56 -11.05 15.12
CA GLY C 305 32.52 -11.34 16.16
C GLY C 305 32.00 -12.15 17.33
N SER C 306 30.80 -12.75 17.21
CA SER C 306 30.20 -13.59 18.23
C SER C 306 30.37 -15.06 17.89
N THR C 307 30.22 -15.89 18.93
CA THR C 307 30.32 -17.33 18.76
C THR C 307 29.04 -17.93 18.21
N GLY C 308 27.88 -17.43 18.65
CA GLY C 308 26.60 -18.06 18.40
C GLY C 308 25.91 -17.57 17.15
N LYS C 309 24.59 -17.58 17.19
CA LYS C 309 23.78 -17.13 16.06
C LYS C 309 23.99 -15.62 15.86
N PRO C 310 24.10 -15.16 14.62
CA PRO C 310 24.30 -13.73 14.38
C PRO C 310 23.10 -12.93 14.83
N LYS C 311 23.35 -11.72 15.28
CA LYS C 311 22.32 -10.87 15.84
C LYS C 311 21.96 -9.79 14.82
N GLY C 312 20.74 -9.86 14.30
CA GLY C 312 20.29 -8.92 13.30
C GLY C 312 19.57 -7.71 13.87
N VAL C 313 20.31 -6.63 14.07
CA VAL C 313 19.79 -5.40 14.66
C VAL C 313 18.92 -4.69 13.64
N VAL C 314 17.64 -4.42 14.02
CA VAL C 314 16.65 -3.80 13.14
C VAL C 314 16.52 -2.32 13.45
N HIS C 315 16.48 -1.50 12.40
CA HIS C 315 16.26 -0.08 12.57
C HIS C 315 15.01 0.35 11.80
N SER C 316 14.25 1.25 12.43
CA SER C 316 13.04 1.86 11.89
C SER C 316 13.45 2.90 10.86
N THR C 317 12.45 3.62 10.32
CA THR C 317 12.76 4.57 9.25
C THR C 317 13.00 5.99 9.76
N ALA C 318 11.99 6.64 10.34
CA ALA C 318 12.10 8.09 10.59
C ALA C 318 13.07 8.39 11.73
N GLY C 319 12.98 7.66 12.84
CA GLY C 319 13.85 7.94 13.97
C GLY C 319 15.32 7.70 13.62
N TYR C 320 15.62 6.57 12.97
CA TYR C 320 16.99 6.32 12.54
C TYR C 320 17.50 7.44 11.64
N LEU C 321 16.71 7.79 10.63
CA LEU C 321 17.17 8.78 9.67
C LEU C 321 17.39 10.13 10.34
N LEU C 322 16.47 10.52 11.22
CA LEU C 322 16.60 11.79 11.93
C LEU C 322 17.84 11.80 12.81
N GLY C 323 18.11 10.68 13.49
CA GLY C 323 19.28 10.61 14.35
C GLY C 323 20.56 10.76 13.58
N THR C 324 20.67 10.06 12.44
CA THR C 324 21.91 10.17 11.66
C THR C 324 22.06 11.54 11.05
N ALA C 325 20.97 12.14 10.58
CA ALA C 325 21.07 13.46 9.97
C ALA C 325 21.47 14.51 11.01
N LEU C 326 20.89 14.44 12.20
CA LEU C 326 21.21 15.43 13.23
C LEU C 326 22.62 15.25 13.79
N THR C 327 23.02 13.99 14.06
CA THR C 327 24.37 13.74 14.52
C THR C 327 25.40 14.21 13.52
N LEU C 328 25.20 13.90 12.24
CA LEU C 328 26.16 14.33 11.23
C LEU C 328 26.27 15.85 11.20
N LYS C 329 25.14 16.54 11.31
CA LYS C 329 25.15 18.01 11.27
C LYS C 329 25.90 18.58 12.47
N TYR C 330 25.63 18.06 13.67
CA TYR C 330 26.12 18.70 14.87
C TYR C 330 27.45 18.12 15.36
N VAL C 331 27.66 16.81 15.25
CA VAL C 331 28.92 16.26 15.74
C VAL C 331 30.07 16.64 14.82
N PHE C 332 29.83 16.69 13.51
CA PHE C 332 30.89 17.02 12.56
C PHE C 332 30.77 18.42 12.00
N ASP C 333 29.84 19.22 12.52
CA ASP C 333 29.59 20.59 12.06
C ASP C 333 29.53 20.67 10.54
N ALA C 334 28.67 19.85 9.95
CA ALA C 334 28.52 19.83 8.50
C ALA C 334 27.82 21.08 8.00
N HIS C 335 28.24 21.53 6.83
CA HIS C 335 27.67 22.67 6.15
C HIS C 335 27.44 22.30 4.69
N PRO C 336 26.60 23.06 3.97
CA PRO C 336 26.08 22.57 2.68
C PRO C 336 27.14 22.18 1.66
N ASP C 337 28.30 22.81 1.66
CA ASP C 337 29.32 22.50 0.66
C ASP C 337 30.40 21.56 1.17
N ASP C 338 30.23 20.98 2.37
CA ASP C 338 31.28 20.16 2.92
C ASP C 338 31.48 18.88 2.10
N ARG C 339 32.69 18.34 2.18
CA ARG C 339 33.03 17.06 1.58
C ARG C 339 33.47 16.15 2.73
N PHE C 340 32.50 15.35 3.21
CA PHE C 340 32.68 14.50 4.38
C PHE C 340 33.30 13.18 3.96
N ALA C 341 34.37 12.80 4.64
CA ALA C 341 35.18 11.64 4.27
C ALA C 341 35.21 10.65 5.40
N CYS C 342 34.22 9.75 5.44
CA CYS C 342 34.25 8.59 6.32
C CYS C 342 34.85 7.40 5.58
N MET C 343 35.95 6.87 6.11
CA MET C 343 36.72 5.84 5.42
C MET C 343 36.31 4.42 5.83
N ALA C 344 35.16 4.26 6.47
CA ALA C 344 34.70 2.96 6.93
C ALA C 344 34.08 2.16 5.79
N ASP C 345 33.70 0.92 6.11
CA ASP C 345 33.09 -0.01 5.18
C ASP C 345 31.58 -0.09 5.44
N ILE C 346 30.79 -0.14 4.38
CA ILE C 346 29.34 -0.11 4.51
C ILE C 346 28.78 -1.33 5.25
N GLY C 347 29.58 -2.39 5.42
CA GLY C 347 29.15 -3.52 6.24
C GLY C 347 29.13 -3.23 7.72
N TRP C 348 29.63 -2.05 8.11
CA TRP C 348 29.69 -1.61 9.49
C TRP C 348 28.62 -0.55 9.69
N ILE C 349 28.07 -0.49 10.90
CA ILE C 349 27.07 0.53 11.17
C ILE C 349 27.60 1.92 10.81
N THR C 350 28.91 2.16 10.98
CA THR C 350 29.49 3.46 10.65
C THR C 350 29.26 3.81 9.18
N GLY C 351 29.34 2.80 8.30
CA GLY C 351 29.08 3.04 6.90
C GLY C 351 27.62 3.38 6.64
N HIS C 352 26.70 2.64 7.26
CA HIS C 352 25.26 2.93 7.14
C HIS C 352 24.97 4.38 7.48
N SER C 353 25.41 4.80 8.66
CA SER C 353 24.96 6.06 9.23
C SER C 353 25.77 7.25 8.77
N TYR C 354 27.08 7.09 8.55
CA TYR C 354 27.90 8.26 8.23
C TYR C 354 28.65 8.15 6.91
N ILE C 355 28.36 7.17 6.08
CA ILE C 355 28.65 7.26 4.65
C ILE C 355 27.38 7.56 3.85
N ILE C 356 26.34 6.74 4.02
CA ILE C 356 25.14 6.81 3.21
C ILE C 356 24.06 7.69 3.84
N TYR C 357 23.43 7.24 4.92
CA TYR C 357 22.16 7.87 5.33
C TYR C 357 22.37 9.28 5.89
N GLY C 358 23.28 9.44 6.85
CA GLY C 358 23.52 10.76 7.43
C GLY C 358 23.93 11.81 6.41
N PRO C 359 25.04 11.57 5.68
CA PRO C 359 25.51 12.61 4.76
C PRO C 359 24.57 12.86 3.59
N LEU C 360 24.00 11.81 3.00
CA LEU C 360 23.07 12.06 1.89
C LEU C 360 21.74 12.66 2.36
N ALA C 361 21.24 12.27 3.55
CA ALA C 361 20.07 12.97 4.07
C ALA C 361 20.31 14.48 4.17
N ASN C 362 21.49 14.88 4.65
CA ASN C 362 21.80 16.30 4.73
C ASN C 362 22.15 16.91 3.38
N GLY C 363 22.23 16.12 2.32
CA GLY C 363 22.43 16.71 1.00
C GLY C 363 23.82 17.16 0.67
N ILE C 364 24.83 16.72 1.43
CA ILE C 364 26.21 17.11 1.15
C ILE C 364 26.91 16.02 0.34
N THR C 365 28.23 16.14 0.22
CA THR C 365 29.06 15.18 -0.51
C THR C 365 29.70 14.20 0.47
N THR C 366 29.62 12.92 0.15
CA THR C 366 30.15 11.87 1.00
C THR C 366 31.15 11.06 0.20
N ALA C 367 32.08 10.41 0.90
CA ALA C 367 33.15 9.64 0.26
C ALA C 367 32.85 8.15 0.37
N VAL C 368 33.20 7.40 -0.69
CA VAL C 368 33.14 5.94 -0.65
C VAL C 368 34.56 5.46 -0.93
N PHE C 369 35.27 5.05 0.14
CA PHE C 369 36.68 4.70 0.06
C PHE C 369 36.79 3.19 -0.13
N GLU C 370 37.30 2.78 -1.29
CA GLU C 370 37.36 1.37 -1.66
C GLU C 370 38.66 0.69 -1.20
N SER C 371 39.64 1.45 -0.76
CA SER C 371 40.98 0.93 -0.56
C SER C 371 41.25 0.68 0.93
N THR C 372 42.52 0.63 1.30
CA THR C 372 43.03 0.53 2.67
C THR C 372 43.85 1.77 3.02
N PRO C 373 44.15 1.99 4.30
CA PRO C 373 44.97 3.16 4.67
C PRO C 373 46.41 3.12 4.19
N VAL C 374 46.89 1.99 3.65
CA VAL C 374 48.31 1.93 3.32
C VAL C 374 48.51 1.49 1.87
N TYR C 375 47.44 1.52 1.06
CA TYR C 375 47.60 1.16 -0.35
C TYR C 375 47.37 2.36 -1.24
N PRO C 376 48.30 2.66 -2.16
CA PRO C 376 49.58 1.96 -2.31
C PRO C 376 50.65 2.32 -1.28
N THR C 377 50.52 3.43 -0.56
CA THR C 377 51.45 3.78 0.50
C THR C 377 50.67 4.31 1.67
N PRO C 378 51.28 4.37 2.87
CA PRO C 378 50.56 4.88 4.05
C PRO C 378 50.27 6.37 3.97
N SER C 379 50.44 6.95 2.78
CA SER C 379 50.06 8.33 2.53
C SER C 379 48.69 8.43 1.89
N ARG C 380 48.03 7.30 1.67
CA ARG C 380 46.78 7.28 0.91
C ARG C 380 45.74 8.25 1.49
N TYR C 381 45.44 8.12 2.78
CA TYR C 381 44.46 9.02 3.40
C TYR C 381 44.78 10.47 3.07
N TRP C 382 46.05 10.86 3.19
CA TRP C 382 46.42 12.26 3.05
C TRP C 382 46.48 12.72 1.60
N ASP C 383 46.90 11.84 0.67
CA ASP C 383 46.73 12.14 -0.74
C ASP C 383 45.26 12.38 -1.08
N PHE C 384 44.37 11.60 -0.46
CA PHE C 384 42.93 11.75 -0.68
C PHE C 384 42.44 13.11 -0.17
N VAL C 385 42.73 13.42 1.10
CA VAL C 385 42.26 14.68 1.70
C VAL C 385 42.68 15.86 0.86
N ASP C 386 43.91 15.87 0.35
CA ASP C 386 44.36 17.02 -0.42
C ASP C 386 43.85 16.98 -1.86
N LYS C 387 43.61 15.80 -2.43
CA LYS C 387 43.07 15.76 -3.80
C LYS C 387 41.65 16.29 -3.84
N TRP C 388 40.79 15.87 -2.92
CA TRP C 388 39.37 16.21 -2.95
C TRP C 388 38.97 17.35 -2.01
N LYS C 389 39.91 17.87 -1.21
CA LYS C 389 39.63 18.94 -0.24
C LYS C 389 38.53 18.52 0.74
N ALA C 390 38.73 17.35 1.36
CA ALA C 390 37.79 16.89 2.38
C ALA C 390 37.79 17.84 3.56
N THR C 391 36.60 18.06 4.11
CA THR C 391 36.46 19.00 5.22
C THR C 391 36.36 18.29 6.57
N GLN C 392 35.96 17.03 6.58
CA GLN C 392 35.97 16.22 7.78
C GLN C 392 36.50 14.84 7.42
N LEU C 393 37.18 14.22 8.38
CA LEU C 393 37.68 12.86 8.21
C LEU C 393 37.27 12.02 9.41
N TYR C 394 36.82 10.80 9.13
CA TYR C 394 36.19 9.93 10.12
C TYR C 394 36.72 8.52 9.90
N THR C 395 37.46 7.98 10.87
CA THR C 395 38.05 6.66 10.75
C THR C 395 38.10 6.01 12.13
N ALA C 396 38.80 4.88 12.22
CA ALA C 396 38.88 4.03 13.40
C ALA C 396 40.24 4.13 14.09
N PRO C 397 40.31 3.85 15.41
CA PRO C 397 41.61 3.90 16.09
C PRO C 397 42.62 2.93 15.50
N THR C 398 42.15 1.77 15.01
CA THR C 398 43.04 0.80 14.39
C THR C 398 43.74 1.39 13.17
N ALA C 399 43.00 2.11 12.32
CA ALA C 399 43.64 2.77 11.19
C ALA C 399 44.63 3.83 11.67
N ILE C 400 44.27 4.59 12.70
CA ILE C 400 45.14 5.67 13.17
C ILE C 400 46.44 5.08 13.72
N ARG C 401 46.34 3.98 14.49
CA ARG C 401 47.53 3.38 15.05
C ARG C 401 48.39 2.72 13.96
N LEU C 402 47.76 2.16 12.93
CA LEU C 402 48.51 1.63 11.79
C LEU C 402 49.32 2.73 11.12
N LEU C 403 48.68 3.88 10.86
CA LEU C 403 49.39 4.99 10.22
C LEU C 403 50.51 5.51 11.10
N ARG C 404 50.23 5.71 12.39
CA ARG C 404 51.30 6.08 13.33
C ARG C 404 52.43 5.07 13.31
N ARG C 405 52.11 3.80 13.07
CA ARG C 405 53.13 2.78 13.03
C ARG C 405 54.05 2.95 11.82
N MET C 406 53.49 3.37 10.68
CA MET C 406 54.23 3.43 9.42
C MET C 406 55.10 4.68 9.29
N GLY C 407 55.04 5.58 10.24
CA GLY C 407 55.95 6.71 10.26
C GLY C 407 55.32 8.00 9.79
N GLU C 408 55.88 9.11 10.27
CA GLU C 408 55.36 10.44 10.01
C GLU C 408 55.80 11.04 8.69
N ASP C 409 56.66 10.34 7.92
CA ASP C 409 57.06 10.87 6.62
C ASP C 409 55.86 10.92 5.67
N HIS C 410 54.98 9.92 5.75
CA HIS C 410 53.85 9.85 4.84
C HIS C 410 52.77 10.90 5.13
N VAL C 411 52.94 11.74 6.14
CA VAL C 411 51.94 12.74 6.49
C VAL C 411 52.52 14.15 6.43
N LYS C 412 53.82 14.28 6.69
CA LYS C 412 54.38 15.57 7.05
C LYS C 412 54.19 16.59 5.93
N ASN C 413 54.46 16.21 4.68
CA ASN C 413 54.50 17.16 3.58
C ASN C 413 53.20 17.21 2.80
N HIS C 414 52.08 17.06 3.48
CA HIS C 414 50.77 17.32 2.92
C HIS C 414 50.23 18.62 3.48
N ASP C 415 49.24 19.18 2.79
CA ASP C 415 48.60 20.41 3.24
C ASP C 415 47.53 20.14 4.30
N LEU C 416 46.55 19.31 3.97
CA LEU C 416 45.51 18.84 4.87
C LEU C 416 44.70 19.97 5.51
N SER C 417 44.75 21.18 4.96
CA SER C 417 44.11 22.32 5.62
C SER C 417 42.65 22.49 5.22
N SER C 418 42.14 21.71 4.27
CA SER C 418 40.70 21.74 4.04
C SER C 418 39.93 21.14 5.21
N LEU C 419 40.55 20.29 6.01
CA LEU C 419 39.88 19.65 7.14
C LEU C 419 39.63 20.64 8.27
N ARG C 420 38.52 20.44 8.96
CA ARG C 420 38.24 21.13 10.22
C ARG C 420 37.98 20.20 11.38
N VAL C 421 37.50 19.00 11.12
CA VAL C 421 37.08 18.08 12.17
C VAL C 421 37.63 16.69 11.84
N LEU C 422 38.29 16.07 12.82
CA LEU C 422 38.78 14.70 12.72
C LEU C 422 38.04 13.84 13.73
N GLY C 423 37.56 12.68 13.28
CA GLY C 423 36.75 11.81 14.10
C GLY C 423 37.34 10.42 14.21
N SER C 424 37.08 9.77 15.34
CA SER C 424 37.54 8.43 15.65
C SER C 424 36.34 7.67 16.18
N VAL C 425 36.16 6.42 15.71
CA VAL C 425 34.97 5.64 16.05
C VAL C 425 35.35 4.17 16.15
N GLY C 426 34.74 3.46 17.12
CA GLY C 426 34.74 2.01 17.13
C GLY C 426 35.47 1.37 18.30
N GLU C 427 36.26 2.13 19.05
CA GLU C 427 37.06 1.65 20.16
C GLU C 427 37.67 2.86 20.86
N PRO C 428 38.13 2.70 22.11
CA PRO C 428 38.82 3.80 22.77
C PRO C 428 40.05 4.19 21.97
N ILE C 429 40.30 5.50 21.89
CA ILE C 429 41.49 6.03 21.24
C ILE C 429 42.50 6.35 22.34
N ASN C 430 43.60 5.63 22.34
CA ASN C 430 44.65 5.88 23.30
C ASN C 430 45.13 7.32 23.17
N PRO C 431 45.30 8.02 24.28
CA PRO C 431 45.87 9.38 24.20
C PRO C 431 47.08 9.50 23.30
N GLU C 432 47.97 8.50 23.30
CA GLU C 432 49.15 8.56 22.45
C GLU C 432 48.78 8.62 20.96
N ALA C 433 47.80 7.81 20.53
CA ALA C 433 47.31 7.89 19.16
C ALA C 433 46.47 9.14 18.95
N TRP C 434 45.68 9.51 19.96
CA TRP C 434 44.94 10.77 19.89
C TRP C 434 45.88 11.92 19.54
N HIS C 435 47.04 11.96 20.18
CA HIS C 435 47.98 13.04 19.91
C HIS C 435 48.55 12.96 18.50
N TRP C 436 48.81 11.75 18.02
CA TRP C 436 49.33 11.61 16.65
C TRP C 436 48.33 12.16 15.65
N TYR C 437 47.07 11.75 15.79
CA TYR C 437 45.99 12.30 14.98
C TYR C 437 45.98 13.81 15.04
N ASN C 438 45.96 14.36 16.26
CA ASN C 438 45.87 15.81 16.42
C ASN C 438 47.09 16.48 15.80
N ASP C 439 48.29 15.95 16.05
CA ASP C 439 49.51 16.64 15.62
C ASP C 439 49.68 16.60 14.11
N PHE C 440 49.44 15.45 13.48
CA PHE C 440 49.85 15.27 12.09
C PHE C 440 48.70 15.35 11.10
N ALA C 441 47.56 14.73 11.37
CA ALA C 441 46.44 14.87 10.43
C ALA C 441 45.83 16.26 10.50
N GLY C 442 45.71 16.82 11.70
CA GLY C 442 45.08 18.12 11.90
C GLY C 442 46.04 19.28 12.02
N LYS C 443 47.33 19.00 12.12
CA LYS C 443 48.36 20.02 12.34
C LYS C 443 47.95 20.96 13.47
N ASN C 444 47.35 20.40 14.51
CA ASN C 444 46.95 21.15 15.70
C ASN C 444 45.96 22.26 15.36
N GLN C 445 45.21 22.09 14.27
CA GLN C 445 44.20 23.06 13.86
C GLN C 445 42.83 22.44 13.62
N CYS C 446 42.64 21.15 13.89
CA CYS C 446 41.32 20.54 13.78
C CYS C 446 40.82 20.20 15.17
N ALA C 447 39.49 20.13 15.30
CA ALA C 447 38.88 19.52 16.46
C ALA C 447 38.80 18.02 16.27
N ILE C 448 39.09 17.27 17.34
CA ILE C 448 39.07 15.81 17.34
C ILE C 448 37.81 15.37 18.10
N VAL C 449 36.91 14.68 17.41
CA VAL C 449 35.68 14.19 18.03
C VAL C 449 35.81 12.67 18.19
N ASP C 450 35.92 12.23 19.44
CA ASP C 450 35.86 10.82 19.77
C ASP C 450 34.39 10.43 19.86
N THR C 451 33.88 9.68 18.88
CA THR C 451 32.45 9.37 18.78
C THR C 451 32.20 7.97 19.30
N TYR C 452 31.53 7.87 20.44
CA TYR C 452 31.15 6.59 21.02
C TYR C 452 29.71 6.28 20.68
N TRP C 453 29.47 5.09 20.14
CA TRP C 453 28.11 4.60 19.87
C TRP C 453 28.22 3.12 19.46
N MET C 454 27.05 2.51 19.24
CA MET C 454 26.98 1.12 18.83
C MET C 454 25.98 0.94 17.69
N THR C 455 26.07 -0.23 17.05
CA THR C 455 25.08 -0.63 16.06
C THR C 455 23.66 -0.43 16.60
N GLU C 456 23.44 -0.82 17.86
CA GLU C 456 22.13 -0.75 18.49
C GLU C 456 21.68 0.66 18.80
N THR C 457 22.60 1.65 18.87
CA THR C 457 22.16 3.01 19.14
C THR C 457 21.79 3.78 17.89
N GLY C 458 22.14 3.27 16.72
CA GLY C 458 21.83 3.94 15.44
C GLY C 458 22.72 5.09 15.07
N SER C 459 22.96 6.01 16.01
CA SER C 459 23.72 7.21 15.74
C SER C 459 24.54 7.55 16.97
N ILE C 460 25.42 8.55 16.81
CA ILE C 460 26.43 8.84 17.81
C ILE C 460 25.75 9.18 19.13
N SER C 461 26.24 8.58 20.21
CA SER C 461 25.63 8.67 21.53
C SER C 461 26.34 9.68 22.42
N ILE C 462 27.67 9.62 22.46
CA ILE C 462 28.50 10.52 23.25
C ILE C 462 29.66 11.00 22.36
N ALA C 463 29.80 12.31 22.22
CA ALA C 463 30.88 12.89 21.44
C ALA C 463 31.00 14.37 21.78
N PRO C 464 32.16 14.98 21.57
CA PRO C 464 32.26 16.43 21.71
C PRO C 464 31.58 17.11 20.54
N LEU C 465 30.88 18.20 20.82
CA LEU C 465 30.47 19.09 19.75
C LEU C 465 31.65 20.00 19.42
N PRO C 466 32.16 19.97 18.19
CA PRO C 466 33.51 20.50 17.92
C PRO C 466 33.64 22.00 18.08
N GLY C 467 32.55 22.76 17.90
CA GLY C 467 32.59 24.20 18.13
C GLY C 467 32.38 24.62 19.57
N ALA C 468 32.02 23.69 20.43
CA ALA C 468 31.62 24.03 21.78
C ALA C 468 32.46 23.40 22.89
N ILE C 469 33.03 22.22 22.67
CA ILE C 469 33.52 21.39 23.76
C ILE C 469 35.04 21.36 23.72
N SER C 470 35.68 21.62 24.87
CA SER C 470 37.12 21.44 24.98
C SER C 470 37.41 19.99 25.27
N THR C 471 38.28 19.38 24.46
CA THR C 471 38.41 17.93 24.50
C THR C 471 39.51 17.49 25.48
N LYS C 472 39.38 16.25 25.95
CA LYS C 472 40.42 15.56 26.68
C LYS C 472 40.83 14.32 25.90
N PRO C 473 42.12 14.13 25.63
CA PRO C 473 42.56 13.01 24.77
C PRO C 473 42.10 11.67 25.30
N GLY C 474 41.27 10.99 24.50
CA GLY C 474 40.72 9.72 24.88
C GLY C 474 39.35 9.74 25.54
N SER C 475 38.71 10.91 25.69
CA SER C 475 37.39 11.02 26.30
C SER C 475 36.31 11.39 25.29
N ALA C 476 35.18 10.70 25.37
CA ALA C 476 34.02 11.01 24.54
C ALA C 476 33.34 12.34 24.92
N THR C 477 33.59 12.84 26.13
CA THR C 477 33.00 14.05 26.70
C THR C 477 31.52 13.88 27.07
N PHE C 478 30.59 14.52 26.35
CA PHE C 478 29.22 14.66 26.84
C PHE C 478 28.19 14.04 25.89
N PRO C 479 27.04 13.60 26.42
CA PRO C 479 26.05 12.93 25.57
C PRO C 479 25.44 13.84 24.54
N PHE C 480 25.05 13.25 23.42
CA PHE C 480 24.45 13.98 22.32
C PHE C 480 22.99 14.28 22.64
N PHE C 481 22.40 15.17 21.84
CA PHE C 481 20.98 15.51 21.96
C PHE C 481 20.12 14.26 22.08
N GLY C 482 19.17 14.30 23.00
CA GLY C 482 18.32 13.15 23.20
C GLY C 482 18.91 12.04 24.02
N MET C 483 20.19 12.08 24.37
CA MET C 483 20.81 11.02 25.14
C MET C 483 20.97 11.47 26.58
N ASP C 484 20.42 10.69 27.49
CA ASP C 484 20.50 10.95 28.93
C ASP C 484 21.13 9.69 29.54
N VAL C 485 22.42 9.74 29.78
CA VAL C 485 23.13 8.56 30.22
C VAL C 485 23.47 8.69 31.70
N ASP C 486 23.56 7.55 32.37
CA ASP C 486 23.94 7.46 33.77
C ASP C 486 24.91 6.31 33.95
N ILE C 487 25.55 6.30 35.12
CA ILE C 487 26.54 5.32 35.50
C ILE C 487 25.97 4.48 36.62
N ILE C 488 26.04 3.16 36.48
CA ILE C 488 25.47 2.24 37.45
C ILE C 488 26.58 1.43 38.09
N ASP C 489 26.53 1.32 39.41
CA ASP C 489 27.35 0.34 40.11
C ASP C 489 26.80 -1.03 39.77
N PRO C 490 27.53 -1.87 39.04
CA PRO C 490 27.00 -3.19 38.70
C PRO C 490 26.83 -4.09 39.92
N GLN C 491 27.60 -3.83 40.99
CA GLN C 491 27.48 -4.62 42.21
C GLN C 491 26.13 -4.41 42.88
N THR C 492 25.66 -3.17 42.91
CA THR C 492 24.41 -2.83 43.58
C THR C 492 23.25 -2.68 42.62
N GLY C 493 23.52 -2.48 41.33
CA GLY C 493 22.47 -2.17 40.40
C GLY C 493 21.91 -0.78 40.55
N GLN C 494 22.43 0.01 41.49
CA GLN C 494 21.94 1.36 41.72
C GLN C 494 22.74 2.38 40.92
N VAL C 495 22.08 3.50 40.61
CA VAL C 495 22.70 4.61 39.89
C VAL C 495 23.70 5.33 40.80
N LEU C 496 24.80 5.79 40.20
CA LEU C 496 25.79 6.65 40.86
C LEU C 496 25.58 8.09 40.39
N GLU C 497 25.12 8.93 41.30
CA GLU C 497 24.87 10.32 40.94
C GLU C 497 26.14 11.16 41.05
N GLY C 498 26.20 12.20 40.23
CA GLY C 498 27.30 13.13 40.34
C GLY C 498 28.50 12.78 39.49
N ASN C 499 29.62 13.37 39.88
CA ASN C 499 30.87 13.24 39.14
C ASN C 499 31.86 12.40 39.94
N ASP C 500 32.93 12.01 39.26
CA ASP C 500 33.98 11.14 39.82
C ASP C 500 33.42 9.75 40.15
N VAL C 501 32.60 9.21 39.26
CA VAL C 501 31.97 7.90 39.44
C VAL C 501 32.40 6.97 38.32
N GLU C 502 32.37 5.67 38.61
CA GLU C 502 32.78 4.64 37.67
C GLU C 502 31.82 3.45 37.76
N GLY C 503 31.61 2.78 36.62
CA GLY C 503 30.60 1.74 36.58
C GLY C 503 30.31 1.30 35.15
N VAL C 504 29.03 0.99 34.90
CA VAL C 504 28.58 0.58 33.57
C VAL C 504 27.61 1.64 33.02
N LEU C 505 27.69 1.85 31.72
CA LEU C 505 26.91 2.90 31.06
C LEU C 505 25.49 2.42 30.77
N VAL C 506 24.51 3.26 31.10
CA VAL C 506 23.13 3.01 30.76
C VAL C 506 22.49 4.32 30.29
N ALA C 507 21.42 4.18 29.52
CA ALA C 507 20.63 5.30 29.07
C ALA C 507 19.26 5.20 29.73
N ARG C 508 18.73 6.36 30.16
CA ARG C 508 17.53 6.37 30.98
C ARG C 508 16.26 6.26 30.17
N ARG C 509 16.24 6.80 28.95
CA ARG C 509 15.03 6.94 28.16
C ARG C 509 15.34 6.63 26.71
N PRO C 510 14.36 6.19 25.94
CA PRO C 510 14.58 5.93 24.50
C PRO C 510 14.99 7.20 23.76
N TRP C 511 15.70 7.02 22.66
CA TRP C 511 16.07 8.09 21.75
C TRP C 511 15.63 7.68 20.35
N PRO C 512 15.47 8.65 19.44
CA PRO C 512 14.84 8.33 18.13
C PRO C 512 15.49 7.21 17.33
N SER C 513 16.82 7.12 17.31
CA SER C 513 17.45 6.16 16.41
C SER C 513 17.78 4.83 17.08
N ILE C 514 17.24 4.55 18.25
CA ILE C 514 17.54 3.30 18.93
C ILE C 514 17.00 2.14 18.10
N ALA C 515 17.75 1.04 18.09
CA ALA C 515 17.28 -0.16 17.42
C ALA C 515 15.98 -0.62 18.06
N ARG C 516 15.06 -1.09 17.21
CA ARG C 516 13.70 -1.42 17.62
C ARG C 516 13.57 -2.88 18.00
N THR C 517 14.41 -3.76 17.45
CA THR C 517 14.35 -5.19 17.78
C THR C 517 15.59 -5.86 17.24
N VAL C 518 15.67 -7.17 17.49
CA VAL C 518 16.59 -8.08 16.83
C VAL C 518 15.75 -8.99 15.96
N TYR C 519 16.13 -9.13 14.68
CA TYR C 519 15.21 -9.64 13.68
C TYR C 519 14.68 -11.03 14.02
N ARG C 520 13.36 -11.15 14.15
CA ARG C 520 12.65 -12.38 14.50
C ARG C 520 13.18 -13.02 15.78
N ASP C 521 13.73 -12.21 16.69
CA ASP C 521 14.27 -12.71 17.96
C ASP C 521 14.18 -11.61 19.02
N HIS C 522 12.95 -11.14 19.27
CA HIS C 522 12.74 -10.03 20.19
C HIS C 522 13.19 -10.38 21.60
N LYS C 523 13.07 -11.65 21.99
CA LYS C 523 13.49 -12.02 23.33
C LYS C 523 14.97 -11.74 23.54
N ARG C 524 15.80 -12.00 22.52
CA ARG C 524 17.23 -11.73 22.65
C ARG C 524 17.51 -10.24 22.77
N TYR C 525 16.71 -9.42 22.09
CA TYR C 525 16.82 -7.97 22.22
C TYR C 525 16.52 -7.53 23.64
N LEU C 526 15.44 -8.05 24.22
CA LEU C 526 15.08 -7.62 25.58
C LEU C 526 16.10 -8.14 26.59
N GLU C 527 16.48 -9.42 26.50
CA GLU C 527 17.39 -9.99 27.48
C GLU C 527 18.75 -9.31 27.44
N THR C 528 19.20 -8.94 26.25
CA THR C 528 20.55 -8.40 26.10
C THR C 528 20.63 -6.93 26.52
N TYR C 529 19.62 -6.13 26.19
CA TYR C 529 19.69 -4.68 26.38
C TYR C 529 18.77 -4.14 27.47
N MET C 530 17.67 -4.82 27.77
CA MET C 530 16.65 -4.22 28.60
C MET C 530 16.51 -4.84 29.97
N LYS C 531 16.80 -6.14 30.11
CA LYS C 531 16.65 -6.85 31.37
C LYS C 531 17.83 -6.75 32.33
N PRO C 532 19.08 -6.56 31.88
CA PRO C 532 20.19 -6.52 32.86
C PRO C 532 20.01 -5.45 33.93
N TYR C 533 19.55 -4.26 33.54
CA TYR C 533 19.24 -3.17 34.47
C TYR C 533 17.84 -2.65 34.12
N PRO C 534 16.80 -3.25 34.70
CA PRO C 534 15.43 -2.90 34.29
C PRO C 534 15.14 -1.43 34.48
N GLY C 535 14.62 -0.80 33.43
CA GLY C 535 14.38 0.62 33.37
C GLY C 535 15.40 1.40 32.57
N TYR C 536 16.52 0.78 32.19
CA TYR C 536 17.58 1.43 31.43
C TYR C 536 17.91 0.59 30.22
N PHE C 537 18.69 1.17 29.31
CA PHE C 537 19.30 0.45 28.20
C PHE C 537 20.76 0.18 28.56
N PHE C 538 21.19 -1.06 28.45
CA PHE C 538 22.54 -1.48 28.85
C PHE C 538 23.45 -1.57 27.63
N PHE C 539 24.38 -0.62 27.50
CA PHE C 539 25.30 -0.59 26.37
C PHE C 539 26.24 -1.79 26.35
N GLY C 540 26.60 -2.31 27.51
CA GLY C 540 27.64 -3.33 27.63
C GLY C 540 29.05 -2.79 27.77
N ASP C 541 29.22 -1.49 27.98
CA ASP C 541 30.53 -0.89 28.17
C ASP C 541 30.68 -0.40 29.61
N GLY C 542 31.91 -0.49 30.12
CA GLY C 542 32.26 0.18 31.35
C GLY C 542 32.56 1.65 31.06
N ALA C 543 32.18 2.50 32.02
CA ALA C 543 32.30 3.94 31.80
C ALA C 543 32.54 4.64 33.13
N ALA C 544 33.15 5.81 33.06
CA ALA C 544 33.39 6.65 34.23
C ALA C 544 33.19 8.10 33.84
N ARG C 545 32.68 8.90 34.80
CA ARG C 545 32.48 10.33 34.64
C ARG C 545 33.38 11.06 35.62
N ASP C 546 34.30 11.90 35.11
CA ASP C 546 35.34 12.49 35.96
C ASP C 546 34.83 13.71 36.71
N TYR C 547 35.76 14.32 37.49
CA TYR C 547 35.42 15.47 38.33
C TYR C 547 34.78 16.57 37.50
N ASP C 548 35.18 16.72 36.25
CA ASP C 548 34.64 17.74 35.35
C ASP C 548 33.37 17.30 34.67
N GLY C 549 32.83 16.13 34.97
CA GLY C 549 31.66 15.65 34.29
C GLY C 549 31.90 15.00 32.95
N TYR C 550 33.15 14.89 32.50
CA TYR C 550 33.45 14.19 31.26
C TYR C 550 33.23 12.68 31.39
N MET C 551 32.75 12.06 30.32
CA MET C 551 32.54 10.63 30.28
CA MET C 551 32.54 10.63 30.28
C MET C 551 33.73 9.95 29.61
N TRP C 552 34.18 8.85 30.21
CA TRP C 552 35.27 8.05 29.68
C TRP C 552 34.75 6.64 29.46
N ILE C 553 34.88 6.14 28.24
CA ILE C 553 34.53 4.76 27.91
C ILE C 553 35.73 3.85 28.21
N LYS C 554 35.53 2.88 29.09
CA LYS C 554 36.65 2.05 29.56
C LYS C 554 36.86 0.79 28.74
N GLY C 555 35.86 0.30 28.02
CA GLY C 555 35.97 -0.93 27.26
C GLY C 555 34.80 -1.85 27.50
N ARG C 556 34.79 -2.96 26.76
CA ARG C 556 33.69 -3.91 26.91
C ARG C 556 33.70 -4.52 28.30
N VAL C 557 32.51 -4.58 28.93
CA VAL C 557 32.38 -5.25 30.21
C VAL C 557 32.92 -6.68 30.13
N ASP C 558 32.68 -7.34 29.00
CA ASP C 558 33.17 -8.70 28.82
C ASP C 558 34.69 -8.76 28.81
N ASP C 559 35.38 -7.65 28.53
CA ASP C 559 36.83 -7.66 28.44
C ASP C 559 37.52 -7.31 29.76
N VAL C 560 36.77 -7.14 30.85
CA VAL C 560 37.35 -6.77 32.13
C VAL C 560 38.16 -7.92 32.69
N ILE C 561 39.30 -7.60 33.33
CA ILE C 561 40.18 -8.56 33.97
C ILE C 561 40.15 -8.28 35.47
N ASN C 562 39.83 -9.30 36.26
CA ASN C 562 39.68 -9.18 37.71
C ASN C 562 40.90 -9.83 38.36
N VAL C 563 41.87 -9.02 38.78
CA VAL C 563 43.10 -9.50 39.40
C VAL C 563 42.93 -9.34 40.90
N SER C 564 42.70 -10.46 41.60
CA SER C 564 42.61 -10.48 43.07
C SER C 564 41.71 -9.36 43.60
N GLY C 565 40.52 -9.22 42.97
CA GLY C 565 39.53 -8.26 43.40
C GLY C 565 39.58 -6.89 42.75
N HIS C 566 40.60 -6.59 41.96
CA HIS C 566 40.67 -5.31 41.25
C HIS C 566 40.15 -5.48 39.82
N ARG C 567 39.15 -4.69 39.46
CA ARG C 567 38.57 -4.73 38.12
C ARG C 567 39.39 -3.79 37.22
N LEU C 568 40.07 -4.37 36.24
CA LEU C 568 40.97 -3.67 35.35
C LEU C 568 40.37 -3.58 33.96
N SER C 569 40.29 -2.38 33.40
CA SER C 569 39.74 -2.23 32.05
C SER C 569 40.84 -2.24 30.99
N THR C 570 40.44 -2.54 29.75
CA THR C 570 41.43 -2.65 28.66
C THR C 570 41.97 -1.29 28.26
N ALA C 571 41.13 -0.26 28.21
CA ALA C 571 41.58 1.00 27.66
C ALA C 571 42.73 1.59 28.47
N GLU C 572 42.70 1.43 29.80
CA GLU C 572 43.77 2.04 30.60
C GLU C 572 45.09 1.27 30.48
N VAL C 573 45.04 -0.06 30.40
CA VAL C 573 46.27 -0.83 30.31
C VAL C 573 46.89 -0.67 28.93
N GLU C 574 46.07 -0.84 27.88
CA GLU C 574 46.55 -0.60 26.53
C GLU C 574 47.03 0.84 26.37
N SER C 575 46.38 1.80 27.03
CA SER C 575 46.88 3.16 26.94
C SER C 575 48.23 3.32 27.62
N ALA C 576 48.41 2.69 28.77
CA ALA C 576 49.69 2.76 29.49
C ALA C 576 50.80 2.11 28.69
N LEU C 577 50.52 0.98 28.04
CA LEU C 577 51.57 0.24 27.35
C LEU C 577 52.12 1.03 26.17
N ILE C 578 51.25 1.78 25.47
CA ILE C 578 51.68 2.48 24.27
C ILE C 578 52.50 3.73 24.59
N LEU C 579 52.57 4.13 25.85
CA LEU C 579 53.44 5.25 26.21
C LEU C 579 54.91 4.85 26.20
N HIS C 580 55.21 3.56 26.21
CA HIS C 580 56.58 3.11 26.07
C HIS C 580 57.07 3.36 24.66
N LYS C 581 58.33 3.78 24.52
CA LYS C 581 58.89 4.03 23.20
C LYS C 581 58.85 2.75 22.36
N GLY C 582 58.53 2.90 21.09
CA GLY C 582 58.50 1.79 20.16
C GLY C 582 57.22 0.98 20.12
N VAL C 583 56.37 1.07 21.12
CA VAL C 583 55.12 0.31 21.09
C VAL C 583 54.20 0.88 20.01
N ALA C 584 53.65 0.00 19.18
CA ALA C 584 52.68 0.37 18.14
C ALA C 584 51.24 0.14 18.57
N GLU C 585 50.91 -1.08 19.02
CA GLU C 585 49.55 -1.46 19.36
C GLU C 585 49.62 -2.55 20.43
N THR C 586 48.64 -2.57 21.34
CA THR C 586 48.62 -3.61 22.37
C THR C 586 47.21 -4.15 22.56
N ALA C 587 47.15 -5.32 23.20
CA ALA C 587 45.89 -5.92 23.58
C ALA C 587 46.11 -6.72 24.86
N VAL C 588 45.25 -6.49 25.86
CA VAL C 588 45.35 -7.19 27.14
C VAL C 588 44.10 -8.03 27.32
N VAL C 589 44.30 -9.26 27.76
CA VAL C 589 43.23 -10.21 27.97
C VAL C 589 43.49 -10.87 29.32
N GLY C 590 42.42 -11.34 29.94
CA GLY C 590 42.52 -12.03 31.21
C GLY C 590 42.46 -13.53 31.04
N CYS C 591 43.02 -14.22 32.02
CA CYS C 591 42.91 -15.67 32.03
C CYS C 591 42.89 -16.13 33.48
N ALA C 592 42.33 -17.33 33.67
CA ALA C 592 42.24 -17.89 35.02
C ALA C 592 43.62 -18.07 35.61
N ASP C 593 43.78 -17.66 36.87
CA ASP C 593 45.02 -17.85 37.60
C ASP C 593 44.66 -18.42 38.97
N ASP C 594 45.42 -19.43 39.40
CA ASP C 594 45.18 -20.05 40.70
C ASP C 594 45.44 -19.06 41.83
N LEU C 595 46.48 -18.25 41.70
CA LEU C 595 46.82 -17.29 42.75
C LEU C 595 45.87 -16.08 42.75
N THR C 596 45.59 -15.49 41.59
CA THR C 596 44.99 -14.16 41.51
C THR C 596 43.56 -14.14 40.97
N GLY C 597 42.93 -15.30 40.79
CA GLY C 597 41.59 -15.33 40.22
C GLY C 597 41.65 -15.18 38.72
N GLN C 598 42.15 -14.04 38.25
CA GLN C 598 42.49 -13.84 36.85
C GLN C 598 43.86 -13.17 36.78
N ALA C 599 44.63 -13.49 35.74
CA ALA C 599 45.91 -12.88 35.48
C ALA C 599 45.84 -12.11 34.16
N VAL C 600 46.73 -11.13 34.02
CA VAL C 600 46.77 -10.24 32.86
C VAL C 600 47.81 -10.73 31.86
N TYR C 601 47.38 -10.91 30.61
CA TYR C 601 48.25 -11.28 29.51
C TYR C 601 48.20 -10.20 28.44
N ALA C 602 49.37 -9.72 28.03
CA ALA C 602 49.45 -8.59 27.10
C ALA C 602 50.09 -9.05 25.81
N PHE C 603 49.47 -8.67 24.69
CA PHE C 603 50.01 -8.88 23.35
C PHE C 603 50.46 -7.53 22.79
N VAL C 604 51.73 -7.43 22.43
CA VAL C 604 52.33 -6.17 22.01
C VAL C 604 52.89 -6.30 20.60
N THR C 605 52.66 -5.30 19.78
CA THR C 605 53.32 -5.19 18.49
C THR C 605 54.18 -3.94 18.50
N MET C 606 55.35 -4.01 17.87
CA MET C 606 56.26 -2.87 17.92
C MET C 606 56.35 -2.20 16.55
N LYS C 607 56.82 -0.96 16.56
CA LYS C 607 57.12 -0.26 15.33
C LYS C 607 58.21 -1.03 14.59
N PRO C 608 58.23 -0.99 13.27
CA PRO C 608 59.25 -1.75 12.53
C PRO C 608 60.67 -1.26 12.81
N GLU C 609 60.83 -0.05 13.35
CA GLU C 609 62.15 0.48 13.64
C GLU C 609 62.80 -0.17 14.86
N PHE C 610 62.14 -1.12 15.51
CA PHE C 610 62.63 -1.71 16.74
C PHE C 610 63.36 -3.03 16.44
N ASP C 611 64.56 -3.19 17.02
CA ASP C 611 65.42 -4.34 16.80
C ASP C 611 65.24 -5.34 17.95
N LEU C 612 64.40 -6.35 17.73
CA LEU C 612 64.19 -7.42 18.70
C LEU C 612 65.31 -8.46 18.69
N LYS C 613 66.29 -8.38 17.77
CA LYS C 613 67.43 -9.29 17.82
C LYS C 613 68.51 -8.80 18.78
N ALA C 614 68.84 -7.51 18.71
CA ALA C 614 69.86 -6.97 19.60
C ALA C 614 69.31 -6.78 21.01
N THR C 615 68.05 -6.37 21.11
CA THR C 615 67.40 -6.23 22.40
C THR C 615 66.88 -7.57 22.88
N LYS C 616 67.20 -7.92 24.12
CA LYS C 616 66.62 -9.11 24.72
C LYS C 616 65.11 -8.90 24.90
N GLU C 617 64.30 -9.86 24.41
CA GLU C 617 62.86 -9.75 24.57
C GLU C 617 62.45 -9.83 26.03
N ALA C 618 63.18 -10.61 26.83
CA ALA C 618 62.90 -10.67 28.25
C ALA C 618 63.11 -9.32 28.92
N ASP C 619 64.07 -8.53 28.43
CA ASP C 619 64.33 -7.21 29.01
C ASP C 619 63.25 -6.21 28.60
N LEU C 620 62.78 -6.27 27.36
CA LEU C 620 61.69 -5.41 26.94
C LEU C 620 60.40 -5.71 27.72
N SER C 621 60.16 -7.00 28.01
CA SER C 621 58.93 -7.37 28.70
C SER C 621 58.87 -6.80 30.12
N LYS C 622 60.02 -6.75 30.80
CA LYS C 622 60.06 -6.20 32.16
C LYS C 622 59.80 -4.71 32.16
N GLU C 623 60.36 -3.99 31.18
CA GLU C 623 60.17 -2.54 31.11
C GLU C 623 58.72 -2.19 30.83
N LEU C 624 58.02 -3.02 30.06
CA LEU C 624 56.61 -2.77 29.81
C LEU C 624 55.78 -3.02 31.07
N ALA C 625 56.13 -4.05 31.84
CA ALA C 625 55.39 -4.33 33.06
C ALA C 625 55.60 -3.23 34.09
N ILE C 626 56.83 -2.70 34.16
CA ILE C 626 57.09 -1.58 35.08
C ILE C 626 56.28 -0.36 34.65
N GLN C 627 56.19 -0.13 33.35
CA GLN C 627 55.41 1.02 32.86
C GLN C 627 53.95 0.92 33.29
N VAL C 628 53.37 -0.27 33.21
CA VAL C 628 52.00 -0.47 33.68
C VAL C 628 51.91 -0.33 35.19
N ARG C 629 52.86 -0.95 35.93
CA ARG C 629 52.80 -0.91 37.38
C ARG C 629 52.92 0.52 37.90
N LYS C 630 53.73 1.34 37.23
CA LYS C 630 53.90 2.72 37.65
C LYS C 630 52.66 3.54 37.30
N VAL C 631 52.21 3.47 36.05
CA VAL C 631 51.10 4.31 35.61
C VAL C 631 49.79 3.89 36.25
N ILE C 632 49.55 2.58 36.37
CA ILE C 632 48.23 2.13 36.80
C ILE C 632 48.28 1.61 38.24
N GLY C 633 48.83 0.42 38.43
CA GLY C 633 48.97 -0.12 39.76
C GLY C 633 49.80 -1.38 39.78
N PRO C 634 50.23 -1.79 40.97
CA PRO C 634 50.89 -3.10 41.09
C PRO C 634 50.07 -4.26 40.55
N PHE C 635 48.74 -4.19 40.64
CA PHE C 635 47.90 -5.31 40.25
C PHE C 635 47.81 -5.43 38.73
N ALA C 636 48.12 -4.36 38.02
CA ALA C 636 47.91 -4.31 36.58
C ALA C 636 49.08 -4.88 35.81
N ALA C 637 50.19 -5.24 36.47
CA ALA C 637 51.34 -5.75 35.74
C ALA C 637 50.98 -7.07 35.06
N PRO C 638 51.32 -7.25 33.79
CA PRO C 638 50.96 -8.52 33.11
C PRO C 638 51.86 -9.67 33.53
N LYS C 639 51.25 -10.81 33.84
CA LYS C 639 52.02 -11.98 34.22
C LYS C 639 52.89 -12.47 33.08
N LYS C 640 52.42 -12.31 31.84
CA LYS C 640 53.21 -12.65 30.68
C LYS C 640 52.90 -11.64 29.59
N ILE C 641 53.87 -11.45 28.69
CA ILE C 641 53.77 -10.51 27.58
C ILE C 641 54.28 -11.21 26.32
N TYR C 642 53.46 -11.24 25.27
CA TYR C 642 53.79 -11.91 24.03
C TYR C 642 54.07 -10.85 22.97
N LEU C 643 55.26 -10.90 22.38
CA LEU C 643 55.63 -9.97 21.31
C LEU C 643 55.27 -10.58 19.95
N VAL C 644 54.30 -9.96 19.26
CA VAL C 644 53.78 -10.48 18.00
C VAL C 644 53.80 -9.38 16.95
N SER C 645 53.81 -9.82 15.69
CA SER C 645 53.96 -8.89 14.56
C SER C 645 52.70 -8.07 14.31
N ASP C 646 51.53 -8.63 14.56
CA ASP C 646 50.28 -7.87 14.41
C ASP C 646 49.24 -8.51 15.31
N LEU C 647 48.11 -7.84 15.42
CA LEU C 647 46.96 -8.32 16.17
C LEU C 647 45.78 -8.60 15.24
N PRO C 648 44.86 -9.48 15.65
CA PRO C 648 43.63 -9.66 14.86
C PRO C 648 42.70 -8.47 15.03
N LYS C 649 42.38 -7.80 13.91
CA LYS C 649 41.51 -6.64 13.88
C LYS C 649 40.41 -6.86 12.86
N THR C 650 39.23 -6.29 13.13
CA THR C 650 38.11 -6.36 12.19
C THR C 650 37.99 -5.04 11.43
N ARG C 651 37.04 -5.01 10.50
CA ARG C 651 36.65 -3.77 9.82
C ARG C 651 35.51 -3.07 10.55
N SER C 652 35.29 -3.40 11.82
CA SER C 652 34.39 -2.69 12.72
C SER C 652 35.16 -1.94 13.80
N GLY C 653 36.40 -1.57 13.51
CA GLY C 653 37.21 -0.76 14.39
C GLY C 653 37.62 -1.38 15.72
N LYS C 654 37.73 -2.70 15.80
CA LYS C 654 38.01 -3.35 17.07
C LYS C 654 39.13 -4.38 16.91
N ILE C 655 39.77 -4.70 18.02
CA ILE C 655 40.73 -5.78 18.11
C ILE C 655 40.01 -7.00 18.64
N MET C 656 40.24 -8.16 18.00
CA MET C 656 39.50 -9.38 18.30
C MET C 656 40.06 -10.02 19.57
N ARG C 657 39.78 -9.36 20.69
CA ARG C 657 40.34 -9.79 21.98
C ARG C 657 39.82 -11.15 22.40
N ARG C 658 38.55 -11.44 22.13
CA ARG C 658 38.00 -12.75 22.50
C ARG C 658 38.86 -13.87 21.91
N VAL C 659 39.35 -13.68 20.68
CA VAL C 659 40.23 -14.68 20.09
C VAL C 659 41.50 -14.82 20.91
N LEU C 660 42.10 -13.70 21.31
CA LEU C 660 43.33 -13.78 22.09
C LEU C 660 43.09 -14.43 23.44
N ARG C 661 41.92 -14.16 24.03
CA ARG C 661 41.56 -14.76 25.32
C ARG C 661 41.47 -16.28 25.22
N LYS C 662 40.86 -16.79 24.15
CA LYS C 662 40.72 -18.23 23.97
C LYS C 662 42.07 -18.90 23.74
N ILE C 663 42.98 -18.23 23.04
CA ILE C 663 44.30 -18.80 22.78
C ILE C 663 45.10 -18.90 24.08
N VAL C 664 45.02 -17.88 24.94
CA VAL C 664 45.68 -17.95 26.24
C VAL C 664 45.08 -19.05 27.10
N ALA C 665 43.78 -19.28 26.99
CA ALA C 665 43.07 -20.28 27.76
C ALA C 665 43.36 -21.69 27.27
N GLY C 666 44.19 -21.83 26.25
CA GLY C 666 44.48 -23.13 25.68
C GLY C 666 43.40 -23.65 24.76
N GLU C 667 42.38 -22.82 24.48
CA GLU C 667 41.24 -23.18 23.66
C GLU C 667 41.45 -22.85 22.20
N GLY C 668 42.70 -22.76 21.75
CA GLY C 668 42.98 -22.42 20.36
C GLY C 668 42.40 -23.44 19.40
N ASP C 669 42.20 -24.68 19.85
CA ASP C 669 41.67 -25.72 18.98
C ASP C 669 40.29 -25.39 18.44
N GLN C 670 39.47 -24.64 19.18
CA GLN C 670 38.09 -24.35 18.81
C GLN C 670 37.89 -22.83 18.79
N LEU C 671 38.46 -22.18 17.78
CA LEU C 671 38.35 -20.72 17.66
C LEU C 671 37.18 -20.26 16.81
N GLY C 672 36.64 -21.12 15.95
CA GLY C 672 35.52 -20.71 15.13
C GLY C 672 35.91 -20.04 13.82
N ASP C 673 35.07 -19.12 13.37
CA ASP C 673 35.23 -18.48 12.07
C ASP C 673 35.99 -17.17 12.25
N LEU C 674 37.16 -17.08 11.62
CA LEU C 674 37.99 -15.89 11.67
C LEU C 674 37.79 -14.99 10.46
N SER C 675 36.65 -15.15 9.77
CA SER C 675 36.39 -14.43 8.53
C SER C 675 36.38 -12.92 8.71
N SER C 676 36.06 -12.44 9.92
CA SER C 676 35.94 -11.01 10.16
C SER C 676 37.30 -10.32 10.29
N ILE C 677 38.35 -11.06 10.65
CA ILE C 677 39.66 -10.45 10.81
C ILE C 677 40.23 -10.13 9.44
N ALA C 678 40.90 -8.97 9.33
CA ALA C 678 41.34 -8.49 8.03
C ALA C 678 42.36 -9.43 7.39
N ASP C 679 43.42 -9.78 8.12
CA ASP C 679 44.44 -10.72 7.66
C ASP C 679 44.40 -11.93 8.58
N PRO C 680 43.63 -12.97 8.22
CA PRO C 680 43.40 -14.09 9.16
C PRO C 680 44.66 -14.85 9.54
N GLN C 681 45.74 -14.81 8.74
CA GLN C 681 46.94 -15.56 9.08
C GLN C 681 47.59 -15.10 10.39
N ILE C 682 47.14 -13.98 10.95
CA ILE C 682 47.68 -13.48 12.22
C ILE C 682 47.34 -14.42 13.37
N VAL C 683 46.18 -15.07 13.32
CA VAL C 683 45.82 -15.96 14.44
C VAL C 683 46.73 -17.18 14.51
N GLU C 684 47.20 -17.68 13.36
CA GLU C 684 48.10 -18.82 13.42
C GLU C 684 49.46 -18.45 14.03
N GLU C 685 49.93 -17.22 13.79
CA GLU C 685 51.19 -16.82 14.41
C GLU C 685 51.03 -16.62 15.91
N VAL C 686 49.93 -15.99 16.33
CA VAL C 686 49.67 -15.78 17.74
C VAL C 686 49.55 -17.11 18.47
N LYS C 687 48.90 -18.09 17.85
CA LYS C 687 48.83 -19.41 18.46
C LYS C 687 50.23 -19.97 18.66
N GLN C 688 51.11 -19.79 17.66
CA GLN C 688 52.49 -20.29 17.75
C GLN C 688 53.27 -19.58 18.86
N LYS C 689 53.13 -18.25 18.97
CA LYS C 689 53.93 -17.53 19.96
C LYS C 689 53.48 -17.86 21.37
N VAL C 690 52.18 -18.06 21.59
CA VAL C 690 51.72 -18.42 22.92
C VAL C 690 52.13 -19.84 23.26
N THR C 691 52.18 -20.72 22.26
CA THR C 691 52.56 -22.12 22.46
C THR C 691 54.05 -22.37 22.19
C01 7RM D . -28.44 -8.30 17.50
C02 7RM D . -28.81 -9.64 16.92
C09 7RM D . -31.12 -10.39 14.58
C10 7RM D . -32.56 -10.84 14.82
C11 7RM D . -33.60 -9.76 14.51
C12 7RM D . -34.71 -10.09 15.47
C13 7RM D . -34.01 -10.66 16.67
C16 7RM D . -32.60 -9.06 18.00
C18 7RM D . -34.09 -8.02 19.17
C19 7RM D . -34.73 -8.96 18.37
C21 7RM D . -36.79 -8.29 19.24
C23 7RM D . -34.85 -7.22 20.03
N04 7RM D . -28.38 -9.85 15.66
N15 7RM D . -33.79 -9.58 17.66
N17 7RM D . -32.77 -8.11 18.94
N20 7RM D . -36.07 -9.08 18.42
N22 7RM D . -36.19 -7.38 20.04
N24 7RM D . -34.25 -6.30 20.84
O03 7RM D . -29.48 -10.49 17.55
O06 7RM D . -28.34 -11.19 13.59
O07 7RM D . -28.16 -12.31 15.71
O08 7RM D . -30.29 -11.44 15.05
O14 7RM D . -32.73 -11.14 16.22
O25 7RM D . -35.47 -11.15 14.90
O26 7RM D . -34.05 -9.82 13.15
S05 7RM D . -28.76 -11.24 14.97
P PO4 E . -44.08 4.22 36.64
O1 PO4 E . -43.76 3.34 37.82
O2 PO4 E . -45.41 4.90 36.85
O3 PO4 E . -42.97 5.23 36.46
O4 PO4 E . -44.19 3.35 35.40
C1 EDO F . -4.11 9.96 12.55
O1 EDO F . -5.33 10.65 12.79
C2 EDO F . -3.24 10.86 11.71
O2 EDO F . -2.86 11.95 12.55
C01 7RM G . -2.12 8.45 -33.12
C02 7RM G . -1.47 7.34 -33.87
C09 7RM G . 1.87 7.17 -35.10
C10 7RM G . 2.29 7.48 -36.52
C11 7RM G . 3.09 8.76 -36.62
C12 7RM G . 2.73 9.26 -38.01
C13 7RM G . 1.32 8.74 -38.24
C16 7RM G . -0.59 9.80 -36.97
C18 7RM G . -0.99 11.57 -38.14
C19 7RM G . 0.06 10.87 -38.72
C21 7RM G . 0.21 12.50 -40.39
C23 7RM G . -1.42 12.76 -38.73
N04 7RM G . -0.47 6.73 -33.24
N15 7RM G . 0.28 9.79 -37.98
N17 7RM G . -1.38 10.89 -37.06
N20 7RM G . 0.64 11.37 -39.85
N22 7RM G . -0.80 13.20 -39.85
N24 7RM G . -2.44 13.46 -38.20
O03 7RM G . -1.82 7.02 -35.00
O06 7RM G . 1.25 5.01 -32.99
O07 7RM G . -0.61 4.49 -34.37
O08 7RM G . 1.01 6.03 -35.18
O14 7RM G . 1.13 7.63 -37.35
O25 7RM G . 3.59 8.61 -38.93
O26 7RM G . 4.50 8.54 -36.50
S05 7RM G . 0.30 5.52 -33.93
C1 EDO H . -10.82 13.49 -2.69
O1 EDO H . -9.65 13.50 -1.88
C2 EDO H . -10.42 13.50 -4.15
O2 EDO H . -9.35 14.44 -4.34
C1 EDO I . -24.55 9.88 -5.22
O1 EDO I . -24.79 9.69 -6.62
C2 EDO I . -25.60 9.11 -4.43
O2 EDO I . -25.85 7.86 -5.07
C1 EDO J . -12.52 27.15 -18.46
O1 EDO J . -11.20 27.11 -19.01
C2 EDO J . -13.33 28.10 -19.32
O2 EDO J . -12.79 28.02 -20.65
C1 EDO K . -29.95 5.87 -19.40
O1 EDO K . -29.31 4.63 -19.09
C2 EDO K . -29.37 7.02 -18.57
O2 EDO K . -28.07 7.41 -19.03
C01 7RM L . 30.19 2.32 16.11
C02 7RM L . 30.49 0.90 16.49
C09 7RM L . 30.00 -0.97 19.52
C10 7RM L . 31.09 -1.08 20.59
C11 7RM L . 30.81 -0.21 21.81
C12 7RM L . 32.19 0.05 22.35
C13 7RM L . 32.98 0.18 21.08
C16 7RM L . 32.58 2.22 19.64
C18 7RM L . 33.76 3.69 20.72
C19 7RM L . 33.84 2.48 21.38
C21 7RM L . 35.25 3.42 22.99
C23 7RM L . 34.48 4.77 21.25
N04 7RM L . 29.44 0.11 16.67
N15 7RM L . 33.11 1.60 20.70
N17 7RM L . 32.98 3.50 19.64
N20 7RM L . 34.60 2.36 22.51
N22 7RM L . 35.21 4.60 22.37
N24 7RM L . 34.44 5.99 20.66
O03 7RM L . 31.63 0.48 16.63
O06 7RM L . 28.42 -2.08 17.18
O07 7RM L . 30.50 -2.03 15.95
O08 7RM L . 30.51 -1.53 18.32
O14 7RM L . 32.35 -0.60 20.07
O25 7RM L . 32.71 -1.13 22.96
O26 7RM L . 30.10 -0.92 22.79
S05 7RM L . 29.71 -1.43 17.01
P PO4 M . 24.98 28.42 19.59
O1 PO4 M . 25.69 27.36 20.39
O2 PO4 M . 25.30 29.77 20.17
O3 PO4 M . 25.43 28.37 18.14
O4 PO4 M . 23.49 28.15 19.67
P PO4 N . 21.48 26.27 12.16
O1 PO4 N . 21.35 25.29 13.30
O2 PO4 N . 22.94 26.61 11.92
O3 PO4 N . 20.75 27.54 12.52
O4 PO4 N . 20.88 25.69 10.89
C1 EDO O . 39.55 5.19 33.76
O1 EDO O . 38.70 6.34 33.89
C2 EDO O . 39.50 4.69 32.32
O2 EDO O . 39.61 5.82 31.45
C1 EDO P . 10.87 -4.00 13.67
O1 EDO P . 10.83 -2.62 13.26
C2 EDO P . 10.55 -4.95 12.49
O2 EDO P . 11.54 -5.99 12.32
#